data_6MVH
#
_entry.id   6MVH
#
_cell.length_a   94.417
_cell.length_b   137.407
_cell.length_c   108.833
_cell.angle_alpha   90.00
_cell.angle_beta   91.88
_cell.angle_gamma   90.00
#
_symmetry.space_group_name_H-M   'P 1 21 1'
#
loop_
_entity.id
_entity.type
_entity.pdbx_description
1 polymer Beta-galactosidase
2 non-polymer 'CALCIUM ION'
3 non-polymer 'FLAVIN MONONUCLEOTIDE'
4 water water
#
_entity_poly.entity_id   1
_entity_poly.type   'polypeptide(L)'
_entity_poly.pdbx_seq_one_letter_code
;HHHHHHSSGVDLGTENLYFQSNAMREVINFNTKWAFTKEATEVPKEMPEKWYWVTLPHSWNEIDGQDGGNDYYRGTCYYA
KQLKKSELPEADCYYLELRGANASADVYVNGKAVAHHDGGYSTWRVDITKELTEEENLIVIAVENGVNDRVYPQNADFTF
YGGLYRDVNIIAVNKSHFDLDYYGGPGIKVTPEIKGADASVEVEVFLTNAAADQKLVYTVKDAEGKEVAKTETAAGETKA
VLSIPAVHLWNGKKDPYLYTAEVALVSGEEAVDAVSTRFGCRTFEIDPERGFILNGEEYPLRGVSRHQDRWGIGNALLPE
HHREDIDLICELGATTIRLAHYQHDQYFYDLCDERGLVIWAEIPYISSHMPNGRENTISQMKELVVQNYNHPSIVVWGLS
NEITMAGSSDEDLLENHRILNDMVHEMDHTRLTTIAVVSMCDIHDPYIQIPDVISYNHYFGWYGGDVSMNGPWMDNFHKE
FPNIPLGMSEYGCEALNWHTSDPKQGDYTEEYQAYYHEEMIKQLFTRKYIWATHVWNMFDFGADARNEGGENGQNHKGLV
TFDRKYKKDSFYAYKAWLSDEPFVHLCGKRYVDRVEDTTKVTVYSNLPEVELFVNGKSAGKLQAEDHFFHFEVPNVGEST
LVAVAGEYKDESHIRKVDTFNEEYSLKESGAILNWFDITEPEGYYSLNDRLSDIMKSEEGKALFMGLMSKVAAGMSQGNE
KNDGNPAAGAMANPKMLEMLGGFTVIRMINLMGAAGPKVEWKKEDLLGLNAQLNKIKRVD
;
_entity_poly.pdbx_strand_id   A,B,C,D
#
loop_
_chem_comp.id
_chem_comp.type
_chem_comp.name
_chem_comp.formula
CA non-polymer 'CALCIUM ION' 'Ca 2'
FMN non-polymer 'FLAVIN MONONUCLEOTIDE' 'C17 H21 N4 O9 P'
#
# COMPACT_ATOMS: atom_id res chain seq x y z
N ARG A 25 -26.67 -21.85 2.77
CA ARG A 25 -25.28 -21.35 2.83
C ARG A 25 -25.02 -20.46 1.64
N GLU A 26 -24.59 -19.24 1.92
CA GLU A 26 -24.29 -18.29 0.87
C GLU A 26 -22.83 -17.87 0.96
N VAL A 27 -22.21 -17.68 -0.20
CA VAL A 27 -20.84 -17.20 -0.32
C VAL A 27 -20.90 -15.79 -0.90
N ILE A 28 -20.47 -14.79 -0.12
CA ILE A 28 -20.39 -13.42 -0.58
C ILE A 28 -18.96 -13.11 -1.00
N ASN A 29 -18.79 -12.71 -2.26
CA ASN A 29 -17.49 -12.18 -2.66
C ASN A 29 -17.15 -10.90 -1.89
N PHE A 30 -15.90 -10.81 -1.43
CA PHE A 30 -15.50 -9.69 -0.59
C PHE A 30 -14.20 -9.04 -1.09
N ASN A 31 -13.98 -9.01 -2.41
CA ASN A 31 -12.72 -8.55 -3.00
C ASN A 31 -12.70 -7.07 -3.37
N THR A 32 -13.85 -6.41 -3.45
CA THR A 32 -13.94 -5.14 -4.12
C THR A 32 -13.39 -4.01 -3.25
N LYS A 33 -12.40 -3.27 -3.78
CA LYS A 33 -12.03 -1.96 -3.24
C LYS A 33 -11.65 -2.03 -1.77
N TRP A 34 -10.48 -2.55 -1.45
CA TRP A 34 -9.95 -2.37 -0.11
C TRP A 34 -9.07 -1.12 -0.12
N ALA A 35 -8.95 -0.50 1.04
CA ALA A 35 -7.93 0.50 1.26
C ALA A 35 -6.64 -0.23 1.60
N PHE A 36 -5.56 0.12 0.93
CA PHE A 36 -4.29 -0.54 1.13
C PHE A 36 -3.21 0.46 1.49
N THR A 37 -2.28 0.04 2.33
CA THR A 37 -1.10 0.87 2.53
C THR A 37 0.07 0.01 2.99
N LYS A 38 1.27 0.57 2.84
CA LYS A 38 2.48 -0.04 3.34
C LYS A 38 3.03 0.65 4.57
N GLU A 39 2.62 1.88 4.83
CA GLU A 39 3.28 2.74 5.80
C GLU A 39 2.27 3.24 6.82
N ALA A 40 1.49 2.31 7.34
CA ALA A 40 0.46 2.65 8.31
C ALA A 40 0.99 2.45 9.72
N THR A 41 0.67 3.38 10.60
CA THR A 41 1.15 3.32 11.99
C THR A 41 0.44 2.19 12.79
N GLU A 42 -0.86 2.31 12.94
CA GLU A 42 -1.62 1.41 13.82
C GLU A 42 -2.87 0.92 13.11
N VAL A 43 -3.54 -0.03 13.70
CA VAL A 43 -4.81 -0.46 13.10
C VAL A 43 -5.72 0.75 13.07
N PRO A 44 -6.24 1.15 11.92
CA PRO A 44 -7.08 2.36 11.87
C PRO A 44 -8.43 2.12 12.51
N LYS A 45 -8.97 3.18 13.10
CA LYS A 45 -10.26 3.06 13.76
C LYS A 45 -11.41 3.55 12.91
N GLU A 46 -11.10 4.38 11.92
CA GLU A 46 -12.05 4.79 10.92
C GLU A 46 -11.54 4.37 9.56
N MET A 47 -12.47 4.15 8.65
CA MET A 47 -12.14 3.84 7.27
C MET A 47 -11.14 4.87 6.74
N PRO A 48 -9.93 4.47 6.38
CA PRO A 48 -8.97 5.43 5.80
C PRO A 48 -9.54 6.11 4.57
N GLU A 49 -9.07 7.33 4.31
CA GLU A 49 -9.51 8.10 3.16
C GLU A 49 -8.39 8.43 2.19
N LYS A 50 -7.13 8.29 2.59
CA LYS A 50 -6.01 8.54 1.69
C LYS A 50 -5.21 7.30 1.36
N TRP A 51 -5.73 6.10 1.62
CA TRP A 51 -4.99 4.91 1.24
C TRP A 51 -5.24 4.60 -0.23
N TYR A 52 -4.49 3.62 -0.74
CA TYR A 52 -4.57 3.23 -2.14
C TYR A 52 -5.64 2.15 -2.28
N TRP A 53 -6.48 2.30 -3.30
CA TRP A 53 -7.58 1.37 -3.52
C TRP A 53 -7.08 0.22 -4.37
N VAL A 54 -7.27 -1.00 -3.87
CA VAL A 54 -7.03 -2.22 -4.63
C VAL A 54 -8.29 -3.07 -4.59
N THR A 55 -8.51 -3.83 -5.64
CA THR A 55 -9.52 -4.88 -5.67
C THR A 55 -8.79 -6.21 -5.70
N LEU A 56 -9.06 -7.06 -4.72
CA LEU A 56 -8.38 -8.34 -4.65
C LEU A 56 -8.78 -9.18 -5.86
N PRO A 57 -7.89 -10.09 -6.32
CA PRO A 57 -6.53 -10.40 -5.85
C PRO A 57 -5.54 -9.26 -6.00
N HIS A 58 -4.66 -9.16 -5.01
CA HIS A 58 -3.69 -8.08 -4.97
C HIS A 58 -2.40 -8.61 -4.36
N SER A 59 -1.28 -8.24 -4.96
CA SER A 59 0.02 -8.33 -4.31
C SER A 59 0.74 -7.00 -4.47
N TRP A 60 1.32 -6.49 -3.38
CA TRP A 60 2.09 -5.26 -3.48
C TRP A 60 3.49 -5.46 -4.05
N ASN A 61 3.89 -6.68 -4.41
CA ASN A 61 5.19 -6.93 -5.00
C ASN A 61 5.11 -7.18 -6.51
N GLU A 62 3.98 -6.83 -7.14
CA GLU A 62 3.74 -7.09 -8.55
C GLU A 62 4.79 -6.43 -9.46
N ILE A 63 5.41 -5.33 -9.03
CA ILE A 63 6.45 -4.68 -9.80
C ILE A 63 7.82 -4.88 -9.16
N ASP A 64 7.95 -4.60 -7.85
CA ASP A 64 9.27 -4.63 -7.23
C ASP A 64 9.76 -6.03 -6.94
N GLY A 65 8.92 -7.03 -7.13
CA GLY A 65 9.43 -8.39 -6.96
C GLY A 65 9.59 -9.16 -8.25
N GLN A 66 9.62 -8.45 -9.39
CA GLN A 66 9.80 -9.09 -10.69
C GLN A 66 10.87 -8.42 -11.53
N ASP A 67 11.77 -7.64 -10.92
CA ASP A 67 12.64 -6.73 -11.68
C ASP A 67 14.09 -6.70 -11.19
N GLY A 68 14.46 -7.49 -10.19
CA GLY A 68 15.86 -7.63 -9.80
C GLY A 68 16.17 -6.88 -8.50
N GLY A 69 17.39 -7.12 -8.01
CA GLY A 69 17.88 -6.42 -6.85
C GLY A 69 17.62 -7.10 -5.52
N ASN A 70 16.78 -8.13 -5.49
CA ASN A 70 16.35 -8.79 -4.25
C ASN A 70 15.91 -7.76 -3.22
N ASP A 71 15.10 -6.81 -3.66
CA ASP A 71 14.73 -5.66 -2.85
C ASP A 71 13.22 -5.45 -2.82
N TYR A 72 12.43 -6.45 -3.14
CA TYR A 72 10.98 -6.23 -3.09
C TYR A 72 10.54 -5.98 -1.65
N TYR A 73 9.57 -5.09 -1.51
CA TYR A 73 9.17 -4.68 -0.17
C TYR A 73 8.66 -5.88 0.63
N ARG A 74 9.29 -6.12 1.77
CA ARG A 74 8.88 -7.17 2.70
C ARG A 74 8.59 -6.49 4.02
N GLY A 75 7.38 -6.69 4.53
CA GLY A 75 6.94 -6.02 5.73
C GLY A 75 5.45 -6.18 5.91
N THR A 76 4.92 -5.47 6.91
CA THR A 76 3.51 -5.50 7.26
C THR A 76 2.76 -4.41 6.51
N CYS A 77 1.69 -4.79 5.82
CA CYS A 77 0.85 -3.84 5.11
C CYS A 77 -0.58 -4.05 5.57
N TYR A 78 -1.41 -3.03 5.42
CA TYR A 78 -2.78 -3.13 5.91
C TYR A 78 -3.79 -3.08 4.77
N TYR A 79 -4.81 -3.93 4.87
CA TYR A 79 -6.01 -3.81 4.04
C TYR A 79 -7.21 -3.47 4.94
N ALA A 80 -8.01 -2.47 4.53
CA ALA A 80 -9.17 -2.07 5.31
C ALA A 80 -10.41 -1.96 4.43
N LYS A 81 -11.53 -2.48 4.93
CA LYS A 81 -12.79 -2.48 4.21
C LYS A 81 -13.91 -2.56 5.23
N GLN A 82 -15.02 -1.90 4.92
CA GLN A 82 -16.19 -1.90 5.77
C GLN A 82 -17.15 -3.01 5.40
N LEU A 83 -17.67 -3.69 6.41
CA LEU A 83 -18.71 -4.70 6.24
C LEU A 83 -20.00 -4.14 6.79
N LYS A 84 -21.01 -4.04 5.95
CA LYS A 84 -22.30 -3.48 6.30
C LYS A 84 -23.32 -4.59 6.41
N LYS A 85 -23.99 -4.69 7.56
CA LYS A 85 -24.98 -5.75 7.74
C LYS A 85 -26.13 -5.61 6.74
N SER A 86 -26.46 -4.38 6.35
CA SER A 86 -27.55 -4.16 5.40
C SER A 86 -27.34 -4.87 4.08
N GLU A 87 -26.11 -5.25 3.77
CA GLU A 87 -25.82 -5.99 2.55
C GLU A 87 -25.73 -7.49 2.78
N LEU A 88 -25.47 -7.94 4.00
CA LEU A 88 -25.37 -9.36 4.24
C LEU A 88 -26.76 -10.01 4.24
N PRO A 89 -26.90 -11.21 3.70
CA PRO A 89 -28.12 -11.99 3.94
C PRO A 89 -28.24 -12.34 5.40
N GLU A 90 -29.48 -12.53 5.84
CA GLU A 90 -29.74 -12.90 7.23
C GLU A 90 -29.23 -14.33 7.47
N ALA A 91 -28.49 -14.53 8.54
CA ALA A 91 -27.82 -15.79 8.77
C ALA A 91 -27.39 -15.84 10.23
N ASP A 92 -27.16 -17.06 10.72
CA ASP A 92 -26.76 -17.19 12.11
C ASP A 92 -25.30 -16.85 12.31
N CYS A 93 -24.42 -17.26 11.40
CA CYS A 93 -23.00 -16.99 11.56
C CYS A 93 -22.43 -16.43 10.26
N TYR A 94 -21.41 -15.59 10.42
CA TYR A 94 -20.65 -15.05 9.31
C TYR A 94 -19.19 -15.38 9.51
N TYR A 95 -18.57 -15.95 8.49
CA TYR A 95 -17.16 -16.34 8.51
C TYR A 95 -16.39 -15.50 7.50
N LEU A 96 -15.24 -15.01 7.90
CA LEU A 96 -14.31 -14.44 6.95
C LEU A 96 -13.41 -15.57 6.43
N GLU A 97 -13.40 -15.75 5.11
CA GLU A 97 -12.61 -16.78 4.45
C GLU A 97 -11.50 -16.13 3.63
N LEU A 98 -10.27 -16.57 3.86
CA LEU A 98 -9.10 -16.07 3.14
C LEU A 98 -8.50 -17.23 2.36
N ARG A 99 -8.50 -17.13 1.03
CA ARG A 99 -7.93 -18.18 0.18
C ARG A 99 -6.41 -18.10 0.12
N GLY A 100 -5.85 -16.90 0.33
CA GLY A 100 -4.41 -16.74 0.27
C GLY A 100 -3.97 -15.41 0.82
N ALA A 101 -3.13 -15.46 1.85
CA ALA A 101 -2.59 -14.28 2.50
C ALA A 101 -1.12 -14.53 2.77
N ASN A 102 -0.25 -13.94 1.97
CA ASN A 102 1.17 -14.29 1.99
C ASN A 102 1.98 -13.21 2.70
N ALA A 103 2.62 -13.55 3.80
CA ALA A 103 2.75 -14.93 4.27
C ALA A 103 2.01 -15.15 5.59
N SER A 104 2.04 -14.15 6.46
CA SER A 104 1.38 -14.20 7.75
C SER A 104 0.36 -13.07 7.81
N ALA A 105 -0.73 -13.30 8.55
CA ALA A 105 -1.79 -12.30 8.59
C ALA A 105 -2.47 -12.26 9.96
N ASP A 106 -3.03 -11.10 10.28
CA ASP A 106 -3.90 -10.91 11.43
C ASP A 106 -5.16 -10.17 10.98
N VAL A 107 -6.30 -10.59 11.54
CA VAL A 107 -7.62 -10.07 11.18
C VAL A 107 -8.19 -9.31 12.37
N TYR A 108 -8.61 -8.07 12.14
CA TYR A 108 -9.29 -7.29 13.16
C TYR A 108 -10.69 -6.94 12.69
N VAL A 109 -11.62 -6.94 13.63
CA VAL A 109 -13.00 -6.55 13.39
C VAL A 109 -13.33 -5.49 14.42
N ASN A 110 -13.67 -4.28 13.94
CA ASN A 110 -13.87 -3.12 14.81
C ASN A 110 -12.75 -2.99 15.83
N GLY A 111 -11.51 -3.26 15.38
CA GLY A 111 -10.33 -3.06 16.18
C GLY A 111 -9.87 -4.26 16.99
N LYS A 112 -10.70 -5.28 17.18
CA LYS A 112 -10.30 -6.41 18.02
C LYS A 112 -9.71 -7.52 17.15
N ALA A 113 -8.57 -8.06 17.57
CA ALA A 113 -8.00 -9.21 16.90
C ALA A 113 -8.88 -10.45 17.09
N VAL A 114 -9.10 -11.19 16.00
CA VAL A 114 -9.92 -12.39 16.00
C VAL A 114 -9.21 -13.55 15.33
N ALA A 115 -8.05 -13.31 14.71
CA ALA A 115 -7.42 -14.40 13.97
C ALA A 115 -6.01 -14.03 13.54
N HIS A 116 -5.15 -15.02 13.57
CA HIS A 116 -3.77 -14.93 13.11
C HIS A 116 -3.44 -16.20 12.32
N HIS A 117 -2.76 -16.04 11.18
CA HIS A 117 -2.41 -17.20 10.39
C HIS A 117 -1.00 -17.08 9.81
N ASP A 118 -0.27 -18.19 9.84
CA ASP A 118 1.06 -18.28 9.24
C ASP A 118 1.00 -19.33 8.14
N GLY A 119 1.34 -18.93 6.92
CA GLY A 119 1.20 -19.83 5.79
C GLY A 119 0.58 -19.08 4.63
N GLY A 120 1.38 -18.76 3.63
CA GLY A 120 0.88 -17.87 2.60
C GLY A 120 0.09 -18.55 1.52
N TYR A 121 -0.19 -19.86 1.62
CA TYR A 121 -0.65 -20.60 0.48
C TYR A 121 -1.92 -21.39 0.71
N SER A 122 -2.55 -21.27 1.86
CA SER A 122 -3.68 -22.13 2.17
C SER A 122 -4.87 -21.29 2.62
N THR A 123 -6.03 -21.92 2.56
CA THR A 123 -7.25 -21.28 3.05
C THR A 123 -7.31 -21.34 4.57
N TRP A 124 -7.76 -20.25 5.18
CA TRP A 124 -8.08 -20.24 6.59
C TRP A 124 -9.28 -19.32 6.77
N ARG A 125 -10.00 -19.54 7.87
CA ARG A 125 -11.28 -18.90 8.06
C ARG A 125 -11.45 -18.51 9.52
N VAL A 126 -12.36 -17.58 9.78
CA VAL A 126 -12.66 -17.20 11.15
C VAL A 126 -14.10 -16.70 11.27
N ASP A 127 -14.79 -17.20 12.29
CA ASP A 127 -16.14 -16.75 12.62
C ASP A 127 -16.09 -15.36 13.25
N ILE A 128 -16.68 -14.39 12.58
CA ILE A 128 -16.67 -13.01 13.03
C ILE A 128 -18.05 -12.53 13.44
N THR A 129 -19.02 -13.44 13.60
CA THR A 129 -20.39 -13.09 13.98
C THR A 129 -20.41 -12.20 15.24
N LYS A 130 -19.67 -12.61 16.28
CA LYS A 130 -19.71 -11.90 17.56
C LYS A 130 -19.21 -10.46 17.46
N GLU A 131 -18.31 -10.17 16.53
CA GLU A 131 -17.70 -8.85 16.48
C GLU A 131 -18.44 -7.91 15.55
N LEU A 132 -19.43 -8.40 14.81
CA LEU A 132 -20.26 -7.54 13.98
C LEU A 132 -21.35 -6.91 14.86
N THR A 133 -20.91 -5.95 15.67
CA THR A 133 -21.75 -5.26 16.63
C THR A 133 -22.29 -3.93 16.12
N GLU A 134 -21.99 -3.55 14.88
CA GLU A 134 -22.36 -2.25 14.33
C GLU A 134 -22.96 -2.46 12.95
N GLU A 135 -23.56 -1.40 12.40
CA GLU A 135 -24.05 -1.52 11.03
C GLU A 135 -22.91 -1.44 10.04
N GLU A 136 -21.90 -0.63 10.34
CA GLU A 136 -20.68 -0.56 9.55
C GLU A 136 -19.54 -1.04 10.43
N ASN A 137 -18.92 -2.15 10.05
CA ASN A 137 -17.85 -2.75 10.82
C ASN A 137 -16.54 -2.66 10.05
N LEU A 138 -15.55 -2.03 10.67
CA LEU A 138 -14.26 -1.90 10.02
C LEU A 138 -13.55 -3.25 10.06
N ILE A 139 -13.33 -3.84 8.89
CA ILE A 139 -12.56 -5.07 8.77
C ILE A 139 -11.15 -4.72 8.29
N VAL A 140 -10.17 -5.02 9.13
CA VAL A 140 -8.77 -4.72 8.88
C VAL A 140 -8.00 -6.03 8.86
N ILE A 141 -7.18 -6.25 7.83
CA ILE A 141 -6.35 -7.44 7.70
C ILE A 141 -4.91 -6.99 7.51
N ALA A 142 -4.05 -7.29 8.48
CA ALA A 142 -2.63 -7.00 8.37
C ALA A 142 -1.91 -8.22 7.81
N VAL A 143 -1.05 -8.00 6.82
CA VAL A 143 -0.40 -9.08 6.07
C VAL A 143 1.09 -8.77 6.04
N GLU A 144 1.91 -9.79 6.31
CA GLU A 144 3.34 -9.62 6.50
C GLU A 144 4.12 -10.70 5.73
N ASN A 145 5.23 -10.30 5.10
CA ASN A 145 6.08 -11.26 4.38
C ASN A 145 7.55 -10.99 4.67
N GLY A 146 7.85 -10.65 5.93
CA GLY A 146 9.20 -10.31 6.36
C GLY A 146 10.08 -11.53 6.57
N VAL A 147 11.31 -11.24 7.04
CA VAL A 147 12.33 -12.25 7.31
C VAL A 147 12.19 -12.71 8.75
N ASN A 148 12.30 -14.03 8.95
CA ASN A 148 12.17 -14.69 10.25
C ASN A 148 12.56 -16.15 10.09
N ASP A 149 12.79 -16.81 11.23
CA ASP A 149 13.33 -18.16 11.28
C ASP A 149 12.25 -19.20 11.48
N ARG A 150 11.02 -18.87 11.15
CA ARG A 150 9.91 -19.68 11.63
C ARG A 150 8.92 -20.09 10.55
N VAL A 151 8.65 -19.22 9.57
CA VAL A 151 7.59 -19.44 8.58
C VAL A 151 8.20 -19.72 7.22
N TYR A 152 7.96 -20.91 6.68
CA TYR A 152 8.45 -21.24 5.34
C TYR A 152 7.57 -20.59 4.28
N PRO A 153 8.16 -20.18 3.14
CA PRO A 153 9.60 -20.22 2.80
C PRO A 153 10.41 -19.01 3.29
N GLN A 154 11.71 -19.20 3.54
CA GLN A 154 12.62 -18.08 3.73
C GLN A 154 13.75 -18.04 2.73
N ASN A 155 14.16 -19.17 2.20
CA ASN A 155 15.35 -19.28 1.35
C ASN A 155 14.88 -20.03 0.11
N ALA A 156 14.77 -19.33 -1.02
CA ALA A 156 14.27 -19.99 -2.22
C ALA A 156 14.42 -19.07 -3.42
N ASP A 157 14.37 -19.68 -4.60
CA ASP A 157 14.55 -18.96 -5.85
C ASP A 157 13.20 -18.51 -6.44
N PHE A 158 12.46 -17.75 -5.64
CA PHE A 158 11.26 -17.07 -6.14
C PHE A 158 10.84 -15.98 -5.16
N THR A 159 10.13 -15.01 -5.68
CA THR A 159 9.65 -13.89 -4.89
C THR A 159 8.50 -14.30 -3.97
N PHE A 160 8.59 -13.95 -2.69
CA PHE A 160 7.51 -14.17 -1.72
C PHE A 160 6.54 -12.98 -1.78
N TYR A 161 5.75 -12.96 -2.85
CA TYR A 161 4.81 -11.85 -3.09
C TYR A 161 3.88 -11.65 -1.90
N GLY A 162 3.94 -10.49 -1.27
CA GLY A 162 3.05 -10.24 -0.14
C GLY A 162 1.67 -9.82 -0.61
N GLY A 163 0.65 -10.13 0.20
CA GLY A 163 -0.67 -9.57 0.00
C GLY A 163 -1.80 -10.59 0.05
N LEU A 164 -3.01 -10.06 -0.10
CA LEU A 164 -4.24 -10.82 -0.27
C LEU A 164 -4.37 -11.12 -1.76
N TYR A 165 -3.58 -12.09 -2.20
CA TYR A 165 -3.38 -12.36 -3.61
C TYR A 165 -4.38 -13.40 -4.13
N ARG A 166 -5.21 -13.95 -3.25
CA ARG A 166 -6.34 -14.77 -3.62
C ARG A 166 -7.60 -14.18 -2.96
N ASP A 167 -8.75 -14.71 -3.37
CA ASP A 167 -10.05 -14.17 -2.98
C ASP A 167 -10.24 -14.13 -1.46
N VAL A 168 -11.00 -13.14 -1.01
CA VAL A 168 -11.53 -13.11 0.33
C VAL A 168 -13.04 -13.17 0.22
N ASN A 169 -13.67 -14.13 0.92
CA ASN A 169 -15.11 -14.27 0.94
C ASN A 169 -15.66 -14.11 2.35
N ILE A 170 -16.96 -13.90 2.40
CA ILE A 170 -17.75 -14.02 3.62
C ILE A 170 -18.69 -15.19 3.44
N ILE A 171 -18.76 -16.07 4.44
CA ILE A 171 -19.62 -17.25 4.37
C ILE A 171 -20.69 -17.14 5.45
N ALA A 172 -21.94 -17.08 5.00
CA ALA A 172 -23.09 -16.96 5.87
C ALA A 172 -23.76 -18.33 5.97
N VAL A 173 -23.81 -18.87 7.19
CA VAL A 173 -24.35 -20.20 7.39
C VAL A 173 -25.24 -20.21 8.62
N ASN A 174 -26.07 -21.24 8.68
CA ASN A 174 -26.87 -21.56 9.84
C ASN A 174 -25.99 -21.97 11.03
N LYS A 175 -26.54 -21.79 12.24
CA LYS A 175 -25.83 -22.08 13.49
C LYS A 175 -25.31 -23.51 13.51
N SER A 176 -26.05 -24.46 12.97
CA SER A 176 -25.51 -25.80 12.71
C SER A 176 -25.12 -25.86 11.25
N HIS A 177 -23.88 -26.27 10.99
CA HIS A 177 -23.31 -26.17 9.65
C HIS A 177 -22.11 -27.10 9.56
N PHE A 178 -21.74 -27.42 8.33
CA PHE A 178 -20.53 -28.18 8.06
C PHE A 178 -19.28 -27.38 8.43
N ASP A 179 -18.30 -28.07 9.02
CA ASP A 179 -17.13 -27.47 9.66
C ASP A 179 -16.38 -26.53 8.74
N LEU A 180 -16.21 -25.29 9.20
CA LEU A 180 -15.46 -24.27 8.49
C LEU A 180 -14.17 -23.96 9.22
N ASP A 181 -13.94 -24.61 10.35
CA ASP A 181 -12.88 -24.29 11.29
C ASP A 181 -11.75 -25.28 11.30
N TYR A 182 -11.85 -26.39 10.60
CA TYR A 182 -10.78 -27.37 10.64
C TYR A 182 -9.82 -27.12 9.48
N TYR A 183 -8.74 -26.38 9.77
CA TYR A 183 -7.60 -26.17 8.85
C TYR A 183 -8.02 -25.75 7.43
N GLY A 184 -9.02 -24.90 7.33
CA GLY A 184 -9.48 -24.40 6.04
C GLY A 184 -10.08 -25.43 5.11
N GLY A 185 -10.44 -26.61 5.61
CA GLY A 185 -10.96 -27.69 4.79
C GLY A 185 -12.38 -27.45 4.30
N PRO A 186 -12.81 -28.24 3.31
CA PRO A 186 -14.18 -28.08 2.79
C PRO A 186 -15.25 -28.64 3.69
N GLY A 187 -14.88 -29.44 4.69
CA GLY A 187 -15.88 -30.09 5.51
C GLY A 187 -16.41 -31.39 4.96
N ILE A 188 -15.90 -31.86 3.84
CA ILE A 188 -16.32 -33.13 3.26
C ILE A 188 -15.08 -33.83 2.72
N LYS A 189 -15.01 -35.14 2.92
CA LYS A 189 -13.85 -35.96 2.53
C LYS A 189 -14.38 -37.18 1.80
N VAL A 190 -14.05 -37.30 0.52
CA VAL A 190 -14.51 -38.40 -0.34
C VAL A 190 -13.37 -39.38 -0.57
N THR A 191 -13.62 -40.67 -0.36
CA THR A 191 -12.61 -41.71 -0.56
C THR A 191 -13.16 -42.88 -1.37
N PRO A 192 -12.88 -42.93 -2.67
CA PRO A 192 -13.36 -44.06 -3.48
C PRO A 192 -12.48 -45.30 -3.40
N GLU A 193 -13.11 -46.47 -3.41
CA GLU A 193 -12.42 -47.74 -3.62
C GLU A 193 -12.99 -48.40 -4.86
N ILE A 194 -12.12 -48.85 -5.73
CA ILE A 194 -12.51 -49.54 -6.96
C ILE A 194 -12.60 -51.02 -6.66
N LYS A 195 -13.74 -51.63 -7.00
CA LYS A 195 -13.89 -53.08 -6.89
C LYS A 195 -14.45 -53.59 -8.22
N GLY A 196 -13.55 -54.08 -9.07
CA GLY A 196 -13.94 -54.56 -10.38
C GLY A 196 -14.50 -53.43 -11.21
N ALA A 197 -15.74 -53.59 -11.65
CA ALA A 197 -16.40 -52.62 -12.49
C ALA A 197 -17.13 -51.55 -11.70
N ASP A 198 -17.18 -51.65 -10.38
CA ASP A 198 -17.94 -50.77 -9.52
C ASP A 198 -17.02 -50.02 -8.57
N ALA A 199 -17.59 -49.04 -7.87
CA ALA A 199 -16.84 -48.25 -6.92
C ALA A 199 -17.58 -48.16 -5.59
N SER A 200 -16.82 -48.24 -4.52
CA SER A 200 -17.31 -48.01 -3.18
C SER A 200 -16.78 -46.63 -2.76
N VAL A 201 -17.67 -45.73 -2.40
CA VAL A 201 -17.26 -44.36 -2.08
C VAL A 201 -17.62 -44.06 -0.65
N GLU A 202 -16.60 -43.93 0.19
CA GLU A 202 -16.81 -43.41 1.54
C GLU A 202 -16.85 -41.90 1.49
N VAL A 203 -17.91 -41.32 2.06
CA VAL A 203 -18.07 -39.88 2.18
C VAL A 203 -18.15 -39.53 3.65
N GLU A 204 -17.18 -38.76 4.15
CA GLU A 204 -17.18 -38.32 5.53
C GLU A 204 -17.34 -36.81 5.59
N VAL A 205 -17.98 -36.37 6.66
CA VAL A 205 -18.47 -35.01 6.83
C VAL A 205 -18.14 -34.59 8.27
N PHE A 206 -18.03 -33.28 8.50
CA PHE A 206 -17.63 -32.78 9.81
C PHE A 206 -18.52 -31.62 10.21
N LEU A 207 -19.06 -31.68 11.42
CA LEU A 207 -20.12 -30.78 11.84
C LEU A 207 -19.65 -29.88 12.97
N THR A 208 -20.23 -28.69 12.99
CA THR A 208 -20.07 -27.70 14.03
C THR A 208 -21.46 -27.47 14.62
N ASN A 209 -21.58 -27.62 15.94
CA ASN A 209 -22.82 -27.30 16.67
C ASN A 209 -24.03 -27.98 16.06
N ALA A 210 -23.90 -29.28 15.80
CA ALA A 210 -24.98 -30.05 15.21
C ALA A 210 -25.84 -30.68 16.29
N ALA A 211 -27.11 -30.84 15.99
CA ALA A 211 -28.06 -31.44 16.92
C ALA A 211 -28.24 -32.91 16.60
N ALA A 212 -28.44 -33.71 17.66
CA ALA A 212 -28.60 -35.16 17.51
C ALA A 212 -29.82 -35.54 16.69
N ASP A 213 -30.77 -34.62 16.52
CA ASP A 213 -31.99 -34.88 15.77
C ASP A 213 -31.87 -34.52 14.29
N GLN A 214 -30.75 -33.98 13.85
CA GLN A 214 -30.66 -33.61 12.45
C GLN A 214 -30.22 -34.82 11.63
N LYS A 215 -30.48 -34.76 10.34
CA LYS A 215 -30.07 -35.83 9.44
C LYS A 215 -28.97 -35.34 8.52
N LEU A 216 -28.37 -36.30 7.83
CA LEU A 216 -27.37 -36.07 6.80
C LEU A 216 -27.82 -36.83 5.57
N VAL A 217 -28.03 -36.12 4.47
CA VAL A 217 -28.44 -36.68 3.20
C VAL A 217 -27.23 -36.64 2.28
N TYR A 218 -26.78 -37.82 1.86
CA TYR A 218 -25.59 -37.97 1.02
C TYR A 218 -26.01 -38.34 -0.40
N THR A 219 -25.56 -37.57 -1.40
CA THR A 219 -25.87 -37.90 -2.79
C THR A 219 -24.59 -37.90 -3.62
N VAL A 220 -24.56 -38.78 -4.61
CA VAL A 220 -23.50 -38.81 -5.62
C VAL A 220 -24.15 -38.58 -6.98
N LYS A 221 -23.57 -37.65 -7.72
CA LYS A 221 -24.08 -37.30 -9.06
C LYS A 221 -23.04 -37.65 -10.11
N ASP A 222 -23.57 -37.90 -11.27
CA ASP A 222 -23.05 -38.26 -12.60
C ASP A 222 -22.42 -37.02 -13.23
N ALA A 223 -21.67 -37.19 -14.29
CA ALA A 223 -21.08 -36.04 -15.00
C ALA A 223 -22.20 -35.13 -15.54
N GLU A 224 -23.41 -35.64 -15.71
CA GLU A 224 -24.48 -34.77 -16.18
C GLU A 224 -25.40 -34.30 -15.07
N GLY A 225 -24.97 -34.41 -13.82
CA GLY A 225 -25.80 -34.03 -12.71
C GLY A 225 -26.84 -35.05 -12.30
N LYS A 226 -26.82 -36.24 -12.89
CA LYS A 226 -27.83 -37.24 -12.60
C LYS A 226 -27.48 -37.97 -11.32
N GLU A 227 -28.42 -38.05 -10.38
CA GLU A 227 -28.20 -38.80 -9.15
C GLU A 227 -27.99 -40.27 -9.45
N VAL A 228 -26.99 -40.89 -8.80
CA VAL A 228 -26.70 -42.30 -8.98
C VAL A 228 -26.58 -43.06 -7.67
N ALA A 229 -26.60 -42.38 -6.53
CA ALA A 229 -26.62 -43.04 -5.23
C ALA A 229 -27.01 -42.01 -4.18
N LYS A 230 -27.63 -42.50 -3.11
CA LYS A 230 -28.22 -41.63 -2.12
C LYS A 230 -28.36 -42.43 -0.85
N THR A 231 -27.97 -41.83 0.27
CA THR A 231 -28.18 -42.48 1.56
C THR A 231 -28.32 -41.40 2.62
N GLU A 232 -28.83 -41.81 3.79
CA GLU A 232 -29.10 -40.88 4.89
C GLU A 232 -28.60 -41.49 6.19
N THR A 233 -28.19 -40.62 7.10
CA THR A 233 -27.88 -41.04 8.47
C THR A 233 -28.38 -39.97 9.42
N ALA A 234 -28.37 -40.29 10.70
CA ALA A 234 -28.51 -39.27 11.73
C ALA A 234 -27.21 -38.46 11.82
N ALA A 235 -27.34 -37.19 12.24
CA ALA A 235 -26.18 -36.31 12.30
C ALA A 235 -25.03 -36.88 13.15
N GLY A 236 -25.33 -37.77 14.09
CA GLY A 236 -24.26 -38.36 14.88
C GLY A 236 -23.39 -39.34 14.13
N GLU A 237 -23.81 -39.74 12.94
CA GLU A 237 -23.08 -40.68 12.10
C GLU A 237 -22.57 -39.91 10.89
N THR A 238 -21.31 -39.51 10.93
CA THR A 238 -20.78 -38.57 9.95
C THR A 238 -20.02 -39.26 8.83
N LYS A 239 -20.30 -40.55 8.60
CA LYS A 239 -19.76 -41.32 7.50
C LYS A 239 -20.89 -42.06 6.81
N ALA A 240 -20.72 -42.31 5.52
CA ALA A 240 -21.59 -43.18 4.76
C ALA A 240 -20.81 -43.71 3.56
N VAL A 241 -21.16 -44.93 3.14
CA VAL A 241 -20.57 -45.59 1.97
C VAL A 241 -21.66 -45.70 0.91
N LEU A 242 -21.42 -45.09 -0.24
CA LEU A 242 -22.36 -45.16 -1.36
C LEU A 242 -21.75 -45.96 -2.49
N SER A 243 -22.59 -46.71 -3.19
CA SER A 243 -22.15 -47.54 -4.29
C SER A 243 -22.36 -46.83 -5.61
N ILE A 244 -21.41 -46.97 -6.51
CA ILE A 244 -21.52 -46.49 -7.88
C ILE A 244 -21.33 -47.68 -8.81
N PRO A 245 -22.40 -48.27 -9.32
CA PRO A 245 -22.25 -49.41 -10.21
C PRO A 245 -21.78 -48.96 -11.58
N ALA A 246 -20.94 -49.78 -12.21
CA ALA A 246 -20.42 -49.51 -13.54
C ALA A 246 -19.71 -48.14 -13.58
N VAL A 247 -18.76 -47.96 -12.65
CA VAL A 247 -18.17 -46.64 -12.43
C VAL A 247 -17.43 -46.14 -13.66
N HIS A 248 -17.56 -44.85 -13.92
CA HIS A 248 -16.72 -44.17 -14.91
C HIS A 248 -15.42 -43.77 -14.23
N LEU A 249 -14.34 -44.45 -14.60
CA LEU A 249 -13.04 -44.20 -13.99
C LEU A 249 -12.47 -42.85 -14.41
N TRP A 250 -12.00 -42.07 -13.43
CA TRP A 250 -11.10 -40.99 -13.77
C TRP A 250 -9.86 -41.64 -14.37
N ASN A 251 -9.61 -41.44 -15.66
CA ASN A 251 -8.51 -42.11 -16.32
C ASN A 251 -7.61 -41.11 -17.06
N GLY A 252 -7.22 -40.04 -16.38
CA GLY A 252 -6.26 -39.13 -16.98
C GLY A 252 -6.84 -38.35 -18.15
N LYS A 253 -5.95 -37.98 -19.06
CA LYS A 253 -6.36 -37.24 -20.25
C LYS A 253 -7.31 -38.05 -21.12
N LYS A 254 -7.31 -39.39 -21.00
CA LYS A 254 -8.17 -40.20 -21.86
C LYS A 254 -9.64 -39.96 -21.55
N ASP A 255 -9.99 -39.87 -20.27
CA ASP A 255 -11.37 -39.65 -19.84
C ASP A 255 -11.35 -39.09 -18.42
N PRO A 256 -11.17 -37.79 -18.25
CA PRO A 256 -11.11 -37.20 -16.91
C PRO A 256 -12.46 -37.16 -16.21
N TYR A 257 -13.09 -38.31 -16.01
CA TYR A 257 -14.48 -38.34 -15.59
C TYR A 257 -14.60 -38.00 -14.11
N LEU A 258 -15.49 -37.06 -13.79
CA LEU A 258 -15.68 -36.57 -12.43
C LEU A 258 -17.13 -36.73 -11.98
N TYR A 259 -17.32 -37.30 -10.81
CA TYR A 259 -18.59 -37.31 -10.09
C TYR A 259 -18.66 -36.12 -9.11
N THR A 260 -19.86 -35.89 -8.57
CA THR A 260 -20.02 -34.91 -7.50
C THR A 260 -20.66 -35.59 -6.30
N ALA A 261 -20.14 -35.26 -5.12
CA ALA A 261 -20.69 -35.74 -3.85
C ALA A 261 -21.30 -34.54 -3.13
N GLU A 262 -22.51 -34.72 -2.60
CA GLU A 262 -23.26 -33.67 -1.91
C GLU A 262 -23.74 -34.19 -0.57
N VAL A 263 -23.57 -33.40 0.48
CA VAL A 263 -24.14 -33.78 1.77
C VAL A 263 -24.88 -32.58 2.32
N ALA A 264 -26.14 -32.76 2.63
CA ALA A 264 -26.92 -31.70 3.23
C ALA A 264 -27.18 -32.05 4.69
N LEU A 265 -27.11 -31.04 5.57
CA LEU A 265 -27.49 -31.19 6.97
C LEU A 265 -28.95 -30.74 7.10
N VAL A 266 -29.81 -31.65 7.56
CA VAL A 266 -31.24 -31.44 7.48
C VAL A 266 -31.85 -31.40 8.88
N SER A 267 -32.58 -30.33 9.16
CA SER A 267 -33.38 -30.16 10.38
C SER A 267 -34.83 -30.38 10.00
N GLY A 268 -35.48 -31.35 10.64
CA GLY A 268 -36.79 -31.77 10.22
C GLY A 268 -36.83 -32.13 8.74
N GLU A 269 -37.42 -31.25 7.93
CA GLU A 269 -37.68 -31.54 6.53
C GLU A 269 -36.85 -30.67 5.60
N GLU A 270 -35.92 -29.89 6.13
CA GLU A 270 -35.29 -28.79 5.40
C GLU A 270 -33.77 -28.85 5.51
N ALA A 271 -33.11 -28.60 4.40
CA ALA A 271 -31.66 -28.46 4.37
C ALA A 271 -31.28 -27.10 4.94
N VAL A 272 -30.55 -27.10 6.06
CA VAL A 272 -30.03 -25.85 6.62
C VAL A 272 -28.57 -25.58 6.22
N ASP A 273 -27.86 -26.58 5.72
CA ASP A 273 -26.49 -26.39 5.25
C ASP A 273 -26.16 -27.56 4.35
N ALA A 274 -25.31 -27.29 3.37
CA ALA A 274 -24.98 -28.26 2.35
C ALA A 274 -23.54 -28.01 1.92
N VAL A 275 -22.77 -29.08 1.70
CA VAL A 275 -21.45 -28.97 1.08
C VAL A 275 -21.35 -29.98 -0.05
N SER A 276 -20.45 -29.71 -0.99
CA SER A 276 -20.25 -30.64 -2.08
C SER A 276 -18.81 -30.58 -2.54
N THR A 277 -18.42 -31.60 -3.30
CA THR A 277 -17.13 -31.61 -3.96
C THR A 277 -17.21 -32.58 -5.12
N ARG A 278 -16.45 -32.26 -6.16
CA ARG A 278 -16.29 -33.27 -7.19
C ARG A 278 -15.22 -34.25 -6.75
N PHE A 279 -15.18 -35.39 -7.42
CA PHE A 279 -14.16 -36.40 -7.15
C PHE A 279 -14.07 -37.31 -8.36
N GLY A 280 -12.95 -38.02 -8.45
CA GLY A 280 -12.75 -39.00 -9.50
C GLY A 280 -12.35 -40.32 -8.90
N CYS A 281 -12.64 -41.38 -9.62
CA CYS A 281 -12.42 -42.74 -9.12
C CYS A 281 -11.27 -43.35 -9.90
N ARG A 282 -10.17 -43.64 -9.21
CA ARG A 282 -9.03 -44.23 -9.90
C ARG A 282 -8.10 -44.87 -8.90
N THR A 283 -7.34 -45.85 -9.38
CA THR A 283 -6.18 -46.35 -8.67
C THR A 283 -4.92 -46.02 -9.45
N PHE A 284 -3.79 -46.11 -8.78
CA PHE A 284 -2.52 -45.94 -9.45
C PHE A 284 -1.47 -46.68 -8.64
N GLU A 285 -0.35 -47.01 -9.30
CA GLU A 285 0.89 -47.42 -8.63
C GLU A 285 2.04 -46.62 -9.18
N ILE A 286 3.09 -46.46 -8.37
CA ILE A 286 4.33 -45.94 -8.89
C ILE A 286 5.31 -47.10 -8.82
N ASP A 287 5.44 -47.80 -9.92
CA ASP A 287 6.25 -49.00 -10.02
C ASP A 287 7.70 -48.61 -10.28
N PRO A 288 8.68 -49.14 -9.52
CA PRO A 288 10.08 -48.73 -9.71
C PRO A 288 10.68 -49.06 -11.07
N GLU A 289 10.12 -49.99 -11.84
CA GLU A 289 10.65 -50.30 -13.16
C GLU A 289 9.71 -49.91 -14.30
N ARG A 290 8.41 -50.07 -14.15
CA ARG A 290 7.47 -49.70 -15.21
C ARG A 290 6.98 -48.25 -15.10
N GLY A 291 7.42 -47.49 -14.10
CA GLY A 291 7.00 -46.11 -14.01
C GLY A 291 5.57 -45.99 -13.52
N PHE A 292 4.91 -44.92 -13.94
CA PHE A 292 3.57 -44.63 -13.42
C PHE A 292 2.52 -45.52 -14.09
N ILE A 293 1.67 -46.13 -13.26
CA ILE A 293 0.56 -46.98 -13.69
C ILE A 293 -0.72 -46.33 -13.21
N LEU A 294 -1.71 -46.22 -14.10
CA LEU A 294 -3.00 -45.61 -13.77
C LEU A 294 -4.12 -46.57 -14.16
N ASN A 295 -4.93 -46.95 -13.18
CA ASN A 295 -6.03 -47.91 -13.38
C ASN A 295 -5.54 -49.19 -14.05
N GLY A 296 -4.36 -49.67 -13.64
CA GLY A 296 -3.83 -50.92 -14.13
C GLY A 296 -3.02 -50.84 -15.40
N GLU A 297 -3.03 -49.71 -16.09
CA GLU A 297 -2.33 -49.55 -17.36
C GLU A 297 -1.21 -48.54 -17.20
N GLU A 298 -0.09 -48.81 -17.86
CA GLU A 298 1.04 -47.89 -17.81
C GLU A 298 0.63 -46.54 -18.38
N TYR A 299 0.99 -45.49 -17.66
CA TYR A 299 0.53 -44.13 -17.99
C TYR A 299 1.71 -43.20 -17.72
N PRO A 300 2.58 -43.03 -18.71
CA PRO A 300 3.83 -42.30 -18.48
C PRO A 300 3.58 -40.85 -18.05
N LEU A 301 4.35 -40.39 -17.05
CA LEU A 301 4.17 -39.04 -16.52
C LEU A 301 5.29 -38.17 -17.07
N ARG A 302 4.92 -37.35 -18.05
CA ARG A 302 5.86 -36.54 -18.82
C ARG A 302 5.29 -35.13 -18.85
N GLY A 303 5.96 -34.20 -18.18
CA GLY A 303 5.31 -32.92 -17.95
C GLY A 303 6.22 -31.79 -17.55
N VAL A 304 5.64 -30.84 -16.80
CA VAL A 304 6.26 -29.56 -16.49
C VAL A 304 5.90 -29.17 -15.05
N SER A 305 6.57 -28.12 -14.56
CA SER A 305 6.21 -27.43 -13.33
C SER A 305 5.67 -26.04 -13.65
N ARG A 306 4.98 -25.46 -12.68
CA ARG A 306 4.32 -24.17 -12.88
C ARG A 306 4.29 -23.40 -11.58
N HIS A 307 4.79 -22.17 -11.60
CA HIS A 307 4.58 -21.23 -10.52
C HIS A 307 3.29 -20.48 -10.73
N GLN A 308 2.72 -19.98 -9.64
CA GLN A 308 1.40 -19.34 -9.65
C GLN A 308 1.48 -17.83 -9.77
N ASP A 309 2.39 -17.31 -10.58
CA ASP A 309 2.52 -15.87 -10.73
C ASP A 309 2.48 -15.52 -12.22
N ARG A 310 2.64 -14.25 -12.51
CA ARG A 310 2.56 -13.80 -13.89
C ARG A 310 3.12 -12.40 -13.99
N TRP A 311 3.75 -12.07 -15.12
CA TRP A 311 4.34 -10.75 -15.30
C TRP A 311 3.31 -9.63 -15.10
N GLY A 312 3.63 -8.68 -14.23
CA GLY A 312 2.86 -7.49 -14.07
C GLY A 312 1.92 -7.50 -12.88
N ILE A 313 1.43 -8.66 -12.48
CA ILE A 313 0.46 -8.75 -11.42
C ILE A 313 0.95 -9.59 -10.23
N GLY A 314 2.25 -9.92 -10.20
CA GLY A 314 2.78 -10.80 -9.17
C GLY A 314 2.06 -12.12 -9.18
N ASN A 315 1.58 -12.54 -7.99
CA ASN A 315 0.76 -13.74 -7.87
C ASN A 315 -0.71 -13.41 -7.72
N ALA A 316 -1.13 -12.19 -8.08
CA ALA A 316 -2.54 -11.80 -8.02
C ALA A 316 -3.27 -12.30 -9.26
N LEU A 317 -3.45 -13.63 -9.32
CA LEU A 317 -3.96 -14.30 -10.51
C LEU A 317 -5.49 -14.34 -10.53
N LEU A 318 -6.07 -14.11 -11.74
CA LEU A 318 -7.51 -14.26 -11.95
C LEU A 318 -7.85 -15.66 -12.46
N PRO A 319 -9.12 -16.04 -12.46
CA PRO A 319 -9.48 -17.37 -13.01
C PRO A 319 -9.05 -17.58 -14.45
N GLU A 320 -9.17 -16.54 -15.29
CA GLU A 320 -8.73 -16.63 -16.66
C GLU A 320 -7.21 -16.88 -16.78
N HIS A 321 -6.42 -16.38 -15.83
CA HIS A 321 -4.99 -16.66 -15.86
C HIS A 321 -4.71 -18.14 -15.58
N HIS A 322 -5.41 -18.72 -14.59
CA HIS A 322 -5.30 -20.15 -14.34
C HIS A 322 -5.74 -20.94 -15.57
N ARG A 323 -6.81 -20.50 -16.25
CA ARG A 323 -7.29 -21.23 -17.42
C ARG A 323 -6.29 -21.16 -18.57
N GLU A 324 -5.67 -19.99 -18.77
CA GLU A 324 -4.67 -19.85 -19.82
C GLU A 324 -3.46 -20.73 -19.55
N ASP A 325 -2.94 -20.73 -18.32
CA ASP A 325 -1.79 -21.56 -18.00
C ASP A 325 -2.08 -23.01 -18.33
N ILE A 326 -3.25 -23.51 -17.93
CA ILE A 326 -3.52 -24.92 -18.18
C ILE A 326 -3.82 -25.18 -19.67
N ASP A 327 -4.44 -24.22 -20.37
CA ASP A 327 -4.63 -24.37 -21.81
C ASP A 327 -3.28 -24.55 -22.53
N LEU A 328 -2.30 -23.72 -22.19
CA LEU A 328 -0.97 -23.82 -22.78
C LEU A 328 -0.30 -25.15 -22.42
N ILE A 329 -0.47 -25.59 -21.16
CA ILE A 329 0.09 -26.87 -20.72
C ILE A 329 -0.61 -28.03 -21.41
N CYS A 330 -1.94 -27.94 -21.57
CA CYS A 330 -2.65 -28.95 -22.34
C CYS A 330 -2.20 -28.98 -23.80
N GLU A 331 -1.94 -27.81 -24.39
CA GLU A 331 -1.51 -27.75 -25.79
C GLU A 331 -0.14 -28.40 -25.98
N LEU A 332 0.77 -28.18 -25.01
CA LEU A 332 2.04 -28.88 -25.02
C LEU A 332 1.85 -30.39 -24.90
N GLY A 333 0.81 -30.82 -24.18
CA GLY A 333 0.47 -32.21 -24.02
C GLY A 333 0.96 -32.87 -22.75
N ALA A 334 1.40 -32.09 -21.77
CA ALA A 334 1.91 -32.67 -20.53
C ALA A 334 0.87 -33.56 -19.85
N THR A 335 1.30 -34.73 -19.40
CA THR A 335 0.40 -35.61 -18.65
C THR A 335 0.52 -35.41 -17.14
N THR A 336 1.47 -34.60 -16.69
CA THR A 336 1.66 -34.30 -15.28
C THR A 336 2.15 -32.85 -15.11
N ILE A 337 1.79 -32.25 -13.98
CA ILE A 337 2.35 -30.97 -13.57
C ILE A 337 2.86 -31.13 -12.16
N ARG A 338 4.04 -30.60 -11.88
CA ARG A 338 4.52 -30.46 -10.53
C ARG A 338 4.21 -29.04 -10.07
N LEU A 339 3.32 -28.92 -9.10
CA LEU A 339 2.88 -27.60 -8.64
C LEU A 339 3.74 -27.15 -7.46
N ALA A 340 4.97 -26.78 -7.82
CA ALA A 340 5.98 -26.26 -6.92
C ALA A 340 5.69 -24.79 -6.62
N HIS A 341 6.21 -24.29 -5.50
CA HIS A 341 6.77 -25.09 -4.42
C HIS A 341 5.87 -25.02 -3.17
N TYR A 342 4.56 -25.07 -3.36
CA TYR A 342 3.61 -24.66 -2.33
C TYR A 342 2.22 -25.03 -2.83
N GLN A 343 1.24 -24.89 -1.95
CA GLN A 343 -0.14 -25.14 -2.34
C GLN A 343 -0.62 -24.06 -3.29
N HIS A 344 -1.17 -24.49 -4.43
CA HIS A 344 -1.76 -23.62 -5.43
C HIS A 344 -3.23 -23.35 -5.11
N ASP A 345 -3.92 -22.62 -5.98
CA ASP A 345 -5.33 -22.30 -5.80
C ASP A 345 -6.25 -23.49 -6.08
N GLN A 346 -7.36 -23.56 -5.33
CA GLN A 346 -8.38 -24.58 -5.56
C GLN A 346 -8.87 -24.62 -7.01
N TYR A 347 -8.96 -23.45 -7.65
CA TYR A 347 -9.42 -23.45 -9.03
C TYR A 347 -8.40 -24.10 -9.97
N PHE A 348 -7.11 -23.98 -9.70
CA PHE A 348 -6.15 -24.62 -10.55
C PHE A 348 -6.17 -26.14 -10.37
N TYR A 349 -6.32 -26.60 -9.12
CA TYR A 349 -6.44 -28.04 -8.90
C TYR A 349 -7.72 -28.60 -9.54
N ASP A 350 -8.85 -27.89 -9.41
CA ASP A 350 -10.06 -28.31 -10.11
C ASP A 350 -9.82 -28.45 -11.61
N LEU A 351 -9.11 -27.47 -12.19
CA LEU A 351 -8.80 -27.50 -13.61
C LEU A 351 -7.98 -28.74 -13.98
N CYS A 352 -7.02 -29.09 -13.12
CA CYS A 352 -6.27 -30.32 -13.32
C CYS A 352 -7.18 -31.54 -13.28
N ASP A 353 -8.06 -31.62 -12.27
CA ASP A 353 -9.02 -32.73 -12.19
C ASP A 353 -9.89 -32.80 -13.45
N GLU A 354 -10.36 -31.65 -13.94
CA GLU A 354 -11.22 -31.65 -15.13
C GLU A 354 -10.45 -32.02 -16.38
N ARG A 355 -9.18 -31.67 -16.46
CA ARG A 355 -8.45 -31.90 -17.70
C ARG A 355 -7.69 -33.21 -17.73
N GLY A 356 -7.68 -33.96 -16.62
CA GLY A 356 -7.01 -35.25 -16.57
C GLY A 356 -5.52 -35.22 -16.30
N LEU A 357 -5.00 -34.10 -15.77
CA LEU A 357 -3.60 -33.98 -15.42
C LEU A 357 -3.30 -34.68 -14.09
N VAL A 358 -2.14 -35.34 -14.02
CA VAL A 358 -1.67 -35.99 -12.80
C VAL A 358 -0.73 -35.04 -12.06
N ILE A 359 -0.97 -34.80 -10.78
CA ILE A 359 -0.39 -33.67 -10.06
C ILE A 359 0.48 -34.12 -8.89
N TRP A 360 1.59 -33.44 -8.72
CA TRP A 360 2.44 -33.46 -7.52
C TRP A 360 2.20 -32.15 -6.78
N ALA A 361 1.73 -32.23 -5.53
CA ALA A 361 1.53 -31.07 -4.66
C ALA A 361 2.55 -31.10 -3.53
N GLU A 362 3.01 -29.93 -3.09
CA GLU A 362 4.02 -29.90 -2.04
C GLU A 362 3.87 -28.63 -1.19
N ILE A 363 4.57 -28.62 -0.05
CA ILE A 363 4.68 -27.48 0.86
C ILE A 363 6.01 -26.76 0.66
N PRO A 364 6.14 -25.48 1.08
CA PRO A 364 7.40 -24.75 0.84
C PRO A 364 8.53 -25.05 1.81
N TYR A 365 8.72 -26.31 2.13
CA TYR A 365 9.82 -26.76 2.98
C TYR A 365 11.04 -26.86 2.09
N ILE A 366 11.83 -25.78 2.01
CA ILE A 366 12.68 -25.58 0.83
C ILE A 366 14.05 -25.05 1.20
N SER A 367 15.08 -25.62 0.53
CA SER A 367 16.46 -25.15 0.47
C SER A 367 17.25 -25.41 1.73
N SER A 368 16.71 -25.02 2.87
CA SER A 368 17.50 -24.95 4.08
C SER A 368 16.59 -25.24 5.26
N HIS A 369 16.89 -26.33 5.98
CA HIS A 369 16.08 -26.69 7.13
C HIS A 369 16.22 -25.65 8.23
N MET A 370 15.09 -25.00 8.56
CA MET A 370 15.01 -24.13 9.73
C MET A 370 14.55 -24.92 10.94
N PRO A 371 15.39 -25.10 11.96
CA PRO A 371 14.94 -25.81 13.19
C PRO A 371 13.67 -25.24 13.80
N ASN A 372 13.51 -23.92 13.75
CA ASN A 372 12.31 -23.32 14.27
C ASN A 372 11.17 -23.30 13.26
N GLY A 373 11.39 -23.77 12.03
CA GLY A 373 10.30 -23.86 11.09
C GLY A 373 9.44 -25.12 11.18
N ARG A 374 9.71 -25.98 12.16
CA ARG A 374 9.08 -27.30 12.18
C ARG A 374 7.57 -27.20 12.35
N GLU A 375 7.09 -26.38 13.30
CA GLU A 375 5.65 -26.22 13.48
C GLU A 375 4.97 -25.84 12.18
N ASN A 376 5.55 -24.87 11.45
CA ASN A 376 4.96 -24.38 10.21
C ASN A 376 5.00 -25.42 9.10
N THR A 377 6.03 -26.28 9.04
CA THR A 377 5.95 -27.41 8.11
C THR A 377 4.75 -28.30 8.43
N ILE A 378 4.54 -28.62 9.72
CA ILE A 378 3.40 -29.44 10.13
C ILE A 378 2.10 -28.77 9.70
N SER A 379 1.94 -27.51 10.07
CA SER A 379 0.75 -26.73 9.78
C SER A 379 0.47 -26.67 8.28
N GLN A 380 1.46 -26.33 7.47
CA GLN A 380 1.19 -26.18 6.04
C GLN A 380 0.83 -27.52 5.43
N MET A 381 1.45 -28.59 5.92
CA MET A 381 1.18 -29.90 5.34
C MET A 381 -0.21 -30.39 5.73
N LYS A 382 -0.63 -30.12 6.98
CA LYS A 382 -1.99 -30.45 7.37
C LYS A 382 -2.99 -29.75 6.47
N GLU A 383 -2.78 -28.46 6.24
CA GLU A 383 -3.67 -27.68 5.38
C GLU A 383 -3.60 -28.20 3.95
N LEU A 384 -2.40 -28.55 3.48
CA LEU A 384 -2.27 -29.10 2.14
C LEU A 384 -3.13 -30.34 1.96
N VAL A 385 -3.01 -31.30 2.88
CA VAL A 385 -3.73 -32.56 2.73
C VAL A 385 -5.22 -32.36 2.98
N VAL A 386 -5.58 -31.66 4.06
CA VAL A 386 -6.99 -31.52 4.40
C VAL A 386 -7.72 -30.79 3.29
N GLN A 387 -7.08 -29.77 2.71
CA GLN A 387 -7.78 -28.93 1.77
C GLN A 387 -7.83 -29.57 0.38
N ASN A 388 -7.02 -30.58 0.11
CA ASN A 388 -6.84 -31.08 -1.24
C ASN A 388 -7.02 -32.59 -1.39
N TYR A 389 -7.46 -33.26 -0.32
CA TYR A 389 -7.66 -34.71 -0.35
C TYR A 389 -8.63 -35.16 -1.43
N ASN A 390 -9.55 -34.30 -1.85
CA ASN A 390 -10.61 -34.70 -2.75
C ASN A 390 -10.22 -34.64 -4.21
N HIS A 391 -9.17 -33.88 -4.55
CA HIS A 391 -8.74 -33.74 -5.93
C HIS A 391 -8.21 -35.05 -6.48
N PRO A 392 -8.83 -35.64 -7.50
CA PRO A 392 -8.27 -36.89 -8.06
C PRO A 392 -6.99 -36.68 -8.87
N SER A 393 -6.66 -35.44 -9.27
CA SER A 393 -5.44 -35.22 -10.03
C SER A 393 -4.19 -35.42 -9.18
N ILE A 394 -4.28 -35.31 -7.86
CA ILE A 394 -3.11 -35.42 -7.00
C ILE A 394 -2.86 -36.88 -6.65
N VAL A 395 -1.61 -37.30 -6.84
CA VAL A 395 -1.21 -38.65 -6.50
C VAL A 395 -0.05 -38.69 -5.50
N VAL A 396 0.75 -37.63 -5.35
CA VAL A 396 1.86 -37.62 -4.41
C VAL A 396 1.86 -36.32 -3.62
N TRP A 397 2.25 -36.41 -2.35
CA TRP A 397 2.48 -35.25 -1.50
C TRP A 397 3.99 -35.07 -1.30
N GLY A 398 4.51 -33.90 -1.66
CA GLY A 398 5.93 -33.61 -1.55
C GLY A 398 6.26 -32.97 -0.22
N LEU A 399 7.24 -33.54 0.48
CA LEU A 399 7.60 -33.10 1.81
C LEU A 399 8.53 -31.90 1.78
N SER A 400 9.42 -31.82 0.78
CA SER A 400 10.46 -30.80 0.76
C SER A 400 11.15 -30.76 -0.58
N ASN A 401 11.79 -29.63 -0.85
CA ASN A 401 12.50 -29.41 -2.09
C ASN A 401 13.92 -28.98 -1.79
N GLU A 402 14.89 -29.81 -2.20
CA GLU A 402 16.31 -29.48 -2.11
C GLU A 402 16.70 -29.17 -0.66
N ILE A 403 16.08 -29.86 0.29
CA ILE A 403 16.17 -29.43 1.68
C ILE A 403 17.59 -29.50 2.22
N THR A 404 18.51 -30.20 1.55
CA THR A 404 19.87 -30.37 2.05
C THR A 404 20.88 -29.35 1.54
N MET A 405 20.48 -28.37 0.72
CA MET A 405 21.39 -27.33 0.20
C MET A 405 22.35 -26.74 1.24
N ASP A 410 21.54 -34.40 8.55
CA ASP A 410 21.45 -33.84 9.91
C ASP A 410 20.20 -34.33 10.67
N GLU A 411 20.33 -34.57 11.97
CA GLU A 411 19.33 -35.36 12.68
C GLU A 411 18.00 -34.62 12.80
N ASP A 412 18.05 -33.34 13.14
CA ASP A 412 16.81 -32.57 13.21
C ASP A 412 16.07 -32.60 11.86
N LEU A 413 16.80 -32.46 10.77
CA LEU A 413 16.18 -32.53 9.45
C LEU A 413 15.52 -33.89 9.20
N LEU A 414 16.18 -34.98 9.63
CA LEU A 414 15.62 -36.29 9.44
C LEU A 414 14.33 -36.47 10.24
N GLU A 415 14.33 -36.00 11.48
CA GLU A 415 13.13 -36.13 12.28
C GLU A 415 11.97 -35.35 11.69
N ASN A 416 12.25 -34.15 11.16
CA ASN A 416 11.20 -33.37 10.50
C ASN A 416 10.59 -34.15 9.34
N HIS A 417 11.40 -34.91 8.61
CA HIS A 417 10.85 -35.70 7.51
C HIS A 417 10.06 -36.91 8.00
N ARG A 418 10.60 -37.66 8.98
CA ARG A 418 9.83 -38.76 9.57
C ARG A 418 8.45 -38.30 10.03
N ILE A 419 8.38 -37.17 10.73
CA ILE A 419 7.12 -36.69 11.25
C ILE A 419 6.16 -36.30 10.13
N LEU A 420 6.67 -35.57 9.12
CA LEU A 420 5.80 -35.20 7.99
C LEU A 420 5.32 -36.44 7.26
N ASN A 421 6.24 -37.38 7.03
CA ASN A 421 5.94 -38.58 6.28
C ASN A 421 4.93 -39.46 7.01
N ASP A 422 5.08 -39.61 8.34
CA ASP A 422 4.12 -40.43 9.07
C ASP A 422 2.77 -39.72 9.24
N MET A 423 2.77 -38.40 9.40
CA MET A 423 1.52 -37.66 9.43
C MET A 423 0.78 -37.74 8.11
N VAL A 424 1.51 -37.68 6.99
CA VAL A 424 0.82 -37.76 5.72
C VAL A 424 0.23 -39.14 5.52
N HIS A 425 1.02 -40.18 5.84
CA HIS A 425 0.52 -41.55 5.79
C HIS A 425 -0.63 -41.75 6.76
N GLU A 426 -0.58 -41.08 7.91
CA GLU A 426 -1.69 -41.11 8.86
C GLU A 426 -2.94 -40.47 8.25
N MET A 427 -2.80 -39.32 7.60
CA MET A 427 -3.99 -38.60 7.16
C MET A 427 -4.55 -39.14 5.85
N ASP A 428 -3.73 -39.73 4.99
CA ASP A 428 -4.14 -40.06 3.63
C ASP A 428 -3.56 -41.42 3.26
N HIS A 429 -4.42 -42.44 3.26
CA HIS A 429 -4.00 -43.82 3.03
C HIS A 429 -3.97 -44.19 1.56
N THR A 430 -4.15 -43.19 0.67
CA THR A 430 -4.44 -43.44 -0.74
C THR A 430 -3.48 -42.73 -1.67
N ARG A 431 -2.44 -42.08 -1.15
CA ARG A 431 -1.47 -41.39 -1.98
C ARG A 431 -0.07 -41.68 -1.44
N LEU A 432 0.95 -41.28 -2.18
CA LEU A 432 2.32 -41.56 -1.80
C LEU A 432 3.04 -40.25 -1.45
N THR A 433 4.09 -40.37 -0.63
CA THR A 433 4.97 -39.25 -0.36
C THR A 433 6.16 -39.25 -1.32
N THR A 434 6.74 -38.07 -1.52
CA THR A 434 7.88 -37.88 -2.39
C THR A 434 8.70 -36.73 -1.84
N ILE A 435 9.95 -36.60 -2.34
CA ILE A 435 10.75 -35.40 -2.14
C ILE A 435 11.35 -34.98 -3.49
N ALA A 436 11.89 -33.76 -3.51
CA ALA A 436 12.66 -33.25 -4.63
C ALA A 436 14.07 -32.98 -4.11
N VAL A 437 15.07 -33.68 -4.67
CA VAL A 437 16.41 -33.73 -4.10
C VAL A 437 17.35 -32.85 -4.91
N VAL A 438 18.23 -32.11 -4.20
CA VAL A 438 19.14 -31.21 -4.88
C VAL A 438 20.21 -32.02 -5.62
N SER A 439 20.71 -31.45 -6.71
CA SER A 439 21.56 -32.18 -7.65
C SER A 439 22.73 -32.88 -6.94
N MET A 440 23.45 -32.16 -6.09
CA MET A 440 24.70 -32.66 -5.53
C MET A 440 24.51 -33.63 -4.36
N CYS A 441 23.29 -33.82 -3.85
CA CYS A 441 23.15 -34.59 -2.62
C CYS A 441 23.52 -36.04 -2.86
N ASP A 442 24.37 -36.58 -1.98
CA ASP A 442 24.79 -37.97 -2.13
C ASP A 442 23.58 -38.88 -2.18
N ILE A 443 23.60 -39.84 -3.11
CA ILE A 443 22.46 -40.74 -3.26
C ILE A 443 22.32 -41.71 -2.10
N HIS A 444 23.35 -41.83 -1.27
CA HIS A 444 23.27 -42.66 -0.08
C HIS A 444 22.83 -41.88 1.14
N ASP A 445 22.41 -40.62 0.97
CA ASP A 445 21.91 -39.86 2.12
C ASP A 445 20.69 -40.57 2.73
N PRO A 446 20.58 -40.58 4.07
CA PRO A 446 19.47 -41.32 4.72
C PRO A 446 18.08 -40.78 4.39
N TYR A 447 17.93 -39.49 4.10
CA TYR A 447 16.57 -38.97 3.96
C TYR A 447 15.94 -39.42 2.65
N ILE A 448 16.75 -39.85 1.69
CA ILE A 448 16.22 -40.41 0.45
C ILE A 448 15.45 -41.69 0.74
N GLN A 449 15.78 -42.39 1.83
CA GLN A 449 15.07 -43.62 2.18
C GLN A 449 13.75 -43.37 2.89
N ILE A 450 13.41 -42.13 3.24
CA ILE A 450 12.24 -41.86 4.07
C ILE A 450 10.93 -41.89 3.27
N PRO A 451 10.73 -41.08 2.21
CA PRO A 451 9.44 -41.09 1.51
C PRO A 451 9.26 -42.33 0.64
N ASP A 452 8.03 -42.49 0.15
CA ASP A 452 7.70 -43.61 -0.73
C ASP A 452 8.41 -43.52 -2.08
N VAL A 453 8.54 -42.30 -2.65
CA VAL A 453 9.21 -42.16 -3.95
C VAL A 453 10.09 -40.92 -3.92
N ILE A 454 11.07 -40.88 -4.83
CA ILE A 454 11.93 -39.70 -4.87
C ILE A 454 12.06 -39.21 -6.31
N SER A 455 12.44 -37.94 -6.41
CA SER A 455 12.89 -37.34 -7.66
C SER A 455 14.05 -36.42 -7.39
N TYR A 456 14.89 -36.25 -8.40
CA TYR A 456 16.05 -35.39 -8.35
C TYR A 456 15.86 -34.17 -9.25
N ASN A 457 16.53 -33.07 -8.86
CA ASN A 457 16.59 -31.81 -9.60
C ASN A 457 17.98 -31.69 -10.23
N HIS A 458 18.11 -31.92 -11.53
CA HIS A 458 19.42 -31.93 -12.17
C HIS A 458 19.52 -30.89 -13.28
N TYR A 459 20.70 -30.26 -13.41
CA TYR A 459 20.96 -29.26 -14.43
C TYR A 459 22.25 -29.51 -15.20
N PHE A 460 22.61 -30.78 -15.43
CA PHE A 460 23.75 -31.09 -16.28
C PHE A 460 23.49 -30.58 -17.70
N GLY A 461 24.38 -29.74 -18.19
CA GLY A 461 24.15 -29.01 -19.43
C GLY A 461 23.66 -27.58 -19.24
N TRP A 462 23.38 -27.17 -18.00
CA TRP A 462 23.07 -25.77 -17.73
C TRP A 462 23.95 -25.16 -16.64
N TYR A 463 23.97 -25.75 -15.45
CA TYR A 463 24.91 -25.34 -14.40
C TYR A 463 26.18 -26.19 -14.47
N GLY A 464 26.91 -26.05 -15.57
CA GLY A 464 28.07 -26.89 -15.78
C GLY A 464 27.66 -28.25 -16.29
N GLY A 465 28.66 -29.09 -16.45
CA GLY A 465 28.42 -30.42 -16.96
C GLY A 465 27.88 -30.35 -18.38
N ASP A 466 27.30 -31.47 -18.81
CA ASP A 466 26.83 -31.63 -20.17
C ASP A 466 25.50 -32.38 -20.18
N VAL A 467 24.65 -32.01 -21.14
CA VAL A 467 23.28 -32.54 -21.21
C VAL A 467 23.25 -34.06 -21.32
N SER A 468 24.32 -34.69 -21.81
CA SER A 468 24.39 -36.14 -21.95
C SER A 468 24.56 -36.88 -20.63
N MET A 469 24.81 -36.18 -19.52
CA MET A 469 25.08 -36.82 -18.24
C MET A 469 23.81 -37.28 -17.54
N ASN A 470 22.66 -36.69 -17.88
CA ASN A 470 21.42 -36.91 -17.15
C ASN A 470 21.00 -38.36 -17.22
N GLY A 471 20.69 -38.85 -18.42
CA GLY A 471 20.35 -40.24 -18.65
C GLY A 471 21.18 -41.23 -17.83
N PRO A 472 22.50 -41.22 -18.01
CA PRO A 472 23.35 -42.15 -17.24
C PRO A 472 23.37 -41.87 -15.74
N TRP A 473 23.25 -40.62 -15.31
CA TRP A 473 23.17 -40.37 -13.87
C TRP A 473 21.95 -41.06 -13.29
N MET A 474 20.80 -40.94 -13.97
CA MET A 474 19.59 -41.64 -13.57
C MET A 474 19.78 -43.16 -13.62
N ASP A 475 20.41 -43.68 -14.67
CA ASP A 475 20.65 -45.13 -14.77
C ASP A 475 21.46 -45.65 -13.59
N ASN A 476 22.44 -44.86 -13.14
CA ASN A 476 23.32 -45.28 -12.04
C ASN A 476 22.58 -45.30 -10.69
N PHE A 477 21.77 -44.29 -10.42
CA PHE A 477 20.93 -44.34 -9.22
C PHE A 477 19.97 -45.54 -9.29
N HIS A 478 19.34 -45.73 -10.46
CA HIS A 478 18.45 -46.87 -10.65
C HIS A 478 19.18 -48.18 -10.38
N LYS A 479 20.44 -48.27 -10.81
CA LYS A 479 21.23 -49.46 -10.53
C LYS A 479 21.46 -49.62 -9.03
N GLU A 480 21.74 -48.51 -8.35
CA GLU A 480 22.05 -48.58 -6.93
C GLU A 480 20.81 -48.90 -6.10
N PHE A 481 19.65 -48.36 -6.48
CA PHE A 481 18.42 -48.44 -5.70
C PHE A 481 17.30 -48.93 -6.59
N PRO A 482 17.34 -50.19 -7.01
CA PRO A 482 16.38 -50.67 -8.02
C PRO A 482 14.94 -50.65 -7.55
N ASN A 483 14.67 -50.53 -6.25
CA ASN A 483 13.31 -50.58 -5.76
C ASN A 483 12.75 -49.21 -5.35
N ILE A 484 13.54 -48.15 -5.48
CA ILE A 484 13.09 -46.80 -5.17
C ILE A 484 12.60 -46.15 -6.49
N PRO A 485 11.30 -45.91 -6.65
CA PRO A 485 10.84 -45.23 -7.87
C PRO A 485 11.44 -43.84 -7.98
N LEU A 486 12.10 -43.57 -9.12
CA LEU A 486 12.94 -42.38 -9.31
C LEU A 486 12.43 -41.52 -10.46
N GLY A 487 12.17 -40.24 -10.19
CA GLY A 487 11.73 -39.31 -11.20
C GLY A 487 12.72 -38.16 -11.35
N MET A 488 12.44 -37.29 -12.33
CA MET A 488 13.19 -36.05 -12.54
C MET A 488 12.28 -34.86 -12.27
N SER A 489 12.38 -34.28 -11.07
CA SER A 489 11.46 -33.24 -10.62
C SER A 489 11.87 -31.84 -11.01
N GLU A 490 13.12 -31.63 -11.40
CA GLU A 490 13.53 -30.41 -12.07
C GLU A 490 14.59 -30.76 -13.08
N TYR A 491 14.51 -30.13 -14.25
CA TYR A 491 15.58 -30.05 -15.22
C TYR A 491 15.20 -28.93 -16.18
N GLY A 492 16.20 -28.22 -16.67
CA GLY A 492 15.88 -27.07 -17.49
C GLY A 492 17.09 -26.20 -17.75
N CYS A 493 16.85 -25.12 -18.48
CA CYS A 493 17.90 -24.34 -19.13
C CYS A 493 17.30 -22.97 -19.39
N GLU A 494 18.11 -21.94 -19.24
CA GLU A 494 17.62 -20.57 -19.42
C GLU A 494 17.63 -20.19 -20.89
N ALA A 495 16.72 -19.31 -21.28
CA ALA A 495 16.63 -18.81 -22.65
C ALA A 495 15.84 -17.51 -22.66
N LEU A 496 16.40 -16.49 -23.30
CA LEU A 496 15.74 -15.22 -23.60
C LEU A 496 15.82 -14.98 -25.12
N ASN A 497 15.48 -13.78 -25.56
CA ASN A 497 15.55 -13.40 -26.97
C ASN A 497 17.01 -13.15 -27.44
N TRP A 498 17.84 -14.19 -27.33
CA TRP A 498 19.22 -14.17 -27.84
C TRP A 498 19.39 -15.33 -28.81
N HIS A 499 20.29 -15.17 -29.78
CA HIS A 499 20.37 -16.13 -30.86
C HIS A 499 21.81 -16.30 -31.33
N THR A 500 22.06 -17.45 -31.96
CA THR A 500 23.39 -17.90 -32.32
C THR A 500 23.23 -19.04 -33.31
N SER A 501 24.31 -19.28 -34.06
CA SER A 501 24.49 -20.48 -34.87
C SER A 501 25.53 -21.39 -34.25
N ASP A 502 26.04 -21.03 -33.09
CA ASP A 502 26.94 -21.88 -32.31
C ASP A 502 26.40 -21.95 -30.87
N PRO A 503 25.29 -22.68 -30.66
CA PRO A 503 24.69 -22.73 -29.30
C PRO A 503 25.62 -23.37 -28.29
N LYS A 504 25.72 -22.75 -27.12
CA LYS A 504 26.63 -23.18 -26.06
C LYS A 504 25.99 -22.85 -24.72
N GLN A 505 26.18 -23.75 -23.78
CA GLN A 505 25.85 -23.54 -22.38
C GLN A 505 26.26 -22.14 -21.91
N GLY A 506 25.29 -21.33 -21.51
CA GLY A 506 25.60 -20.01 -21.00
C GLY A 506 25.55 -18.85 -21.99
N ASP A 507 25.16 -19.08 -23.25
CA ASP A 507 24.89 -17.93 -24.11
C ASP A 507 23.45 -17.45 -23.96
N TYR A 508 22.64 -18.22 -23.24
CA TYR A 508 21.25 -17.89 -22.94
C TYR A 508 20.37 -17.82 -24.18
N THR A 509 20.76 -18.47 -25.28
CA THR A 509 20.01 -18.35 -26.51
C THR A 509 18.81 -19.29 -26.53
N GLU A 510 17.84 -18.93 -27.39
CA GLU A 510 16.74 -19.83 -27.70
C GLU A 510 17.22 -21.14 -28.32
N GLU A 511 18.31 -21.08 -29.10
CA GLU A 511 18.73 -22.27 -29.83
C GLU A 511 19.41 -23.27 -28.89
N TYR A 512 20.22 -22.79 -27.94
CA TYR A 512 20.83 -23.74 -27.03
C TYR A 512 19.79 -24.40 -26.13
N GLN A 513 18.80 -23.63 -25.65
CA GLN A 513 17.76 -24.23 -24.83
C GLN A 513 16.97 -25.26 -25.63
N ALA A 514 16.80 -25.01 -26.94
CA ALA A 514 16.13 -25.99 -27.80
C ALA A 514 16.93 -27.27 -27.91
N TYR A 515 18.23 -27.16 -28.16
CA TYR A 515 19.09 -28.34 -28.21
C TYR A 515 19.04 -29.09 -26.88
N TYR A 516 19.18 -28.37 -25.76
CA TYR A 516 19.16 -29.00 -24.44
C TYR A 516 17.92 -29.84 -24.25
N HIS A 517 16.75 -29.32 -24.62
CA HIS A 517 15.52 -30.03 -24.34
C HIS A 517 15.30 -31.19 -25.31
N GLU A 518 15.76 -31.04 -26.56
CA GLU A 518 15.81 -32.18 -27.49
C GLU A 518 16.55 -33.35 -26.87
N GLU A 519 17.72 -33.06 -26.30
CA GLU A 519 18.56 -34.11 -25.73
C GLU A 519 17.99 -34.66 -24.42
N MET A 520 17.37 -33.82 -23.60
CA MET A 520 16.70 -34.34 -22.41
C MET A 520 15.51 -35.22 -22.80
N ILE A 521 14.70 -34.76 -23.77
CA ILE A 521 13.60 -35.57 -24.26
C ILE A 521 14.11 -36.94 -24.69
N LYS A 522 15.17 -36.98 -25.49
CA LYS A 522 15.65 -38.27 -25.99
C LYS A 522 16.08 -39.18 -24.85
N GLN A 523 16.82 -38.64 -23.87
CA GLN A 523 17.26 -39.43 -22.72
C GLN A 523 16.09 -39.81 -21.81
N LEU A 524 15.20 -38.87 -21.50
CA LEU A 524 14.24 -39.09 -20.43
C LEU A 524 13.02 -39.86 -20.89
N PHE A 525 12.52 -39.53 -22.08
CA PHE A 525 11.26 -40.07 -22.56
C PHE A 525 11.38 -41.50 -23.04
N THR A 526 12.61 -42.03 -23.16
CA THR A 526 12.83 -43.41 -23.55
C THR A 526 13.23 -44.29 -22.37
N ARG A 527 13.23 -43.76 -21.14
CA ARG A 527 13.51 -44.57 -19.95
C ARG A 527 12.21 -44.72 -19.17
N LYS A 528 11.57 -45.88 -19.30
CA LYS A 528 10.25 -46.04 -18.70
C LYS A 528 10.32 -46.01 -17.18
N TYR A 529 11.45 -46.44 -16.59
CA TYR A 529 11.55 -46.45 -15.13
C TYR A 529 11.56 -45.05 -14.51
N ILE A 530 11.77 -43.99 -15.27
CA ILE A 530 11.66 -42.66 -14.68
C ILE A 530 10.18 -42.34 -14.51
N TRP A 531 9.70 -42.37 -13.26
CA TRP A 531 8.26 -42.39 -13.02
C TRP A 531 7.59 -41.06 -13.35
N ALA A 532 8.29 -39.93 -13.18
CA ALA A 532 7.76 -38.64 -13.63
C ALA A 532 8.88 -37.67 -13.96
N THR A 533 8.72 -36.95 -15.07
CA THR A 533 9.64 -35.89 -15.47
C THR A 533 8.91 -34.55 -15.50
N HIS A 534 9.55 -33.51 -14.95
CA HIS A 534 8.99 -32.17 -14.87
C HIS A 534 10.06 -31.17 -15.32
N VAL A 535 9.90 -30.69 -16.56
CA VAL A 535 10.64 -29.52 -17.04
C VAL A 535 10.51 -28.43 -16.00
N TRP A 536 11.65 -27.93 -15.52
CA TRP A 536 11.70 -26.63 -14.85
C TRP A 536 12.01 -25.59 -15.92
N ASN A 537 11.03 -24.75 -16.30
CA ASN A 537 9.68 -24.64 -15.75
C ASN A 537 8.77 -24.44 -16.99
N MET A 538 7.45 -24.52 -16.84
CA MET A 538 6.57 -24.23 -17.99
C MET A 538 6.67 -22.75 -18.38
N PHE A 539 6.74 -21.86 -17.40
CA PHE A 539 6.80 -20.43 -17.68
C PHE A 539 7.98 -19.80 -16.95
N ASP A 540 8.57 -18.78 -17.59
CA ASP A 540 9.40 -17.82 -16.87
C ASP A 540 8.63 -17.32 -15.66
N PHE A 541 9.36 -17.02 -14.57
CA PHE A 541 8.65 -16.63 -13.35
C PHE A 541 9.48 -15.64 -12.53
N GLY A 542 8.81 -15.06 -11.53
CA GLY A 542 9.39 -14.02 -10.72
C GLY A 542 10.36 -14.51 -9.67
N ALA A 543 11.57 -13.94 -9.69
CA ALA A 543 12.59 -14.29 -8.71
C ALA A 543 13.46 -13.05 -8.53
N ASP A 544 13.13 -12.23 -7.54
CA ASP A 544 13.67 -10.89 -7.47
C ASP A 544 15.16 -10.85 -7.24
N ALA A 545 15.74 -11.93 -6.73
CA ALA A 545 17.18 -12.03 -6.51
C ALA A 545 17.97 -12.42 -7.76
N ARG A 546 17.30 -12.80 -8.85
CA ARG A 546 18.00 -13.17 -10.07
C ARG A 546 18.45 -11.93 -10.84
N ASN A 547 19.70 -11.88 -11.24
CA ASN A 547 20.16 -10.72 -11.99
C ASN A 547 21.12 -11.24 -13.07
N GLU A 548 20.55 -11.86 -14.09
CA GLU A 548 21.34 -12.53 -15.12
C GLU A 548 20.53 -12.66 -16.40
N GLY A 549 21.23 -12.86 -17.51
CA GLY A 549 20.59 -13.13 -18.79
C GLY A 549 20.14 -11.92 -19.57
N GLY A 550 20.35 -10.72 -19.06
CA GLY A 550 19.91 -9.51 -19.72
C GLY A 550 18.62 -8.92 -19.18
N GLU A 551 17.84 -9.70 -18.42
CA GLU A 551 16.60 -9.21 -17.84
C GLU A 551 16.53 -9.73 -16.40
N ASN A 552 16.60 -8.82 -15.43
CA ASN A 552 16.72 -9.19 -14.03
C ASN A 552 15.35 -9.41 -13.36
N GLY A 553 15.38 -10.08 -12.23
CA GLY A 553 14.19 -10.44 -11.48
C GLY A 553 13.42 -11.64 -12.01
N GLN A 554 13.94 -12.38 -12.98
CA GLN A 554 13.23 -13.53 -13.52
C GLN A 554 14.17 -14.71 -13.71
N ASN A 555 13.64 -15.87 -13.39
CA ASN A 555 14.14 -17.14 -13.89
C ASN A 555 13.56 -17.37 -15.29
N HIS A 556 14.42 -17.47 -16.29
CA HIS A 556 13.98 -17.63 -17.68
C HIS A 556 14.12 -19.05 -18.18
N LYS A 557 14.03 -20.05 -17.30
CA LYS A 557 14.04 -21.43 -17.75
C LYS A 557 12.72 -21.87 -18.35
N GLY A 558 11.78 -20.94 -18.55
CA GLY A 558 10.48 -21.32 -19.05
C GLY A 558 10.52 -21.83 -20.48
N LEU A 559 9.50 -22.65 -20.80
CA LEU A 559 9.19 -22.96 -22.19
C LEU A 559 8.37 -21.86 -22.84
N VAL A 560 7.74 -21.02 -22.03
CA VAL A 560 6.89 -19.90 -22.42
C VAL A 560 7.31 -18.72 -21.55
N THR A 561 7.23 -17.52 -22.12
CA THR A 561 7.67 -16.33 -21.41
C THR A 561 6.71 -16.00 -20.25
N PHE A 562 7.14 -15.04 -19.43
CA PHE A 562 6.48 -14.71 -18.17
C PHE A 562 5.05 -14.22 -18.38
N ASP A 563 4.78 -13.49 -19.48
CA ASP A 563 3.46 -12.98 -19.77
C ASP A 563 2.59 -13.94 -20.57
N ARG A 564 3.13 -15.12 -20.92
CA ARG A 564 2.42 -16.18 -21.62
C ARG A 564 2.23 -15.89 -23.10
N LYS A 565 2.87 -14.85 -23.63
CA LYS A 565 2.61 -14.42 -24.99
C LYS A 565 3.51 -15.09 -26.00
N TYR A 566 4.64 -15.63 -25.58
CA TYR A 566 5.60 -16.18 -26.51
C TYR A 566 5.98 -17.61 -26.12
N LYS A 567 5.64 -18.56 -26.97
CA LYS A 567 6.08 -19.94 -26.81
C LYS A 567 7.47 -20.10 -27.43
N LYS A 568 8.47 -20.34 -26.59
CA LYS A 568 9.82 -20.58 -27.09
C LYS A 568 9.87 -21.86 -27.90
N ASP A 569 10.93 -22.00 -28.69
CA ASP A 569 11.07 -23.14 -29.58
C ASP A 569 11.01 -24.46 -28.81
N SER A 570 11.67 -24.51 -27.65
CA SER A 570 11.68 -25.71 -26.81
C SER A 570 10.26 -26.18 -26.48
N PHE A 571 9.30 -25.26 -26.36
CA PHE A 571 7.90 -25.64 -26.18
C PHE A 571 7.47 -26.61 -27.27
N TYR A 572 7.88 -26.39 -28.52
CA TYR A 572 7.39 -27.23 -29.61
C TYR A 572 8.15 -28.55 -29.72
N ALA A 573 9.39 -28.63 -29.23
CA ALA A 573 10.02 -29.94 -29.07
C ALA A 573 9.12 -30.86 -28.24
N TYR A 574 8.59 -30.36 -27.12
CA TYR A 574 7.73 -31.17 -26.26
C TYR A 574 6.37 -31.46 -26.90
N LYS A 575 5.75 -30.44 -27.51
CA LYS A 575 4.51 -30.66 -28.23
C LYS A 575 4.67 -31.73 -29.30
N ALA A 576 5.84 -31.80 -29.95
CA ALA A 576 6.01 -32.77 -31.02
C ALA A 576 6.02 -34.19 -30.47
N TRP A 577 6.44 -34.36 -29.22
CA TRP A 577 6.52 -35.67 -28.58
C TRP A 577 5.27 -36.05 -27.77
N LEU A 578 4.47 -35.08 -27.30
CA LEU A 578 3.40 -35.37 -26.37
C LEU A 578 2.00 -35.01 -26.84
N SER A 579 1.85 -34.16 -27.86
CA SER A 579 0.53 -33.75 -28.30
C SER A 579 0.09 -34.56 -29.52
N ASP A 580 -1.19 -34.86 -29.60
CA ASP A 580 -1.74 -35.47 -30.81
C ASP A 580 -2.40 -34.46 -31.75
N GLU A 581 -2.37 -33.16 -31.43
CA GLU A 581 -2.79 -32.12 -32.36
C GLU A 581 -1.77 -31.98 -33.49
N PRO A 582 -2.12 -32.32 -34.73
CA PRO A 582 -1.13 -32.23 -35.83
C PRO A 582 -0.65 -30.80 -36.03
N PHE A 583 0.67 -30.63 -36.09
CA PHE A 583 1.24 -29.31 -36.30
C PHE A 583 2.61 -29.46 -36.93
N VAL A 584 3.13 -28.33 -37.39
CA VAL A 584 4.49 -28.23 -37.87
C VAL A 584 4.99 -26.86 -37.45
N HIS A 585 6.15 -26.82 -36.79
CA HIS A 585 6.64 -25.59 -36.22
C HIS A 585 8.06 -25.32 -36.73
N LEU A 586 8.28 -24.10 -37.23
CA LEU A 586 9.59 -23.64 -37.65
C LEU A 586 10.31 -23.02 -36.45
N CYS A 587 11.50 -23.54 -36.14
CA CYS A 587 12.30 -22.92 -35.11
C CYS A 587 13.02 -21.70 -35.65
N GLY A 588 13.59 -20.92 -34.73
CA GLY A 588 14.45 -19.82 -35.07
C GLY A 588 13.80 -18.69 -35.83
N LYS A 589 12.48 -18.49 -35.70
CA LYS A 589 11.82 -17.38 -36.39
C LYS A 589 12.35 -16.01 -35.97
N ARG A 590 12.91 -15.89 -34.77
CA ARG A 590 13.45 -14.61 -34.32
C ARG A 590 14.93 -14.44 -34.63
N TYR A 591 15.58 -15.49 -35.10
CA TYR A 591 16.99 -15.37 -35.52
C TYR A 591 16.98 -15.10 -37.02
N VAL A 592 16.90 -13.83 -37.40
CA VAL A 592 16.70 -13.54 -38.82
C VAL A 592 18.01 -13.38 -39.59
N ASP A 593 18.88 -12.47 -39.14
CA ASP A 593 20.12 -12.18 -39.85
C ASP A 593 21.22 -13.19 -39.46
N ARG A 594 21.74 -13.89 -40.46
CA ARG A 594 22.74 -14.93 -40.27
C ARG A 594 23.93 -14.71 -41.20
N VAL A 595 25.14 -14.83 -40.65
CA VAL A 595 26.38 -14.68 -41.38
C VAL A 595 26.67 -15.86 -42.30
N GLU A 596 26.23 -17.07 -41.95
CA GLU A 596 26.70 -18.25 -42.66
C GLU A 596 26.01 -18.39 -44.01
N ASP A 597 26.78 -18.88 -44.98
CA ASP A 597 26.24 -19.12 -46.33
C ASP A 597 25.23 -20.27 -46.36
N THR A 598 25.37 -21.26 -45.48
CA THR A 598 24.40 -22.34 -45.34
C THR A 598 24.02 -22.49 -43.88
N THR A 599 22.72 -22.42 -43.58
CA THR A 599 22.27 -22.29 -42.20
C THR A 599 21.35 -23.45 -41.80
N LYS A 600 21.51 -23.90 -40.56
CA LYS A 600 20.65 -24.94 -40.02
C LYS A 600 19.27 -24.38 -39.73
N VAL A 601 18.25 -25.14 -40.09
CA VAL A 601 16.86 -24.76 -39.90
C VAL A 601 16.14 -25.99 -39.35
N THR A 602 15.77 -25.93 -38.08
CA THR A 602 15.10 -27.04 -37.43
C THR A 602 13.59 -26.87 -37.47
N VAL A 603 12.91 -27.94 -37.84
CA VAL A 603 11.45 -28.04 -37.75
C VAL A 603 11.10 -29.11 -36.73
N TYR A 604 10.12 -28.81 -35.87
CA TYR A 604 9.49 -29.80 -34.99
C TYR A 604 8.08 -30.05 -35.47
N SER A 605 7.66 -31.31 -35.33
CA SER A 605 6.40 -31.78 -35.88
C SER A 605 6.09 -33.17 -35.31
N ASN A 606 4.81 -33.42 -35.06
CA ASN A 606 4.34 -34.77 -34.73
C ASN A 606 3.86 -35.53 -35.96
N LEU A 607 4.02 -34.94 -37.16
CA LEU A 607 3.76 -35.64 -38.41
C LEU A 607 5.02 -36.40 -38.86
N PRO A 608 4.88 -37.41 -39.77
CA PRO A 608 6.02 -38.29 -40.08
C PRO A 608 7.08 -37.68 -41.00
N GLU A 609 6.70 -36.74 -41.85
CA GLU A 609 7.61 -36.23 -42.87
C GLU A 609 7.37 -34.74 -43.11
N VAL A 610 8.46 -33.98 -43.20
CA VAL A 610 8.39 -32.54 -43.43
C VAL A 610 9.20 -32.19 -44.68
N GLU A 611 8.67 -31.27 -45.47
CA GLU A 611 9.41 -30.71 -46.60
C GLU A 611 9.63 -29.22 -46.37
N LEU A 612 10.85 -28.76 -46.62
CA LEU A 612 11.22 -27.35 -46.45
C LEU A 612 11.41 -26.70 -47.82
N PHE A 613 10.83 -25.50 -47.98
CA PHE A 613 10.87 -24.74 -49.24
C PHE A 613 11.53 -23.40 -49.00
N VAL A 614 12.53 -23.06 -49.83
CA VAL A 614 13.31 -21.83 -49.68
C VAL A 614 12.99 -20.90 -50.85
N ASN A 615 12.35 -19.77 -50.57
CA ASN A 615 11.83 -18.90 -51.62
C ASN A 615 11.12 -19.73 -52.68
N GLY A 616 10.38 -20.74 -52.24
CA GLY A 616 9.49 -21.45 -53.12
C GLY A 616 10.04 -22.72 -53.73
N LYS A 617 11.32 -23.03 -53.56
CA LYS A 617 11.84 -24.29 -54.08
C LYS A 617 12.29 -25.21 -52.96
N SER A 618 11.98 -26.49 -53.13
CA SER A 618 12.26 -27.49 -52.11
C SER A 618 13.74 -27.61 -51.81
N ALA A 619 14.08 -27.57 -50.52
CA ALA A 619 15.39 -27.98 -50.04
C ALA A 619 15.36 -29.39 -49.49
N GLY A 620 14.31 -30.15 -49.80
CA GLY A 620 14.27 -31.57 -49.52
C GLY A 620 13.21 -31.95 -48.50
N LYS A 621 13.06 -33.26 -48.35
CA LYS A 621 12.15 -33.88 -47.40
C LYS A 621 12.95 -34.67 -46.36
N LEU A 622 12.41 -34.72 -45.14
CA LEU A 622 13.04 -35.46 -44.07
C LEU A 622 11.98 -36.25 -43.32
N GLN A 623 12.41 -37.34 -42.70
CA GLN A 623 11.55 -38.19 -41.89
C GLN A 623 12.26 -38.43 -40.55
N ALA A 624 11.92 -37.64 -39.53
CA ALA A 624 12.58 -37.68 -38.23
C ALA A 624 11.73 -38.46 -37.25
N GLU A 625 12.24 -39.60 -36.79
CA GLU A 625 11.48 -40.46 -35.90
C GLU A 625 11.34 -39.83 -34.53
N ASP A 626 12.34 -39.08 -34.09
CA ASP A 626 12.30 -38.38 -32.82
C ASP A 626 11.72 -36.97 -32.95
N HIS A 627 11.11 -36.66 -34.11
CA HIS A 627 10.39 -35.44 -34.42
C HIS A 627 11.27 -34.21 -34.57
N PHE A 628 12.58 -34.36 -34.66
CA PHE A 628 13.49 -33.21 -34.74
C PHE A 628 14.06 -33.16 -36.16
N PHE A 629 13.50 -32.30 -37.01
CA PHE A 629 13.86 -32.25 -38.44
C PHE A 629 14.91 -31.16 -38.63
N HIS A 630 16.16 -31.56 -38.83
CA HIS A 630 17.27 -30.62 -39.01
C HIS A 630 17.59 -30.48 -40.50
N PHE A 631 17.18 -29.36 -41.09
CA PHE A 631 17.49 -29.07 -42.48
C PHE A 631 18.71 -28.16 -42.55
N GLU A 632 19.43 -28.26 -43.67
CA GLU A 632 20.49 -27.33 -44.04
C GLU A 632 20.06 -26.55 -45.27
N VAL A 633 20.13 -25.22 -45.19
CA VAL A 633 19.45 -24.36 -46.14
C VAL A 633 20.39 -23.27 -46.66
N PRO A 634 20.42 -23.02 -47.97
CA PRO A 634 21.18 -21.89 -48.50
C PRO A 634 20.63 -20.59 -47.96
N ASN A 635 21.53 -19.69 -47.57
CA ASN A 635 21.20 -18.38 -47.01
C ASN A 635 21.73 -17.27 -47.92
N VAL A 636 20.93 -16.85 -48.89
CA VAL A 636 21.34 -15.81 -49.82
C VAL A 636 20.24 -14.74 -49.83
N GLY A 637 20.66 -13.47 -49.81
CA GLY A 637 19.71 -12.36 -49.74
C GLY A 637 18.69 -12.57 -48.64
N GLU A 638 17.44 -12.21 -48.94
CA GLU A 638 16.31 -12.46 -48.07
C GLU A 638 15.57 -13.68 -48.59
N SER A 639 15.22 -14.59 -47.68
CA SER A 639 14.56 -15.83 -48.05
C SER A 639 13.34 -16.07 -47.17
N THR A 640 12.29 -16.58 -47.78
CA THR A 640 11.11 -17.05 -47.09
C THR A 640 11.19 -18.57 -46.95
N LEU A 641 10.95 -19.07 -45.75
CA LEU A 641 11.05 -20.48 -45.44
C LEU A 641 9.65 -21.01 -45.17
N VAL A 642 9.27 -22.08 -45.84
CA VAL A 642 7.99 -22.74 -45.63
C VAL A 642 8.25 -24.23 -45.37
N ALA A 643 7.73 -24.74 -44.26
CA ALA A 643 7.81 -26.15 -43.95
C ALA A 643 6.43 -26.78 -44.10
N VAL A 644 6.37 -27.95 -44.74
CA VAL A 644 5.10 -28.56 -45.14
C VAL A 644 5.07 -30.01 -44.70
N ALA A 645 4.02 -30.38 -43.96
CA ALA A 645 3.82 -31.76 -43.52
C ALA A 645 2.33 -32.06 -43.66
N GLY A 646 1.98 -32.90 -44.64
CA GLY A 646 0.59 -33.15 -44.92
C GLY A 646 -0.07 -31.86 -45.34
N GLU A 647 -1.14 -31.50 -44.61
CA GLU A 647 -1.89 -30.26 -44.85
C GLU A 647 -1.57 -29.18 -43.83
N TYR A 648 -0.41 -29.25 -43.18
CA TYR A 648 -0.04 -28.27 -42.17
C TYR A 648 1.26 -27.59 -42.57
N LYS A 649 1.36 -26.30 -42.26
CA LYS A 649 2.40 -25.43 -42.78
C LYS A 649 2.86 -24.50 -41.68
N ASP A 650 4.09 -23.99 -41.84
CA ASP A 650 4.57 -22.89 -41.02
C ASP A 650 5.56 -22.10 -41.86
N GLU A 651 5.78 -20.85 -41.48
CA GLU A 651 6.54 -19.93 -42.32
C GLU A 651 7.53 -19.17 -41.47
N SER A 652 8.70 -18.88 -42.03
CA SER A 652 9.66 -18.02 -41.38
C SER A 652 10.44 -17.27 -42.44
N HIS A 653 11.42 -16.48 -42.01
CA HIS A 653 12.20 -15.67 -42.93
C HIS A 653 13.60 -15.50 -42.36
N ILE A 654 14.60 -15.56 -43.23
CA ILE A 654 15.98 -15.27 -42.83
C ILE A 654 16.58 -14.32 -43.84
N ARG A 655 17.72 -13.75 -43.49
CA ARG A 655 18.46 -13.02 -44.51
C ARG A 655 19.95 -13.02 -44.20
N LYS A 656 20.73 -12.88 -45.28
CA LYS A 656 22.17 -13.02 -45.25
C LYS A 656 22.85 -11.69 -44.91
N VAL A 657 23.82 -11.74 -44.01
CA VAL A 657 24.54 -10.56 -43.57
C VAL A 657 26.02 -10.93 -43.51
N ASP A 658 26.88 -9.91 -43.53
CA ASP A 658 28.31 -10.12 -43.50
C ASP A 658 28.89 -10.16 -42.09
N THR A 659 28.24 -9.51 -41.13
CA THR A 659 28.70 -9.56 -39.75
C THR A 659 27.54 -9.97 -38.84
N PHE A 660 27.88 -10.61 -37.74
CA PHE A 660 26.87 -11.06 -36.79
C PHE A 660 26.11 -9.88 -36.20
N ASN A 661 24.80 -10.01 -36.15
CA ASN A 661 23.95 -8.97 -35.56
C ASN A 661 24.19 -8.97 -34.06
N GLU A 662 24.99 -8.01 -33.59
CA GLU A 662 25.36 -7.93 -32.19
C GLU A 662 24.15 -7.80 -31.27
N GLU A 663 22.95 -7.53 -31.81
CA GLU A 663 21.74 -7.55 -31.00
C GLU A 663 21.28 -8.96 -30.66
N TYR A 664 21.80 -9.99 -31.34
CA TYR A 664 21.48 -11.35 -30.93
C TYR A 664 22.33 -11.80 -29.77
N SER A 665 23.35 -11.05 -29.39
CA SER A 665 24.38 -11.53 -28.47
C SER A 665 24.17 -10.90 -27.09
N LEU A 666 24.09 -11.75 -26.05
CA LEU A 666 23.98 -11.22 -24.70
C LEU A 666 25.21 -10.40 -24.32
N LYS A 667 26.38 -10.77 -24.80
CA LYS A 667 27.54 -9.90 -24.60
C LYS A 667 27.69 -8.86 -25.73
N ARG B 25 18.41 11.48 -32.81
CA ARG B 25 17.29 11.70 -31.90
C ARG B 25 16.71 10.37 -31.39
N GLU B 26 16.67 10.22 -30.08
CA GLU B 26 16.17 9.02 -29.43
C GLU B 26 15.13 9.36 -28.37
N VAL B 27 14.10 8.52 -28.28
CA VAL B 27 13.01 8.66 -27.32
C VAL B 27 13.12 7.52 -26.33
N ILE B 28 13.43 7.84 -25.06
CA ILE B 28 13.60 6.84 -24.02
C ILE B 28 12.32 6.75 -23.19
N ASN B 29 11.66 5.59 -23.27
CA ASN B 29 10.48 5.33 -22.45
C ASN B 29 10.81 5.44 -20.96
N PHE B 30 10.01 6.20 -20.24
CA PHE B 30 10.28 6.54 -18.83
C PHE B 30 9.08 6.16 -17.96
N ASN B 31 8.46 5.01 -18.25
CA ASN B 31 7.22 4.58 -17.61
C ASN B 31 7.42 3.69 -16.40
N THR B 32 8.56 3.02 -16.28
CA THR B 32 8.68 1.87 -15.40
C THR B 32 8.86 2.31 -13.96
N LYS B 33 7.99 1.80 -13.07
CA LYS B 33 8.20 1.81 -11.63
C LYS B 33 8.46 3.21 -11.09
N TRP B 34 7.42 4.02 -11.00
CA TRP B 34 7.47 5.25 -10.21
C TRP B 34 7.00 4.95 -8.80
N ALA B 35 7.52 5.71 -7.84
CA ALA B 35 6.95 5.70 -6.52
C ALA B 35 5.77 6.66 -6.49
N PHE B 36 4.74 6.32 -5.72
CA PHE B 36 3.47 7.03 -5.78
C PHE B 36 2.84 7.07 -4.40
N THR B 37 2.28 8.23 -4.03
CA THR B 37 1.38 8.31 -2.88
C THR B 37 0.33 9.40 -3.08
N LYS B 38 -0.76 9.24 -2.33
CA LYS B 38 -1.65 10.33 -1.97
C LYS B 38 -1.26 10.98 -0.65
N GLU B 39 -0.31 10.39 0.08
CA GLU B 39 -0.10 10.67 1.49
C GLU B 39 1.11 11.55 1.74
N ALA B 40 1.53 12.35 0.76
CA ALA B 40 2.71 13.19 0.89
C ALA B 40 2.33 14.66 0.72
N THR B 41 3.06 15.51 1.45
CA THR B 41 2.72 16.93 1.55
C THR B 41 3.91 17.82 1.21
N GLU B 42 4.92 17.25 0.55
CA GLU B 42 6.12 17.97 0.15
C GLU B 42 6.91 17.07 -0.77
N VAL B 43 7.58 17.66 -1.75
CA VAL B 43 8.43 16.84 -2.61
C VAL B 43 9.50 16.16 -1.75
N PRO B 44 9.69 14.84 -1.86
CA PRO B 44 10.70 14.16 -1.05
C PRO B 44 12.12 14.54 -1.49
N LYS B 45 13.02 14.67 -0.51
CA LYS B 45 14.37 15.06 -0.86
C LYS B 45 15.13 13.89 -1.47
N GLU B 46 14.91 12.67 -0.95
CA GLU B 46 15.51 11.47 -1.49
C GLU B 46 14.41 10.46 -1.82
N MET B 47 14.69 9.63 -2.83
CA MET B 47 13.81 8.58 -3.34
C MET B 47 13.02 7.87 -2.24
N PRO B 48 11.69 7.95 -2.28
CA PRO B 48 10.89 7.26 -1.26
C PRO B 48 11.05 5.76 -1.32
N GLU B 49 11.00 5.12 -0.14
CA GLU B 49 11.20 3.69 -0.03
C GLU B 49 9.95 2.92 0.40
N LYS B 50 8.90 3.60 0.88
CA LYS B 50 7.68 2.93 1.34
C LYS B 50 6.44 3.37 0.56
N TRP B 51 6.61 4.03 -0.58
CA TRP B 51 5.47 4.37 -1.43
C TRP B 51 5.01 3.18 -2.26
N TYR B 52 3.84 3.30 -2.84
CA TYR B 52 3.31 2.32 -3.76
C TYR B 52 4.03 2.43 -5.11
N TRP B 53 4.36 1.29 -5.72
CA TRP B 53 5.00 1.28 -7.03
C TRP B 53 3.95 1.18 -8.12
N VAL B 54 4.09 2.00 -9.16
CA VAL B 54 3.23 1.98 -10.33
C VAL B 54 4.11 2.04 -11.57
N THR B 55 3.62 1.48 -12.66
CA THR B 55 4.23 1.70 -13.97
C THR B 55 3.22 2.38 -14.87
N LEU B 56 3.63 3.45 -15.54
CA LEU B 56 2.71 4.23 -16.34
C LEU B 56 2.36 3.47 -17.63
N PRO B 57 1.17 3.71 -18.21
CA PRO B 57 0.04 4.59 -17.84
C PRO B 57 -0.57 4.27 -16.47
N HIS B 58 -0.89 5.30 -15.69
CA HIS B 58 -1.43 5.11 -14.34
C HIS B 58 -2.47 6.17 -14.00
N SER B 59 -3.56 5.74 -13.38
CA SER B 59 -4.51 6.61 -12.72
C SER B 59 -4.82 6.09 -11.33
N TRP B 60 -4.90 6.99 -10.37
CA TRP B 60 -5.29 6.59 -9.03
C TRP B 60 -6.79 6.55 -8.84
N ASN B 61 -7.58 6.78 -9.90
CA ASN B 61 -9.04 6.70 -9.83
C ASN B 61 -9.64 5.54 -10.62
N GLU B 62 -8.81 4.57 -11.04
CA GLU B 62 -9.28 3.45 -11.85
C GLU B 62 -10.36 2.63 -11.15
N ILE B 63 -10.39 2.63 -9.83
CA ILE B 63 -11.45 1.92 -9.12
C ILE B 63 -12.45 2.93 -8.57
N ASP B 64 -11.97 3.87 -7.73
CA ASP B 64 -12.91 4.72 -7.02
C ASP B 64 -13.56 5.79 -7.90
N GLY B 65 -13.25 5.84 -9.18
CA GLY B 65 -13.93 6.75 -10.07
C GLY B 65 -14.80 6.07 -11.09
N GLN B 66 -15.13 4.79 -10.83
CA GLN B 66 -15.94 4.03 -11.76
C GLN B 66 -17.07 3.28 -11.06
N ASP B 67 -17.44 3.69 -9.84
CA ASP B 67 -18.31 2.89 -8.98
C ASP B 67 -19.34 3.71 -8.20
N GLY B 68 -19.43 5.03 -8.41
CA GLY B 68 -20.51 5.82 -7.85
C GLY B 68 -20.09 6.67 -6.68
N GLY B 69 -21.06 7.41 -6.15
CA GLY B 69 -20.86 8.26 -4.98
C GLY B 69 -20.20 9.61 -5.25
N ASN B 70 -19.80 9.90 -6.48
CA ASN B 70 -19.03 11.09 -6.82
C ASN B 70 -17.95 11.38 -5.77
N ASP B 71 -17.24 10.34 -5.35
CA ASP B 71 -16.33 10.43 -4.22
C ASP B 71 -14.90 10.07 -4.59
N TYR B 72 -14.60 9.86 -5.86
CA TYR B 72 -13.24 9.52 -6.26
C TYR B 72 -12.24 10.55 -5.74
N TYR B 73 -11.07 10.07 -5.34
CA TYR B 73 -10.10 10.92 -4.68
C TYR B 73 -9.60 12.02 -5.63
N ARG B 74 -9.79 13.27 -5.21
CA ARG B 74 -9.35 14.44 -5.97
C ARG B 74 -8.46 15.29 -5.07
N GLY B 75 -7.28 15.62 -5.58
CA GLY B 75 -6.26 16.28 -4.78
C GLY B 75 -4.91 16.12 -5.45
N THR B 76 -3.86 16.28 -4.65
CA THR B 76 -2.48 16.32 -5.14
C THR B 76 -1.77 15.06 -4.70
N CYS B 77 -1.11 14.38 -5.65
CA CYS B 77 -0.39 13.13 -5.41
C CYS B 77 0.99 13.23 -6.04
N TYR B 78 1.92 12.40 -5.57
CA TYR B 78 3.31 12.53 -5.99
C TYR B 78 3.80 11.27 -6.69
N TYR B 79 4.57 11.47 -7.75
CA TYR B 79 5.29 10.41 -8.42
C TYR B 79 6.78 10.72 -8.35
N ALA B 80 7.59 9.75 -7.90
CA ALA B 80 9.03 9.90 -7.83
C ALA B 80 9.72 8.80 -8.62
N LYS B 81 10.88 9.13 -9.21
CA LYS B 81 11.67 8.18 -9.97
C LYS B 81 13.05 8.79 -10.26
N GLN B 82 14.09 7.96 -10.13
CA GLN B 82 15.44 8.43 -10.39
C GLN B 82 15.80 8.37 -11.86
N LEU B 83 16.42 9.44 -12.35
CA LEU B 83 16.99 9.50 -13.69
C LEU B 83 18.50 9.37 -13.57
N LYS B 84 19.07 8.37 -14.24
CA LYS B 84 20.48 8.05 -14.15
C LYS B 84 21.18 8.46 -15.45
N LYS B 85 22.11 9.41 -15.35
CA LYS B 85 22.85 9.83 -16.52
C LYS B 85 23.58 8.65 -17.17
N SER B 86 24.09 7.72 -16.36
CA SER B 86 24.82 6.58 -16.89
C SER B 86 23.95 5.77 -17.85
N GLU B 87 22.67 5.60 -17.54
CA GLU B 87 21.75 4.86 -18.39
C GLU B 87 21.22 5.68 -19.57
N LEU B 88 21.71 6.90 -19.76
CA LEU B 88 21.18 7.72 -20.84
C LEU B 88 22.10 7.68 -22.06
N PRO B 89 21.54 7.90 -23.25
CA PRO B 89 22.39 8.15 -24.42
C PRO B 89 23.14 9.46 -24.27
N GLU B 90 24.22 9.59 -25.04
CA GLU B 90 24.90 10.86 -25.15
C GLU B 90 24.15 11.74 -26.13
N ALA B 91 23.82 12.95 -25.68
CA ALA B 91 23.21 13.97 -26.53
C ALA B 91 23.42 15.31 -25.84
N ASP B 92 23.12 16.38 -26.56
CA ASP B 92 23.36 17.70 -26.01
C ASP B 92 22.22 18.24 -25.17
N CYS B 93 21.01 17.72 -25.34
CA CYS B 93 19.86 18.18 -24.58
C CYS B 93 18.99 17.00 -24.19
N TYR B 94 18.33 17.12 -23.04
CA TYR B 94 17.46 16.07 -22.51
C TYR B 94 16.11 16.67 -22.15
N TYR B 95 15.05 16.21 -22.80
CA TYR B 95 13.70 16.67 -22.53
C TYR B 95 12.90 15.62 -21.76
N LEU B 96 12.12 16.07 -20.78
CA LEU B 96 11.04 15.31 -20.17
C LEU B 96 9.76 15.57 -20.95
N GLU B 97 9.15 14.51 -21.50
CA GLU B 97 7.91 14.61 -22.28
C GLU B 97 6.78 13.88 -21.57
N LEU B 98 5.71 14.60 -21.29
CA LEU B 98 4.52 14.07 -20.63
C LEU B 98 3.36 14.11 -21.61
N ARG B 99 2.85 12.93 -21.98
CA ARG B 99 1.77 12.87 -22.96
C ARG B 99 0.41 13.12 -22.33
N GLY B 100 0.28 12.95 -21.01
CA GLY B 100 -0.94 13.26 -20.30
C GLY B 100 -0.81 13.25 -18.78
N ALA B 101 -0.91 14.41 -18.13
CA ALA B 101 -1.01 14.50 -16.68
C ALA B 101 -2.30 15.23 -16.29
N ASN B 102 -3.23 14.50 -15.69
CA ASN B 102 -4.57 15.01 -15.39
C ASN B 102 -4.67 15.35 -13.92
N ALA B 103 -4.86 16.64 -13.58
CA ALA B 103 -5.14 17.74 -14.51
C ALA B 103 -4.03 18.78 -14.54
N SER B 104 -3.55 19.17 -13.36
CA SER B 104 -2.46 20.12 -13.21
C SER B 104 -1.25 19.42 -12.62
N ALA B 105 -0.05 19.84 -13.04
CA ALA B 105 1.13 19.05 -12.72
C ALA B 105 2.34 19.96 -12.52
N ASP B 106 3.18 19.56 -11.57
CA ASP B 106 4.42 20.27 -11.22
C ASP B 106 5.57 19.27 -11.28
N VAL B 107 6.59 19.60 -12.09
CA VAL B 107 7.76 18.78 -12.31
C VAL B 107 8.91 19.33 -11.48
N TYR B 108 9.59 18.44 -10.76
CA TYR B 108 10.76 18.78 -9.97
C TYR B 108 11.92 17.88 -10.38
N VAL B 109 13.12 18.46 -10.39
CA VAL B 109 14.37 17.72 -10.59
C VAL B 109 15.30 18.10 -9.44
N ASN B 110 15.64 17.11 -8.60
CA ASN B 110 16.56 17.32 -7.48
C ASN B 110 16.05 18.41 -6.54
N GLY B 111 14.72 18.51 -6.43
CA GLY B 111 14.06 19.42 -5.53
C GLY B 111 13.68 20.77 -6.11
N LYS B 112 13.96 21.00 -7.40
CA LYS B 112 13.80 22.30 -8.03
C LYS B 112 12.66 22.28 -9.04
N ALA B 113 11.77 23.27 -8.96
CA ALA B 113 10.65 23.41 -9.87
C ALA B 113 11.13 23.80 -11.27
N VAL B 114 10.72 23.05 -12.29
CA VAL B 114 11.22 23.25 -13.64
C VAL B 114 10.10 23.40 -14.66
N ALA B 115 8.87 23.07 -14.29
CA ALA B 115 7.76 23.22 -15.25
C ALA B 115 6.44 23.13 -14.51
N HIS B 116 5.42 23.79 -15.05
CA HIS B 116 4.06 23.67 -14.54
C HIS B 116 3.11 23.64 -15.71
N HIS B 117 2.05 22.84 -15.58
CA HIS B 117 1.10 22.72 -16.68
C HIS B 117 -0.33 22.55 -16.17
N ASP B 118 -1.27 23.21 -16.83
CA ASP B 118 -2.69 23.04 -16.60
C ASP B 118 -3.31 22.59 -17.91
N GLY B 119 -4.01 21.45 -17.87
CA GLY B 119 -4.45 20.78 -19.08
C GLY B 119 -4.08 19.31 -19.04
N GLY B 120 -5.06 18.46 -18.76
CA GLY B 120 -4.78 17.05 -18.56
C GLY B 120 -4.77 16.20 -19.81
N TYR B 121 -4.88 16.77 -21.01
CA TYR B 121 -5.14 15.96 -22.19
C TYR B 121 -4.17 16.22 -23.33
N SER B 122 -3.09 16.93 -23.07
CA SER B 122 -2.18 17.34 -24.13
C SER B 122 -0.75 17.03 -23.73
N THR B 123 0.13 16.97 -24.73
CA THR B 123 1.56 16.79 -24.47
C THR B 123 2.17 18.09 -23.98
N TRP B 124 3.16 17.98 -23.08
CA TRP B 124 3.99 19.13 -22.70
C TRP B 124 5.39 18.66 -22.36
N ARG B 125 6.36 19.56 -22.51
CA ARG B 125 7.76 19.19 -22.36
C ARG B 125 8.51 20.25 -21.59
N VAL B 126 9.66 19.85 -21.06
CA VAL B 126 10.60 20.72 -20.37
C VAL B 126 12.00 20.16 -20.56
N ASP B 127 12.92 21.02 -21.01
CA ASP B 127 14.34 20.68 -21.03
C ASP B 127 14.86 20.62 -19.61
N ILE B 128 15.44 19.49 -19.23
CA ILE B 128 15.95 19.30 -17.87
C ILE B 128 17.47 19.24 -17.84
N THR B 129 18.12 19.46 -18.98
CA THR B 129 19.55 19.25 -19.12
C THR B 129 20.36 19.91 -18.01
N LYS B 130 20.19 21.22 -17.83
CA LYS B 130 20.96 21.95 -16.83
C LYS B 130 20.71 21.50 -15.40
N GLU B 131 19.71 20.65 -15.16
CA GLU B 131 19.45 20.17 -13.80
C GLU B 131 20.02 18.79 -13.51
N LEU B 132 20.47 18.05 -14.51
CA LEU B 132 20.96 16.68 -14.29
C LEU B 132 22.36 16.71 -13.67
N THR B 133 22.43 17.33 -12.49
CA THR B 133 23.72 17.62 -11.88
C THR B 133 24.46 16.33 -11.56
N GLU B 134 23.75 15.34 -11.06
CA GLU B 134 24.32 14.15 -10.47
C GLU B 134 24.23 13.00 -11.45
N GLU B 135 24.73 11.85 -10.99
CA GLU B 135 24.48 10.60 -11.70
C GLU B 135 23.08 10.06 -11.39
N GLU B 136 22.54 10.38 -10.21
CA GLU B 136 21.24 9.88 -9.77
C GLU B 136 20.36 11.08 -9.43
N ASN B 137 19.48 11.47 -10.35
CA ASN B 137 18.64 12.65 -10.20
C ASN B 137 17.19 12.28 -9.88
N LEU B 138 16.62 12.96 -8.91
CA LEU B 138 15.27 12.68 -8.46
C LEU B 138 14.26 13.52 -9.25
N ILE B 139 13.43 12.86 -10.03
CA ILE B 139 12.30 13.48 -10.71
C ILE B 139 11.08 13.25 -9.82
N VAL B 140 10.51 14.34 -9.30
CA VAL B 140 9.20 14.30 -8.66
C VAL B 140 8.22 15.02 -9.58
N ILE B 141 7.07 14.40 -9.80
CA ILE B 141 5.99 15.01 -10.55
C ILE B 141 4.78 14.96 -9.64
N ALA B 142 4.20 16.14 -9.37
CA ALA B 142 3.00 16.25 -8.57
C ALA B 142 1.82 16.41 -9.53
N VAL B 143 0.75 15.66 -9.30
CA VAL B 143 -0.40 15.76 -10.19
C VAL B 143 -1.64 16.02 -9.33
N GLU B 144 -2.43 16.98 -9.77
CA GLU B 144 -3.56 17.50 -9.02
C GLU B 144 -4.79 17.47 -9.92
N ASN B 145 -5.91 16.95 -9.40
CA ASN B 145 -7.17 16.88 -10.13
C ASN B 145 -8.35 17.36 -9.25
N GLY B 146 -8.09 18.36 -8.40
CA GLY B 146 -9.08 18.90 -7.48
C GLY B 146 -10.01 19.90 -8.12
N VAL B 147 -10.74 20.64 -7.26
CA VAL B 147 -11.78 21.59 -7.68
C VAL B 147 -11.22 23.01 -7.70
N ASN B 148 -11.50 23.74 -8.77
CA ASN B 148 -11.10 25.15 -8.87
C ASN B 148 -11.91 25.81 -9.99
N ASP B 149 -11.91 27.13 -10.00
CA ASP B 149 -12.69 27.87 -10.99
C ASP B 149 -11.83 28.30 -12.17
N ARG B 150 -10.83 27.48 -12.52
CA ARG B 150 -9.70 27.87 -13.36
C ARG B 150 -9.34 26.86 -14.46
N VAL B 151 -9.46 25.56 -14.22
CA VAL B 151 -8.94 24.55 -15.13
C VAL B 151 -10.09 23.69 -15.60
N TYR B 152 -10.38 23.73 -16.90
CA TYR B 152 -11.41 22.85 -17.43
C TYR B 152 -10.89 21.42 -17.56
N PRO B 153 -11.77 20.43 -17.37
CA PRO B 153 -13.20 20.50 -17.03
C PRO B 153 -13.42 20.66 -15.53
N GLN B 154 -14.59 21.15 -15.13
CA GLN B 154 -14.87 21.21 -13.70
C GLN B 154 -16.25 20.63 -13.43
N ASN B 155 -17.14 20.75 -14.40
CA ASN B 155 -18.51 20.25 -14.25
C ASN B 155 -18.83 19.51 -15.53
N ALA B 156 -18.96 18.19 -15.43
CA ALA B 156 -19.28 17.39 -16.61
C ALA B 156 -19.62 15.98 -16.16
N ASP B 157 -20.23 15.24 -17.07
CA ASP B 157 -20.72 13.88 -16.82
C ASP B 157 -19.64 12.83 -17.05
N PHE B 158 -18.46 13.00 -16.45
CA PHE B 158 -17.41 12.00 -16.58
C PHE B 158 -16.36 12.25 -15.50
N THR B 159 -15.60 11.20 -15.21
CA THR B 159 -14.60 11.21 -14.15
C THR B 159 -13.36 11.93 -14.64
N PHE B 160 -12.84 12.83 -13.81
CA PHE B 160 -11.55 13.47 -14.08
C PHE B 160 -10.43 12.65 -13.43
N TYR B 161 -10.20 11.49 -14.06
CA TYR B 161 -9.22 10.52 -13.55
C TYR B 161 -7.86 11.17 -13.42
N GLY B 162 -7.31 11.17 -12.20
CA GLY B 162 -6.03 11.81 -11.93
C GLY B 162 -4.84 10.92 -12.21
N GLY B 163 -3.71 11.54 -12.55
CA GLY B 163 -2.43 10.85 -12.62
C GLY B 163 -1.77 10.93 -14.00
N LEU B 164 -0.61 10.29 -14.07
CA LEU B 164 0.17 10.19 -15.29
C LEU B 164 -0.36 9.01 -16.10
N TYR B 165 -1.52 9.22 -16.73
CA TYR B 165 -2.28 8.16 -17.39
C TYR B 165 -1.83 7.93 -18.83
N ARG B 166 -0.90 8.72 -19.33
CA ARG B 166 -0.24 8.47 -20.60
C ARG B 166 1.25 8.48 -20.39
N ASP B 167 1.97 7.90 -21.36
CA ASP B 167 3.41 7.71 -21.29
C ASP B 167 4.15 8.96 -20.84
N VAL B 168 5.25 8.74 -20.13
CA VAL B 168 6.27 9.77 -19.90
C VAL B 168 7.55 9.33 -20.61
N ASN B 169 8.11 10.21 -21.44
CA ASN B 169 9.31 9.93 -22.20
C ASN B 169 10.42 10.91 -21.86
N ILE B 170 11.65 10.47 -22.09
CA ILE B 170 12.82 11.34 -22.11
C ILE B 170 13.26 11.46 -23.56
N ILE B 171 13.52 12.69 -23.99
CA ILE B 171 13.95 12.97 -25.35
C ILE B 171 15.36 13.54 -25.29
N ALA B 172 16.32 12.81 -25.85
CA ALA B 172 17.70 13.25 -25.97
C ALA B 172 17.93 13.72 -27.40
N VAL B 173 18.40 14.97 -27.55
CA VAL B 173 18.58 15.59 -28.86
C VAL B 173 19.87 16.41 -28.90
N ASN B 174 20.34 16.64 -30.12
CA ASN B 174 21.48 17.51 -30.38
C ASN B 174 21.11 18.96 -30.08
N LYS B 175 22.11 19.74 -29.65
CA LYS B 175 22.00 21.16 -29.32
C LYS B 175 21.10 21.91 -30.28
N SER B 176 21.25 21.64 -31.56
CA SER B 176 20.33 22.13 -32.58
C SER B 176 19.36 21.00 -32.91
N HIS B 177 18.08 21.30 -32.94
CA HIS B 177 17.04 20.28 -33.07
C HIS B 177 15.73 20.95 -33.45
N PHE B 178 14.84 20.16 -34.01
CA PHE B 178 13.51 20.68 -34.30
C PHE B 178 12.79 20.98 -32.98
N ASP B 179 11.93 22.00 -33.02
CA ASP B 179 11.44 22.63 -31.80
C ASP B 179 10.68 21.64 -30.91
N LEU B 180 10.99 21.68 -29.62
CA LEU B 180 10.38 20.82 -28.61
C LEU B 180 9.62 21.60 -27.55
N ASP B 181 9.58 22.93 -27.66
CA ASP B 181 9.11 23.79 -26.58
C ASP B 181 7.90 24.61 -26.97
N TYR B 182 7.33 24.39 -28.14
CA TYR B 182 6.14 25.14 -28.57
C TYR B 182 4.90 24.25 -28.43
N TYR B 183 4.30 24.28 -27.23
CA TYR B 183 2.99 23.68 -26.97
C TYR B 183 2.94 22.20 -27.31
N GLY B 184 4.04 21.49 -27.05
CA GLY B 184 4.04 20.05 -27.25
C GLY B 184 3.83 19.60 -28.67
N GLY B 185 4.07 20.48 -29.65
CA GLY B 185 3.88 20.14 -31.05
C GLY B 185 5.02 19.34 -31.62
N PRO B 186 4.78 18.75 -32.80
CA PRO B 186 5.79 17.85 -33.39
C PRO B 186 6.99 18.57 -33.97
N GLY B 187 6.95 19.90 -34.11
CA GLY B 187 8.08 20.63 -34.68
C GLY B 187 8.05 20.67 -36.18
N ILE B 188 6.90 20.36 -36.78
CA ILE B 188 6.78 20.16 -38.20
C ILE B 188 5.29 20.21 -38.53
N LYS B 189 4.95 20.85 -39.64
CA LYS B 189 3.57 21.18 -39.95
C LYS B 189 3.40 21.04 -41.44
N VAL B 190 2.32 20.38 -41.86
CA VAL B 190 2.17 19.89 -43.23
C VAL B 190 0.82 20.30 -43.76
N THR B 191 0.80 21.04 -44.86
CA THR B 191 -0.44 21.56 -45.43
C THR B 191 -0.56 21.29 -46.92
N PRO B 192 -1.41 20.37 -47.35
CA PRO B 192 -1.61 20.11 -48.78
C PRO B 192 -2.69 20.97 -49.41
N GLU B 193 -2.41 21.48 -50.60
CA GLU B 193 -3.45 21.99 -51.47
C GLU B 193 -3.60 21.04 -52.65
N ILE B 194 -4.84 20.65 -52.92
CA ILE B 194 -5.15 19.81 -54.07
C ILE B 194 -5.24 20.73 -55.29
N LYS B 195 -4.31 20.58 -56.21
CA LYS B 195 -4.39 21.25 -57.50
C LYS B 195 -4.69 20.15 -58.53
N GLY B 196 -5.97 19.98 -58.85
CA GLY B 196 -6.42 19.01 -59.82
C GLY B 196 -6.18 17.58 -59.40
N ALA B 197 -5.37 16.85 -60.18
CA ALA B 197 -4.94 15.51 -59.81
C ALA B 197 -3.57 15.51 -59.16
N ASP B 198 -2.93 16.67 -59.03
CA ASP B 198 -1.70 16.77 -58.28
C ASP B 198 -2.01 17.39 -56.92
N ALA B 199 -0.97 17.51 -56.09
CA ALA B 199 -1.10 18.23 -54.85
C ALA B 199 0.23 18.91 -54.59
N SER B 200 0.19 20.10 -54.03
CA SER B 200 1.38 20.73 -53.49
C SER B 200 1.26 20.68 -51.98
N VAL B 201 2.36 20.41 -51.31
CA VAL B 201 2.36 20.20 -49.88
C VAL B 201 3.38 21.15 -49.26
N GLU B 202 2.91 22.04 -48.40
CA GLU B 202 3.79 22.90 -47.64
C GLU B 202 4.21 22.18 -46.37
N VAL B 203 5.51 22.06 -46.19
CA VAL B 203 6.08 21.40 -45.03
C VAL B 203 6.90 22.44 -44.32
N GLU B 204 6.33 23.04 -43.28
CA GLU B 204 7.04 24.01 -42.47
C GLU B 204 7.56 23.31 -41.23
N VAL B 205 8.74 23.73 -40.76
CA VAL B 205 9.38 23.15 -39.60
C VAL B 205 9.79 24.28 -38.68
N PHE B 206 10.27 23.91 -37.49
CA PHE B 206 10.61 24.89 -36.46
C PHE B 206 11.84 24.37 -35.73
N LEU B 207 12.82 25.26 -35.53
CA LEU B 207 14.11 24.87 -35.00
C LEU B 207 14.46 25.70 -33.77
N THR B 208 15.31 25.12 -32.92
CA THR B 208 15.79 25.77 -31.72
C THR B 208 17.32 25.71 -31.71
N ASN B 209 17.96 26.88 -31.63
CA ASN B 209 19.41 27.02 -31.63
C ASN B 209 20.04 26.47 -32.90
N ALA B 210 19.52 26.88 -34.04
CA ALA B 210 20.12 26.44 -35.30
C ALA B 210 21.32 27.31 -35.66
N ALA B 211 22.12 26.81 -36.61
CA ALA B 211 23.22 27.54 -37.24
C ALA B 211 22.96 27.60 -38.74
N ALA B 212 23.16 28.79 -39.32
CA ALA B 212 23.03 28.95 -40.78
C ALA B 212 24.02 28.08 -41.55
N ASP B 213 25.03 27.52 -40.87
CA ASP B 213 25.86 26.48 -41.45
C ASP B 213 25.05 25.31 -41.98
N GLN B 214 23.94 25.00 -41.31
CA GLN B 214 23.21 23.76 -41.50
C GLN B 214 22.18 23.86 -42.62
N LYS B 215 21.81 22.70 -43.14
CA LYS B 215 20.82 22.55 -44.20
C LYS B 215 19.59 21.83 -43.66
N LEU B 216 18.55 21.78 -44.50
CA LEU B 216 17.34 21.04 -44.20
C LEU B 216 16.94 20.26 -45.44
N VAL B 217 16.64 18.96 -45.25
CA VAL B 217 16.22 18.09 -46.35
C VAL B 217 14.77 17.70 -46.13
N TYR B 218 13.91 18.09 -47.05
CA TYR B 218 12.49 17.77 -47.02
C TYR B 218 12.24 16.57 -47.92
N THR B 219 11.67 15.52 -47.37
CA THR B 219 11.33 14.36 -48.19
C THR B 219 9.90 13.94 -47.92
N VAL B 220 9.17 13.62 -48.98
CA VAL B 220 7.88 12.96 -48.89
C VAL B 220 8.06 11.55 -49.42
N LYS B 221 7.58 10.56 -48.66
CA LYS B 221 7.56 9.17 -49.07
C LYS B 221 6.12 8.74 -49.30
N ASP B 222 5.93 7.81 -50.24
CA ASP B 222 4.59 7.32 -50.54
C ASP B 222 4.23 6.20 -49.56
N ALA B 223 3.15 5.49 -49.86
CA ALA B 223 2.72 4.40 -48.97
C ALA B 223 3.73 3.27 -48.91
N GLU B 224 4.68 3.20 -49.86
CA GLU B 224 5.64 2.12 -49.92
C GLU B 224 7.01 2.52 -49.42
N GLY B 225 7.11 3.63 -48.69
CA GLY B 225 8.42 4.11 -48.33
C GLY B 225 9.22 4.66 -49.49
N LYS B 226 8.61 4.70 -50.68
CA LYS B 226 9.28 5.13 -51.89
C LYS B 226 9.29 6.65 -51.97
N GLU B 227 10.49 7.24 -51.94
CA GLU B 227 10.67 8.68 -51.98
C GLU B 227 10.07 9.28 -53.24
N VAL B 228 9.12 10.19 -53.07
CA VAL B 228 8.37 10.74 -54.18
C VAL B 228 8.65 12.23 -54.39
N ALA B 229 9.26 12.91 -53.44
CA ALA B 229 9.65 14.29 -53.67
C ALA B 229 10.72 14.66 -52.65
N LYS B 230 11.65 15.50 -53.09
CA LYS B 230 12.74 15.95 -52.22
C LYS B 230 13.18 17.34 -52.65
N THR B 231 13.69 18.09 -51.68
CA THR B 231 14.21 19.43 -51.91
C THR B 231 15.03 19.80 -50.70
N GLU B 232 16.00 20.70 -50.89
CA GLU B 232 16.93 21.02 -49.82
C GLU B 232 17.15 22.53 -49.78
N THR B 233 16.84 23.12 -48.63
CA THR B 233 16.99 24.54 -48.38
C THR B 233 18.08 24.73 -47.32
N ALA B 234 18.22 25.96 -46.85
CA ALA B 234 19.10 26.26 -45.73
C ALA B 234 18.31 26.21 -44.43
N ALA B 235 19.04 26.11 -43.32
CA ALA B 235 18.41 26.09 -42.00
C ALA B 235 17.68 27.40 -41.67
N GLY B 236 17.99 28.49 -42.37
CA GLY B 236 17.23 29.73 -42.21
C GLY B 236 15.94 29.78 -43.02
N GLU B 237 15.82 28.92 -44.03
CA GLU B 237 14.61 28.77 -44.84
C GLU B 237 13.83 27.58 -44.29
N THR B 238 12.88 27.85 -43.39
CA THR B 238 12.24 26.83 -42.57
C THR B 238 10.90 26.37 -43.14
N LYS B 239 10.69 26.56 -44.44
CA LYS B 239 9.45 26.20 -45.11
C LYS B 239 9.81 25.71 -46.49
N ALA B 240 9.01 24.78 -47.03
CA ALA B 240 9.25 24.29 -48.37
C ALA B 240 7.94 23.76 -48.92
N VAL B 241 7.79 23.84 -50.23
CA VAL B 241 6.62 23.32 -50.93
C VAL B 241 7.11 22.21 -51.83
N LEU B 242 6.61 21.00 -51.58
CA LEU B 242 6.92 19.86 -52.42
C LEU B 242 5.71 19.60 -53.30
N SER B 243 5.95 18.99 -54.45
CA SER B 243 4.89 18.66 -55.38
C SER B 243 4.65 17.16 -55.36
N ILE B 244 3.40 16.76 -55.52
CA ILE B 244 3.09 15.35 -55.55
C ILE B 244 2.11 15.12 -56.69
N PRO B 245 2.58 14.61 -57.82
CA PRO B 245 1.71 14.46 -58.99
C PRO B 245 0.93 13.16 -58.88
N ALA B 246 -0.21 13.14 -59.54
CA ALA B 246 -1.10 11.98 -59.51
C ALA B 246 -1.36 11.54 -58.07
N VAL B 247 -1.50 12.53 -57.18
CA VAL B 247 -1.55 12.29 -55.74
C VAL B 247 -2.63 11.26 -55.42
N HIS B 248 -2.32 10.35 -54.51
CA HIS B 248 -3.35 9.47 -53.95
C HIS B 248 -4.09 10.25 -52.86
N LEU B 249 -5.38 10.50 -53.08
CA LEU B 249 -6.18 11.23 -52.10
C LEU B 249 -6.46 10.40 -50.86
N TRP B 250 -6.42 11.03 -49.70
CA TRP B 250 -7.00 10.42 -48.51
C TRP B 250 -8.52 10.49 -48.64
N ASN B 251 -9.16 9.34 -48.86
CA ASN B 251 -10.58 9.39 -49.21
C ASN B 251 -11.43 8.59 -48.22
N GLY B 252 -11.19 8.79 -46.92
CA GLY B 252 -12.00 8.15 -45.90
C GLY B 252 -11.73 6.65 -45.83
N LYS B 253 -12.78 5.89 -45.52
CA LYS B 253 -12.61 4.44 -45.46
C LYS B 253 -12.39 3.84 -46.84
N LYS B 254 -12.80 4.55 -47.90
CA LYS B 254 -12.65 4.00 -49.26
C LYS B 254 -11.18 3.73 -49.57
N ASP B 255 -10.29 4.60 -49.10
CA ASP B 255 -8.86 4.53 -49.36
C ASP B 255 -8.15 5.57 -48.50
N PRO B 256 -7.82 5.22 -47.25
CA PRO B 256 -7.23 6.18 -46.29
C PRO B 256 -5.74 6.42 -46.51
N TYR B 257 -5.39 6.86 -47.71
CA TYR B 257 -4.00 6.92 -48.14
C TYR B 257 -3.20 7.97 -47.36
N LEU B 258 -2.08 7.54 -46.79
CA LEU B 258 -1.20 8.40 -46.01
C LEU B 258 0.18 8.44 -46.63
N TYR B 259 0.73 9.66 -46.79
CA TYR B 259 2.11 9.86 -47.18
C TYR B 259 2.95 9.99 -45.92
N THR B 260 4.18 10.50 -46.05
CA THR B 260 5.01 10.75 -44.88
C THR B 260 5.99 11.87 -45.21
N ALA B 261 5.86 12.98 -44.53
CA ALA B 261 6.83 14.05 -44.65
C ALA B 261 7.91 13.81 -43.62
N GLU B 262 9.17 13.88 -44.06
CA GLU B 262 10.30 13.76 -43.17
C GLU B 262 11.24 14.91 -43.46
N VAL B 263 11.83 15.47 -42.43
CA VAL B 263 12.73 16.61 -42.59
C VAL B 263 13.96 16.37 -41.71
N ALA B 264 15.14 16.43 -42.31
CA ALA B 264 16.40 16.26 -41.61
C ALA B 264 17.13 17.59 -41.49
N LEU B 265 17.75 17.82 -40.34
CA LEU B 265 18.63 18.95 -40.10
C LEU B 265 20.06 18.43 -40.17
N VAL B 266 20.82 18.86 -41.17
CA VAL B 266 22.11 18.25 -41.48
C VAL B 266 23.22 19.26 -41.22
N SER B 267 24.15 18.90 -40.33
CA SER B 267 25.37 19.67 -40.06
C SER B 267 26.50 19.10 -40.93
N GLY B 268 26.84 19.81 -42.01
CA GLY B 268 27.81 19.30 -42.96
C GLY B 268 27.26 18.16 -43.79
N GLU B 269 27.64 16.92 -43.45
CA GLU B 269 27.06 15.74 -44.08
C GLU B 269 26.28 14.86 -43.12
N GLU B 270 26.36 15.09 -41.82
CA GLU B 270 25.71 14.25 -40.83
C GLU B 270 24.33 14.82 -40.50
N ALA B 271 23.29 14.05 -40.78
CA ALA B 271 21.96 14.38 -40.26
C ALA B 271 22.01 14.35 -38.74
N VAL B 272 21.80 15.51 -38.12
CA VAL B 272 22.03 15.68 -36.69
C VAL B 272 20.72 15.62 -35.88
N ASP B 273 19.58 15.73 -36.53
CA ASP B 273 18.24 15.61 -35.95
C ASP B 273 17.27 15.48 -37.12
N ALA B 274 16.18 14.74 -36.90
CA ALA B 274 15.12 14.68 -37.90
C ALA B 274 13.77 14.58 -37.19
N VAL B 275 12.70 14.80 -37.95
CA VAL B 275 11.33 14.66 -37.46
C VAL B 275 10.48 14.21 -38.63
N SER B 276 9.27 13.73 -38.33
CA SER B 276 8.38 13.26 -39.39
C SER B 276 6.95 13.21 -38.88
N THR B 277 6.04 13.21 -39.84
CA THR B 277 4.63 12.92 -39.62
C THR B 277 4.06 12.28 -40.87
N ARG B 278 3.01 11.49 -40.68
CA ARG B 278 2.14 11.09 -41.75
C ARG B 278 1.14 12.21 -42.03
N PHE B 279 0.44 12.09 -43.15
CA PHE B 279 -0.53 13.09 -43.56
C PHE B 279 -1.29 12.55 -44.76
N GLY B 280 -2.53 13.03 -44.91
CA GLY B 280 -3.36 12.69 -46.05
C GLY B 280 -3.64 13.92 -46.89
N CYS B 281 -3.90 13.72 -48.17
CA CYS B 281 -4.22 14.82 -49.08
C CYS B 281 -5.70 14.74 -49.41
N ARG B 282 -6.47 15.69 -48.90
CA ARG B 282 -7.88 15.72 -49.26
C ARG B 282 -8.41 17.13 -49.10
N THR B 283 -9.57 17.34 -49.70
CA THR B 283 -10.42 18.51 -49.53
C THR B 283 -11.74 18.06 -48.94
N PHE B 284 -12.42 18.98 -48.26
CA PHE B 284 -13.74 18.65 -47.76
C PHE B 284 -14.55 19.93 -47.64
N GLU B 285 -15.88 19.78 -47.64
CA GLU B 285 -16.80 20.87 -47.34
C GLU B 285 -17.92 20.33 -46.45
N ILE B 286 -18.54 21.24 -45.71
CA ILE B 286 -19.70 20.91 -44.89
C ILE B 286 -20.84 21.78 -45.37
N ASP B 287 -21.71 21.20 -46.19
CA ASP B 287 -22.72 21.95 -46.93
C ASP B 287 -24.04 21.96 -46.16
N PRO B 288 -24.71 23.13 -46.06
CA PRO B 288 -25.91 23.21 -45.22
C PRO B 288 -27.03 22.31 -45.68
N GLU B 289 -27.05 21.90 -46.95
CA GLU B 289 -28.10 21.02 -47.44
C GLU B 289 -27.61 19.64 -47.86
N ARG B 290 -26.42 19.54 -48.47
CA ARG B 290 -25.89 18.28 -48.93
C ARG B 290 -25.10 17.51 -47.86
N GLY B 291 -24.93 18.08 -46.66
CA GLY B 291 -24.15 17.41 -45.64
C GLY B 291 -22.66 17.47 -45.95
N PHE B 292 -21.94 16.47 -45.44
CA PHE B 292 -20.49 16.40 -45.58
C PHE B 292 -20.06 16.02 -46.98
N ILE B 293 -19.01 16.69 -47.47
CA ILE B 293 -18.43 16.47 -48.79
C ILE B 293 -16.97 16.11 -48.60
N LEU B 294 -16.51 15.10 -49.33
CA LEU B 294 -15.14 14.62 -49.20
C LEU B 294 -14.57 14.49 -50.60
N ASN B 295 -13.51 15.24 -50.89
CA ASN B 295 -12.89 15.24 -52.22
C ASN B 295 -13.94 15.39 -53.32
N GLY B 296 -14.90 16.30 -53.10
CA GLY B 296 -15.90 16.60 -54.10
C GLY B 296 -17.09 15.67 -54.13
N GLU B 297 -17.14 14.67 -53.25
CA GLU B 297 -18.20 13.67 -53.29
C GLU B 297 -18.86 13.58 -51.94
N GLU B 298 -20.20 13.60 -51.93
CA GLU B 298 -20.94 13.41 -50.69
C GLU B 298 -20.45 12.16 -49.97
N TYR B 299 -20.23 12.32 -48.67
CA TYR B 299 -19.68 11.25 -47.83
C TYR B 299 -20.30 11.37 -46.45
N PRO B 300 -21.51 10.86 -46.28
CA PRO B 300 -22.29 11.10 -45.04
C PRO B 300 -21.55 10.65 -43.79
N LEU B 301 -21.51 11.53 -42.79
CA LEU B 301 -20.85 11.24 -41.53
C LEU B 301 -21.92 10.71 -40.57
N ARG B 302 -21.93 9.40 -40.37
CA ARG B 302 -22.84 8.73 -39.47
C ARG B 302 -21.99 7.87 -38.54
N GLY B 303 -22.05 8.12 -37.24
CA GLY B 303 -21.09 7.55 -36.32
C GLY B 303 -21.34 7.69 -34.82
N VAL B 304 -20.24 7.73 -34.05
CA VAL B 304 -20.28 7.56 -32.61
C VAL B 304 -19.30 8.51 -31.95
N SER B 305 -19.38 8.55 -30.61
CA SER B 305 -18.41 9.22 -29.75
C SER B 305 -17.72 8.17 -28.89
N ARG B 306 -16.55 8.53 -28.37
CA ARG B 306 -15.77 7.60 -27.59
C ARG B 306 -15.04 8.37 -26.52
N HIS B 307 -15.17 7.90 -25.29
CA HIS B 307 -14.38 8.37 -24.16
C HIS B 307 -13.11 7.54 -24.05
N GLN B 308 -12.08 8.13 -23.44
CA GLN B 308 -10.77 7.47 -23.42
C GLN B 308 -10.55 6.65 -22.15
N ASP B 309 -11.55 5.90 -21.71
CA ASP B 309 -11.36 5.15 -20.50
C ASP B 309 -11.83 3.72 -20.73
N ARG B 310 -11.68 2.91 -19.70
CA ARG B 310 -12.06 1.51 -19.79
C ARG B 310 -12.25 1.00 -18.38
N TRP B 311 -13.20 0.07 -18.23
CA TRP B 311 -13.51 -0.50 -16.92
C TRP B 311 -12.25 -1.07 -16.30
N GLY B 312 -11.98 -0.67 -15.06
CA GLY B 312 -10.92 -1.29 -14.29
C GLY B 312 -9.57 -0.60 -14.35
N ILE B 313 -9.33 0.22 -15.36
CA ILE B 313 -8.03 0.88 -15.46
C ILE B 313 -8.18 2.39 -15.62
N GLY B 314 -9.33 2.95 -15.24
CA GLY B 314 -9.57 4.37 -15.44
C GLY B 314 -9.28 4.79 -16.87
N ASN B 315 -8.47 5.84 -17.03
CA ASN B 315 -8.04 6.24 -18.36
C ASN B 315 -6.62 5.80 -18.69
N ALA B 316 -6.07 4.83 -17.94
CA ALA B 316 -4.70 4.35 -18.16
C ALA B 316 -4.69 3.28 -19.24
N LEU B 317 -4.98 3.74 -20.45
CA LEU B 317 -5.14 2.91 -21.64
C LEU B 317 -3.79 2.51 -22.22
N LEU B 318 -3.73 1.27 -22.76
CA LEU B 318 -2.59 0.77 -23.52
C LEU B 318 -2.88 0.85 -25.02
N PRO B 319 -1.85 0.81 -25.86
CA PRO B 319 -2.10 0.80 -27.31
C PRO B 319 -3.15 -0.21 -27.74
N GLU B 320 -3.17 -1.40 -27.12
CA GLU B 320 -4.13 -2.44 -27.49
C GLU B 320 -5.57 -1.99 -27.22
N HIS B 321 -5.77 -1.20 -26.16
CA HIS B 321 -7.10 -0.72 -25.81
C HIS B 321 -7.62 0.25 -26.85
N HIS B 322 -6.76 1.17 -27.31
CA HIS B 322 -7.06 2.02 -28.46
C HIS B 322 -7.36 1.19 -29.70
N ARG B 323 -6.51 0.20 -30.00
CA ARG B 323 -6.74 -0.65 -31.17
C ARG B 323 -8.11 -1.31 -31.10
N GLU B 324 -8.43 -1.88 -29.94
CA GLU B 324 -9.69 -2.61 -29.79
C GLU B 324 -10.89 -1.67 -29.92
N ASP B 325 -10.80 -0.45 -29.38
CA ASP B 325 -11.91 0.50 -29.52
C ASP B 325 -12.16 0.84 -30.99
N ILE B 326 -11.09 1.07 -31.75
CA ILE B 326 -11.33 1.46 -33.15
C ILE B 326 -11.74 0.26 -33.99
N ASP B 327 -11.24 -0.93 -33.65
CA ASP B 327 -11.70 -2.16 -34.30
C ASP B 327 -13.22 -2.31 -34.19
N LEU B 328 -13.74 -2.22 -32.96
CA LEU B 328 -15.18 -2.35 -32.78
C LEU B 328 -15.93 -1.25 -33.50
N ILE B 329 -15.42 -0.01 -33.42
CA ILE B 329 -16.03 1.09 -34.18
C ILE B 329 -16.00 0.79 -35.68
N CYS B 330 -14.91 0.20 -36.17
CA CYS B 330 -14.84 -0.16 -37.59
C CYS B 330 -15.83 -1.28 -37.92
N GLU B 331 -16.00 -2.25 -37.02
CA GLU B 331 -16.94 -3.33 -37.28
C GLU B 331 -18.35 -2.78 -37.44
N LEU B 332 -18.75 -1.88 -36.53
CA LEU B 332 -20.05 -1.25 -36.64
C LEU B 332 -20.19 -0.48 -37.95
N GLY B 333 -19.09 0.07 -38.44
CA GLY B 333 -19.08 0.79 -39.70
C GLY B 333 -19.19 2.30 -39.61
N ALA B 334 -18.94 2.91 -38.46
CA ALA B 334 -19.01 4.36 -38.37
C ALA B 334 -18.09 5.05 -39.38
N THR B 335 -18.54 6.17 -39.92
CA THR B 335 -17.66 6.96 -40.77
C THR B 335 -17.08 8.17 -40.07
N THR B 336 -17.64 8.56 -38.93
CA THR B 336 -17.10 9.61 -38.09
C THR B 336 -17.06 9.14 -36.64
N ILE B 337 -16.09 9.68 -35.90
CA ILE B 337 -16.06 9.62 -34.44
C ILE B 337 -15.99 11.05 -33.92
N ARG B 338 -16.83 11.36 -32.93
CA ARG B 338 -16.62 12.56 -32.12
C ARG B 338 -15.77 12.14 -30.93
N LEU B 339 -14.57 12.72 -30.81
CA LEU B 339 -13.67 12.39 -29.70
C LEU B 339 -13.88 13.41 -28.58
N ALA B 340 -14.99 13.24 -27.85
CA ALA B 340 -15.35 14.08 -26.73
C ALA B 340 -14.69 13.56 -25.45
N HIS B 341 -14.48 14.46 -24.45
CA HIS B 341 -14.70 15.92 -24.51
C HIS B 341 -13.40 16.70 -24.40
N TYR B 342 -12.33 16.19 -25.02
CA TYR B 342 -10.99 16.68 -24.73
C TYR B 342 -10.07 16.19 -25.84
N GLN B 343 -8.79 16.59 -25.76
CA GLN B 343 -7.77 16.01 -26.63
C GLN B 343 -7.57 14.54 -26.28
N HIS B 344 -7.64 13.66 -27.29
CA HIS B 344 -7.37 12.25 -27.10
C HIS B 344 -5.89 11.96 -27.36
N ASP B 345 -5.53 10.68 -27.26
CA ASP B 345 -4.14 10.26 -27.41
C ASP B 345 -3.70 10.28 -28.88
N GLN B 346 -2.43 10.65 -29.11
CA GLN B 346 -1.91 10.76 -30.48
C GLN B 346 -2.05 9.44 -31.24
N TYR B 347 -1.85 8.33 -30.55
CA TYR B 347 -2.01 7.04 -31.20
C TYR B 347 -3.45 6.81 -31.66
N PHE B 348 -4.45 7.24 -30.86
CA PHE B 348 -5.81 7.03 -31.33
C PHE B 348 -6.09 7.85 -32.58
N TYR B 349 -5.60 9.09 -32.62
CA TYR B 349 -5.77 9.90 -33.82
C TYR B 349 -5.08 9.25 -35.01
N ASP B 350 -3.88 8.69 -34.79
CA ASP B 350 -3.16 8.01 -35.87
C ASP B 350 -4.01 6.87 -36.44
N LEU B 351 -4.58 6.04 -35.56
CA LEU B 351 -5.48 4.98 -36.02
C LEU B 351 -6.59 5.54 -36.89
N CYS B 352 -7.18 6.67 -36.47
CA CYS B 352 -8.23 7.28 -37.29
C CYS B 352 -7.69 7.66 -38.67
N ASP B 353 -6.45 8.16 -38.74
CA ASP B 353 -5.85 8.45 -40.05
C ASP B 353 -5.74 7.19 -40.90
N GLU B 354 -5.18 6.11 -40.33
CA GLU B 354 -4.96 4.89 -41.10
C GLU B 354 -6.26 4.29 -41.56
N ARG B 355 -7.30 4.37 -40.74
CA ARG B 355 -8.55 3.74 -41.11
C ARG B 355 -9.46 4.66 -41.90
N GLY B 356 -9.14 5.95 -42.00
CA GLY B 356 -10.01 6.82 -42.76
C GLY B 356 -11.29 7.17 -42.05
N LEU B 357 -11.26 7.28 -40.73
CA LEU B 357 -12.36 7.86 -40.00
C LEU B 357 -12.25 9.38 -40.02
N VAL B 358 -13.41 10.05 -40.03
CA VAL B 358 -13.47 11.50 -40.03
C VAL B 358 -13.77 11.96 -38.60
N ILE B 359 -12.88 12.77 -38.03
CA ILE B 359 -12.85 13.04 -36.59
C ILE B 359 -13.31 14.45 -36.28
N TRP B 360 -14.10 14.57 -35.20
CA TRP B 360 -14.36 15.81 -34.48
C TRP B 360 -13.53 15.80 -33.21
N ALA B 361 -12.65 16.79 -33.05
CA ALA B 361 -11.81 16.96 -31.87
C ALA B 361 -12.20 18.23 -31.13
N GLU B 362 -12.05 18.25 -29.80
CA GLU B 362 -12.52 19.40 -29.02
C GLU B 362 -11.76 19.51 -27.71
N ILE B 363 -11.96 20.62 -27.02
CA ILE B 363 -11.34 20.87 -25.72
C ILE B 363 -12.41 20.72 -24.64
N PRO B 364 -12.05 20.51 -23.38
CA PRO B 364 -13.04 20.32 -22.32
C PRO B 364 -13.64 21.60 -21.75
N TYR B 365 -14.10 22.48 -22.64
CA TYR B 365 -14.73 23.74 -22.28
C TYR B 365 -16.23 23.45 -22.19
N ILE B 366 -16.72 23.11 -20.98
CA ILE B 366 -17.89 22.24 -20.88
C ILE B 366 -18.86 22.67 -19.77
N SER B 367 -20.16 22.68 -20.11
CA SER B 367 -21.30 22.77 -19.18
C SER B 367 -21.54 24.15 -18.57
N SER B 368 -20.50 24.75 -18.03
CA SER B 368 -20.65 25.93 -17.20
C SER B 368 -19.47 26.84 -17.47
N HIS B 369 -19.75 28.01 -18.00
CA HIS B 369 -18.68 28.95 -18.33
C HIS B 369 -18.04 29.47 -17.04
N MET B 370 -16.74 29.30 -16.92
CA MET B 370 -16.02 29.86 -15.79
C MET B 370 -15.28 31.11 -16.26
N PRO B 371 -15.65 32.30 -15.79
CA PRO B 371 -14.95 33.50 -16.28
C PRO B 371 -13.45 33.47 -16.02
N ASN B 372 -12.99 32.78 -14.99
CA ASN B 372 -11.56 32.65 -14.84
C ASN B 372 -10.96 31.45 -15.58
N GLY B 373 -11.77 30.73 -16.36
CA GLY B 373 -11.18 29.66 -17.13
C GLY B 373 -10.69 30.05 -18.51
N ARG B 374 -10.79 31.33 -18.87
CA ARG B 374 -10.50 31.79 -20.22
C ARG B 374 -9.11 31.35 -20.69
N GLU B 375 -8.08 31.62 -19.86
CA GLU B 375 -6.71 31.26 -20.19
C GLU B 375 -6.59 29.77 -20.53
N ASN B 376 -7.19 28.92 -19.69
CA ASN B 376 -7.03 27.49 -19.85
C ASN B 376 -7.75 26.96 -21.08
N THR B 377 -8.84 27.61 -21.51
CA THR B 377 -9.42 27.24 -22.79
C THR B 377 -8.48 27.59 -23.95
N ILE B 378 -7.81 28.73 -23.86
CA ILE B 378 -6.96 29.16 -24.97
C ILE B 378 -5.74 28.26 -25.09
N SER B 379 -5.17 27.89 -23.94
CA SER B 379 -3.96 27.09 -23.95
C SER B 379 -4.26 25.62 -24.31
N GLN B 380 -5.38 25.06 -23.85
CA GLN B 380 -5.73 23.72 -24.32
C GLN B 380 -6.09 23.72 -25.80
N MET B 381 -6.77 24.78 -26.28
CA MET B 381 -7.11 24.81 -27.70
C MET B 381 -5.87 24.96 -28.56
N LYS B 382 -4.94 25.82 -28.14
CA LYS B 382 -3.71 25.96 -28.88
C LYS B 382 -2.97 24.64 -28.94
N GLU B 383 -2.87 23.96 -27.78
CA GLU B 383 -2.25 22.65 -27.73
C GLU B 383 -2.97 21.66 -28.64
N LEU B 384 -4.31 21.72 -28.67
CA LEU B 384 -5.07 20.78 -29.49
C LEU B 384 -4.78 20.96 -30.98
N VAL B 385 -4.71 22.21 -31.44
CA VAL B 385 -4.49 22.45 -32.86
C VAL B 385 -3.03 22.20 -33.24
N VAL B 386 -2.10 22.71 -32.44
CA VAL B 386 -0.68 22.55 -32.77
C VAL B 386 -0.31 21.08 -32.79
N GLN B 387 -0.72 20.33 -31.76
CA GLN B 387 -0.31 18.93 -31.68
C GLN B 387 -1.07 18.05 -32.66
N ASN B 388 -2.17 18.50 -33.26
CA ASN B 388 -3.01 17.62 -34.07
C ASN B 388 -3.23 18.12 -35.48
N TYR B 389 -2.51 19.17 -35.88
CA TYR B 389 -2.71 19.80 -37.19
C TYR B 389 -2.48 18.84 -38.33
N ASN B 390 -1.56 17.89 -38.18
CA ASN B 390 -1.16 17.05 -39.30
C ASN B 390 -2.08 15.86 -39.53
N HIS B 391 -2.96 15.54 -38.58
CA HIS B 391 -3.83 14.37 -38.74
C HIS B 391 -4.88 14.61 -39.81
N PRO B 392 -4.83 13.92 -40.95
CA PRO B 392 -5.83 14.19 -41.99
C PRO B 392 -7.25 13.80 -41.58
N SER B 393 -7.41 12.99 -40.53
CA SER B 393 -8.75 12.56 -40.12
C SER B 393 -9.55 13.67 -39.44
N ILE B 394 -8.90 14.66 -38.81
CA ILE B 394 -9.60 15.76 -38.13
C ILE B 394 -10.09 16.81 -39.14
N VAL B 395 -11.35 17.21 -39.01
CA VAL B 395 -11.94 18.17 -39.95
C VAL B 395 -12.56 19.34 -39.20
N VAL B 396 -13.07 19.13 -37.98
CA VAL B 396 -13.63 20.23 -37.19
C VAL B 396 -12.91 20.32 -35.86
N TRP B 397 -12.76 21.55 -35.38
CA TRP B 397 -12.30 21.82 -34.02
C TRP B 397 -13.47 22.31 -33.20
N GLY B 398 -13.75 21.65 -32.08
CA GLY B 398 -14.90 21.98 -31.25
C GLY B 398 -14.51 22.98 -30.17
N LEU B 399 -15.29 24.05 -30.09
CA LEU B 399 -14.93 25.06 -29.09
C LEU B 399 -15.51 24.71 -27.72
N SER B 400 -16.69 24.13 -27.68
CA SER B 400 -17.30 23.92 -26.38
C SER B 400 -18.42 22.90 -26.52
N ASN B 401 -18.84 22.37 -25.36
CA ASN B 401 -19.94 21.42 -25.28
C ASN B 401 -20.90 21.85 -24.18
N GLU B 402 -22.16 22.09 -24.55
CA GLU B 402 -23.24 22.39 -23.61
C GLU B 402 -22.88 23.54 -22.67
N ILE B 403 -22.26 24.58 -23.22
CA ILE B 403 -21.63 25.59 -22.37
C ILE B 403 -22.67 26.53 -21.75
N THR B 404 -23.88 26.59 -22.28
CA THR B 404 -24.99 27.38 -21.74
C THR B 404 -25.90 26.59 -20.82
N MET B 405 -25.55 25.36 -20.46
CA MET B 405 -26.39 24.56 -19.58
C MET B 405 -26.50 25.25 -18.21
N GLU B 411 -22.20 37.41 -22.12
CA GLU B 411 -21.29 38.28 -22.92
C GLU B 411 -19.80 37.95 -22.71
N ASP B 412 -19.41 37.68 -21.47
CA ASP B 412 -18.10 37.09 -21.24
C ASP B 412 -17.98 35.74 -21.94
N LEU B 413 -19.05 34.95 -21.92
CA LEU B 413 -19.07 33.69 -22.64
C LEU B 413 -18.87 33.91 -24.14
N LEU B 414 -19.55 34.92 -24.70
CA LEU B 414 -19.43 35.16 -26.13
C LEU B 414 -18.03 35.62 -26.50
N GLU B 415 -17.41 36.43 -25.63
CA GLU B 415 -16.05 36.88 -25.93
C GLU B 415 -15.09 35.70 -25.92
N ASN B 416 -15.23 34.83 -24.91
CA ASN B 416 -14.45 33.60 -24.85
C ASN B 416 -14.60 32.78 -26.13
N HIS B 417 -15.80 32.76 -26.71
CA HIS B 417 -16.00 32.00 -27.94
C HIS B 417 -15.41 32.71 -29.16
N ARG B 418 -15.66 34.01 -29.31
CA ARG B 418 -15.04 34.75 -30.41
C ARG B 418 -13.52 34.62 -30.38
N ILE B 419 -12.92 34.75 -29.19
CA ILE B 419 -11.47 34.63 -29.07
C ILE B 419 -10.98 33.26 -29.54
N LEU B 420 -11.67 32.20 -29.12
CA LEU B 420 -11.28 30.87 -29.55
C LEU B 420 -11.54 30.69 -31.05
N ASN B 421 -12.68 31.19 -31.53
CA ASN B 421 -13.03 31.04 -32.93
C ASN B 421 -12.01 31.73 -33.84
N ASP B 422 -11.57 32.93 -33.44
CA ASP B 422 -10.59 33.64 -34.26
C ASP B 422 -9.21 33.02 -34.16
N MET B 423 -8.84 32.49 -32.99
CA MET B 423 -7.51 31.90 -32.86
C MET B 423 -7.38 30.62 -33.68
N VAL B 424 -8.44 29.80 -33.70
CA VAL B 424 -8.40 28.59 -34.51
C VAL B 424 -8.32 28.95 -35.99
N HIS B 425 -9.17 29.89 -36.43
CA HIS B 425 -9.17 30.31 -37.82
C HIS B 425 -7.83 30.94 -38.21
N GLU B 426 -7.13 31.56 -37.27
CA GLU B 426 -5.81 32.10 -37.58
C GLU B 426 -4.72 31.03 -37.51
N MET B 427 -4.95 29.95 -36.75
CA MET B 427 -3.93 28.91 -36.68
C MET B 427 -4.09 27.88 -37.78
N ASP B 428 -5.30 27.74 -38.31
CA ASP B 428 -5.62 26.62 -39.17
C ASP B 428 -6.63 27.12 -40.20
N HIS B 429 -6.18 27.27 -41.44
CA HIS B 429 -7.00 27.68 -42.58
C HIS B 429 -7.68 26.52 -43.27
N THR B 430 -7.36 25.29 -42.92
CA THR B 430 -7.79 24.10 -43.65
C THR B 430 -8.96 23.39 -42.98
N ARG B 431 -9.42 23.87 -41.83
CA ARG B 431 -10.47 23.21 -41.04
C ARG B 431 -11.48 24.23 -40.52
N LEU B 432 -12.64 23.71 -40.10
CA LEU B 432 -13.74 24.54 -39.61
C LEU B 432 -13.94 24.35 -38.11
N THR B 433 -14.67 25.29 -37.51
CA THR B 433 -15.00 25.25 -36.09
C THR B 433 -16.45 24.82 -35.87
N THR B 434 -16.68 24.22 -34.72
CA THR B 434 -17.99 23.69 -34.37
C THR B 434 -18.18 23.83 -32.87
N ILE B 435 -19.44 23.72 -32.44
CA ILE B 435 -19.84 23.65 -31.04
C ILE B 435 -20.87 22.53 -30.92
N ALA B 436 -21.00 21.99 -29.71
CA ALA B 436 -22.12 21.11 -29.36
C ALA B 436 -23.04 21.85 -28.40
N VAL B 437 -24.33 21.91 -28.72
CA VAL B 437 -25.28 22.77 -28.01
C VAL B 437 -26.15 21.90 -27.13
N VAL B 438 -26.35 22.34 -25.87
CA VAL B 438 -27.23 21.63 -24.96
C VAL B 438 -28.66 21.67 -25.50
N SER B 439 -29.46 20.70 -25.08
CA SER B 439 -30.73 20.42 -25.73
C SER B 439 -31.71 21.60 -25.60
N MET B 440 -31.78 22.20 -24.41
CA MET B 440 -32.73 23.25 -24.10
C MET B 440 -32.39 24.60 -24.71
N CYS B 441 -31.15 24.81 -25.19
CA CYS B 441 -30.72 26.14 -25.60
C CYS B 441 -31.59 26.67 -26.73
N ASP B 442 -32.17 27.84 -26.51
CA ASP B 442 -32.93 28.55 -27.53
C ASP B 442 -32.08 28.71 -28.78
N ILE B 443 -32.66 28.35 -29.92
CA ILE B 443 -31.91 28.33 -31.17
C ILE B 443 -31.46 29.71 -31.56
N HIS B 444 -32.11 30.74 -31.04
CA HIS B 444 -31.73 32.10 -31.35
C HIS B 444 -30.67 32.65 -30.38
N ASP B 445 -30.04 31.79 -29.57
CA ASP B 445 -28.92 32.26 -28.77
C ASP B 445 -27.83 32.75 -29.71
N PRO B 446 -27.26 33.94 -29.45
CA PRO B 446 -26.26 34.51 -30.38
C PRO B 446 -24.97 33.69 -30.48
N TYR B 447 -24.66 32.83 -29.50
CA TYR B 447 -23.38 32.13 -29.56
C TYR B 447 -23.42 31.04 -30.61
N ILE B 448 -24.61 30.63 -31.04
CA ILE B 448 -24.76 29.66 -32.10
C ILE B 448 -24.26 30.22 -33.42
N GLN B 449 -24.30 31.54 -33.60
CA GLN B 449 -23.83 32.17 -34.84
C GLN B 449 -22.32 32.33 -34.91
N ILE B 450 -21.59 31.97 -33.87
CA ILE B 450 -20.14 32.22 -33.85
C ILE B 450 -19.39 31.18 -34.66
N PRO B 451 -19.51 29.88 -34.41
CA PRO B 451 -18.67 28.91 -35.12
C PRO B 451 -19.14 28.72 -36.55
N ASP B 452 -18.32 28.02 -37.33
CA ASP B 452 -18.67 27.75 -38.72
C ASP B 452 -19.86 26.79 -38.83
N VAL B 453 -19.87 25.71 -38.05
CA VAL B 453 -20.98 24.76 -38.04
C VAL B 453 -21.33 24.45 -36.60
N ILE B 454 -22.50 23.84 -36.38
CA ILE B 454 -22.95 23.49 -35.04
C ILE B 454 -23.59 22.12 -35.04
N SER B 455 -23.67 21.53 -33.85
CA SER B 455 -24.47 20.33 -33.65
C SER B 455 -25.20 20.45 -32.32
N TYR B 456 -26.32 19.78 -32.21
CA TYR B 456 -27.12 19.77 -30.98
C TYR B 456 -27.03 18.41 -30.29
N ASN B 457 -27.15 18.44 -28.96
CA ASN B 457 -27.16 17.24 -28.09
C ASN B 457 -28.59 17.00 -27.63
N HIS B 458 -29.31 16.11 -28.30
CA HIS B 458 -30.73 15.91 -28.04
C HIS B 458 -31.02 14.53 -27.47
N TYR B 459 -31.98 14.46 -26.55
CA TYR B 459 -32.32 13.21 -25.88
C TYR B 459 -33.83 13.02 -25.83
N PHE B 460 -34.53 13.49 -26.86
CA PHE B 460 -35.98 13.28 -26.97
C PHE B 460 -36.27 11.78 -27.08
N GLY B 461 -37.11 11.28 -26.18
CA GLY B 461 -37.34 9.86 -26.11
C GLY B 461 -36.41 9.12 -25.16
N TRP B 462 -35.43 9.79 -24.56
CA TRP B 462 -34.71 9.20 -23.43
C TRP B 462 -34.87 10.05 -22.19
N TYR B 463 -34.47 11.30 -22.21
CA TYR B 463 -34.66 12.17 -21.06
C TYR B 463 -35.78 13.15 -21.41
N GLY B 464 -37.01 12.75 -21.14
CA GLY B 464 -38.17 13.47 -21.61
C GLY B 464 -38.46 13.22 -23.08
N GLY B 465 -39.63 13.71 -23.49
CA GLY B 465 -40.03 13.73 -24.86
C GLY B 465 -40.28 12.36 -25.46
N ASP B 466 -40.49 12.38 -26.76
CA ASP B 466 -40.76 11.17 -27.53
C ASP B 466 -39.71 11.07 -28.62
N VAL B 467 -39.25 9.86 -28.88
CA VAL B 467 -38.21 9.66 -29.89
C VAL B 467 -38.66 10.19 -31.25
N SER B 468 -39.98 10.26 -31.47
CA SER B 468 -40.43 10.76 -32.75
C SER B 468 -40.23 12.26 -32.88
N MET B 469 -39.86 12.94 -31.80
CA MET B 469 -39.68 14.40 -31.87
C MET B 469 -38.38 14.82 -32.53
N ASN B 470 -37.45 13.89 -32.79
CA ASN B 470 -36.09 14.31 -33.12
C ASN B 470 -36.02 14.90 -34.53
N GLY B 471 -36.54 14.17 -35.53
CA GLY B 471 -36.63 14.63 -36.90
C GLY B 471 -37.29 15.99 -37.05
N PRO B 472 -38.52 16.13 -36.53
CA PRO B 472 -39.18 17.45 -36.58
C PRO B 472 -38.41 18.57 -35.90
N TRP B 473 -37.67 18.29 -34.82
CA TRP B 473 -36.86 19.35 -34.21
C TRP B 473 -35.75 19.79 -35.15
N MET B 474 -34.97 18.83 -35.69
CA MET B 474 -33.94 19.17 -36.66
C MET B 474 -34.52 19.89 -37.87
N ASP B 475 -35.65 19.41 -38.41
CA ASP B 475 -36.28 20.09 -39.54
C ASP B 475 -36.59 21.54 -39.19
N ASN B 476 -37.12 21.78 -37.99
CA ASN B 476 -37.47 23.14 -37.62
C ASN B 476 -36.23 24.02 -37.55
N PHE B 477 -35.16 23.53 -36.94
CA PHE B 477 -33.91 24.28 -36.94
C PHE B 477 -33.46 24.60 -38.36
N HIS B 478 -33.51 23.60 -39.24
CA HIS B 478 -33.02 23.75 -40.62
C HIS B 478 -33.84 24.78 -41.39
N LYS B 479 -35.14 24.88 -41.09
CA LYS B 479 -36.00 25.87 -41.74
C LYS B 479 -35.64 27.28 -41.26
N GLU B 480 -35.32 27.40 -39.98
CA GLU B 480 -35.02 28.69 -39.38
C GLU B 480 -33.61 29.17 -39.76
N PHE B 481 -32.67 28.24 -39.86
CA PHE B 481 -31.26 28.57 -40.12
C PHE B 481 -30.74 27.75 -41.29
N PRO B 482 -31.29 27.96 -42.49
CA PRO B 482 -30.98 27.06 -43.61
C PRO B 482 -29.54 27.09 -44.08
N ASN B 483 -28.74 28.07 -43.67
CA ASN B 483 -27.35 28.16 -44.09
C ASN B 483 -26.36 27.82 -42.99
N ILE B 484 -26.84 27.38 -41.84
CA ILE B 484 -25.97 26.84 -40.79
C ILE B 484 -26.02 25.31 -40.88
N PRO B 485 -24.91 24.64 -41.16
CA PRO B 485 -24.93 23.17 -41.19
C PRO B 485 -25.14 22.65 -39.78
N LEU B 486 -26.18 21.83 -39.60
CA LEU B 486 -26.62 21.31 -38.30
C LEU B 486 -26.34 19.82 -38.24
N GLY B 487 -25.63 19.40 -37.20
CA GLY B 487 -25.43 17.98 -36.93
C GLY B 487 -26.10 17.57 -35.63
N MET B 488 -26.03 16.27 -35.36
CA MET B 488 -26.43 15.69 -34.08
C MET B 488 -25.17 15.16 -33.42
N SER B 489 -24.65 15.90 -32.44
CA SER B 489 -23.41 15.57 -31.76
C SER B 489 -23.61 14.71 -30.53
N GLU B 490 -24.85 14.57 -30.06
CA GLU B 490 -25.19 13.61 -29.01
C GLU B 490 -26.63 13.21 -29.22
N TYR B 491 -26.89 11.92 -29.04
CA TYR B 491 -28.22 11.38 -28.81
C TYR B 491 -27.96 9.98 -28.30
N GLY B 492 -28.82 9.51 -27.41
CA GLY B 492 -28.53 8.24 -26.78
C GLY B 492 -29.58 7.89 -25.76
N CYS B 493 -29.35 6.75 -25.10
CA CYS B 493 -30.33 6.03 -24.33
C CYS B 493 -29.62 4.98 -23.48
N GLU B 494 -29.90 4.96 -22.19
CA GLU B 494 -29.16 4.09 -21.27
C GLU B 494 -29.67 2.65 -21.38
N ALA B 495 -28.77 1.70 -21.16
CA ALA B 495 -29.13 0.30 -21.31
C ALA B 495 -28.17 -0.55 -20.49
N LEU B 496 -28.73 -1.43 -19.67
CA LEU B 496 -27.98 -2.45 -18.93
C LEU B 496 -28.66 -3.78 -19.17
N ASN B 497 -28.25 -4.84 -18.47
CA ASN B 497 -28.80 -6.18 -18.67
C ASN B 497 -30.18 -6.31 -18.02
N TRP B 498 -31.13 -5.51 -18.50
CA TRP B 498 -32.53 -5.59 -18.10
C TRP B 498 -33.40 -5.80 -19.33
N HIS B 499 -34.53 -6.48 -19.14
CA HIS B 499 -35.34 -6.87 -20.29
C HIS B 499 -36.82 -6.73 -19.96
N THR B 500 -37.62 -6.61 -21.03
CA THR B 500 -39.05 -6.42 -20.90
C THR B 500 -39.71 -6.73 -22.23
N SER B 501 -40.98 -7.09 -22.17
CA SER B 501 -41.83 -7.07 -23.34
C SER B 501 -42.64 -5.78 -23.42
N ASP B 502 -42.39 -4.82 -22.51
CA ASP B 502 -43.06 -3.53 -22.49
C ASP B 502 -42.02 -2.41 -22.48
N PRO B 503 -41.23 -2.30 -23.55
CA PRO B 503 -40.11 -1.35 -23.54
C PRO B 503 -40.63 0.08 -23.47
N LYS B 504 -40.08 0.83 -22.49
CA LYS B 504 -40.43 2.23 -22.25
C LYS B 504 -39.19 2.96 -21.75
N GLN B 505 -39.11 4.24 -22.09
CA GLN B 505 -38.28 5.27 -21.46
C GLN B 505 -38.07 5.03 -19.97
N GLY B 506 -36.85 4.81 -19.53
CA GLY B 506 -36.57 4.77 -18.11
C GLY B 506 -36.60 3.38 -17.50
N ASP B 507 -36.95 2.34 -18.26
CA ASP B 507 -36.80 0.99 -17.74
C ASP B 507 -35.38 0.47 -17.90
N TYR B 508 -34.54 1.15 -18.68
CA TYR B 508 -33.13 0.81 -18.80
C TYR B 508 -32.91 -0.52 -19.52
N THR B 509 -33.87 -0.95 -20.34
CA THR B 509 -33.75 -2.30 -20.91
C THR B 509 -32.96 -2.27 -22.20
N GLU B 510 -32.37 -3.42 -22.52
CA GLU B 510 -31.74 -3.55 -23.82
C GLU B 510 -32.78 -3.38 -24.93
N GLU B 511 -34.02 -3.77 -24.68
CA GLU B 511 -35.01 -3.74 -25.75
C GLU B 511 -35.49 -2.33 -26.05
N TYR B 512 -35.71 -1.52 -25.02
CA TYR B 512 -36.12 -0.15 -25.30
C TYR B 512 -35.01 0.62 -26.04
N GLN B 513 -33.74 0.39 -25.65
CA GLN B 513 -32.62 1.09 -26.32
C GLN B 513 -32.49 0.67 -27.78
N ALA B 514 -32.78 -0.59 -28.10
CA ALA B 514 -32.77 -1.02 -29.49
C ALA B 514 -33.79 -0.24 -30.32
N TYR B 515 -35.01 -0.14 -29.79
CA TYR B 515 -36.07 0.60 -30.44
C TYR B 515 -35.69 2.08 -30.61
N TYR B 516 -35.10 2.70 -29.58
CA TYR B 516 -34.75 4.11 -29.64
C TYR B 516 -33.77 4.39 -30.77
N HIS B 517 -32.73 3.55 -30.88
CA HIS B 517 -31.77 3.72 -31.96
C HIS B 517 -32.38 3.35 -33.30
N GLU B 518 -33.29 2.35 -33.33
CA GLU B 518 -34.04 2.07 -34.56
C GLU B 518 -34.73 3.33 -35.06
N GLU B 519 -35.42 4.03 -34.17
CA GLU B 519 -36.18 5.21 -34.56
C GLU B 519 -35.26 6.39 -34.87
N MET B 520 -34.14 6.52 -34.13
CA MET B 520 -33.20 7.60 -34.41
C MET B 520 -32.52 7.40 -35.76
N ILE B 521 -32.11 6.17 -36.07
CA ILE B 521 -31.52 5.87 -37.37
C ILE B 521 -32.49 6.25 -38.51
N LYS B 522 -33.74 5.79 -38.41
CA LYS B 522 -34.71 6.10 -39.46
C LYS B 522 -34.86 7.60 -39.66
N GLN B 523 -34.89 8.39 -38.57
CA GLN B 523 -35.09 9.83 -38.72
C GLN B 523 -33.83 10.53 -39.20
N LEU B 524 -32.68 10.19 -38.61
CA LEU B 524 -31.48 10.96 -38.87
C LEU B 524 -30.76 10.50 -40.13
N PHE B 525 -30.67 9.19 -40.36
CA PHE B 525 -29.93 8.70 -41.53
C PHE B 525 -30.62 9.02 -42.85
N THR B 526 -31.89 9.44 -42.83
CA THR B 526 -32.60 9.84 -44.04
C THR B 526 -32.67 11.33 -44.21
N ARG B 527 -31.99 12.11 -43.37
CA ARG B 527 -31.94 13.57 -43.50
C ARG B 527 -30.53 13.96 -43.97
N LYS B 528 -30.39 14.16 -45.27
CA LYS B 528 -29.07 14.44 -45.83
C LYS B 528 -28.46 15.71 -45.24
N TYR B 529 -29.29 16.70 -44.89
CA TYR B 529 -28.74 17.99 -44.47
C TYR B 529 -28.03 17.91 -43.12
N ILE B 530 -28.35 16.92 -42.29
CA ILE B 530 -27.64 16.78 -41.02
C ILE B 530 -26.22 16.32 -41.33
N TRP B 531 -25.24 17.18 -41.04
CA TRP B 531 -23.91 16.95 -41.62
C TRP B 531 -23.14 15.85 -40.89
N ALA B 532 -23.48 15.58 -39.64
CA ALA B 532 -22.82 14.52 -38.90
C ALA B 532 -23.69 14.09 -37.72
N THR B 533 -23.78 12.78 -37.50
CA THR B 533 -24.43 12.27 -36.31
C THR B 533 -23.41 11.51 -35.48
N HIS B 534 -23.55 11.61 -34.16
CA HIS B 534 -22.66 10.90 -33.24
C HIS B 534 -23.50 10.30 -32.11
N VAL B 535 -23.66 8.98 -32.13
CA VAL B 535 -24.24 8.28 -31.00
C VAL B 535 -23.50 8.61 -29.72
N TRP B 536 -24.25 8.90 -28.67
CA TRP B 536 -23.72 8.97 -27.31
C TRP B 536 -24.21 7.73 -26.58
N ASN B 537 -23.32 6.77 -26.34
CA ASN B 537 -21.91 6.79 -26.66
C ASN B 537 -21.59 5.42 -27.27
N MET B 538 -20.43 5.27 -27.92
CA MET B 538 -20.06 3.95 -28.45
C MET B 538 -19.89 2.94 -27.32
N PHE B 539 -19.33 3.36 -26.18
CA PHE B 539 -19.08 2.50 -25.03
C PHE B 539 -19.62 3.13 -23.76
N ASP B 540 -20.18 2.29 -22.89
CA ASP B 540 -20.35 2.68 -21.50
C ASP B 540 -19.04 3.29 -21.01
N PHE B 541 -19.12 4.25 -20.10
CA PHE B 541 -17.91 4.93 -19.66
C PHE B 541 -18.05 5.36 -18.20
N GLY B 542 -16.92 5.75 -17.62
CA GLY B 542 -16.88 6.05 -16.19
C GLY B 542 -17.32 7.45 -15.88
N ALA B 543 -18.26 7.56 -14.95
CA ALA B 543 -18.76 8.86 -14.51
C ALA B 543 -19.24 8.63 -13.07
N ASP B 544 -18.34 8.91 -12.13
CA ASP B 544 -18.51 8.52 -10.74
C ASP B 544 -19.71 9.19 -10.06
N ALA B 545 -20.20 10.32 -10.59
CA ALA B 545 -21.36 10.96 -9.99
C ALA B 545 -22.68 10.26 -10.33
N ARG B 546 -22.69 9.36 -11.32
CA ARG B 546 -23.92 8.67 -11.69
C ARG B 546 -24.21 7.53 -10.72
N ASN B 547 -25.49 7.36 -10.39
CA ASN B 547 -25.92 6.32 -9.45
C ASN B 547 -27.29 5.84 -9.92
N GLU B 548 -27.31 5.17 -11.08
CA GLU B 548 -28.58 4.81 -11.68
C GLU B 548 -28.43 3.58 -12.55
N GLY B 549 -29.54 2.87 -12.74
CA GLY B 549 -29.62 1.76 -13.66
C GLY B 549 -29.24 0.42 -13.07
N GLY B 550 -28.85 0.39 -11.79
CA GLY B 550 -28.44 -0.83 -11.14
C GLY B 550 -26.94 -1.03 -11.08
N GLU B 551 -26.16 -0.08 -11.59
CA GLU B 551 -24.71 -0.17 -11.60
C GLU B 551 -24.17 1.25 -11.59
N ASN B 552 -23.68 1.70 -10.44
CA ASN B 552 -23.36 3.10 -10.27
C ASN B 552 -21.94 3.42 -10.76
N GLY B 553 -21.70 4.70 -10.99
CA GLY B 553 -20.40 5.14 -11.44
C GLY B 553 -20.14 5.00 -12.92
N GLN B 554 -21.12 4.57 -13.73
CA GLN B 554 -20.97 4.56 -15.17
C GLN B 554 -22.17 5.22 -15.82
N ASN B 555 -21.92 5.78 -17.02
CA ASN B 555 -22.94 6.10 -18.00
C ASN B 555 -23.16 4.85 -18.84
N HIS B 556 -24.40 4.37 -18.92
CA HIS B 556 -24.67 3.14 -19.65
C HIS B 556 -25.35 3.38 -20.99
N LYS B 557 -25.06 4.51 -21.66
CA LYS B 557 -25.58 4.76 -23.00
C LYS B 557 -24.69 4.16 -24.10
N GLY B 558 -23.75 3.29 -23.73
CA GLY B 558 -22.95 2.63 -24.74
C GLY B 558 -23.78 1.75 -25.66
N LEU B 559 -23.28 1.57 -26.88
CA LEU B 559 -23.67 0.42 -27.68
C LEU B 559 -22.90 -0.84 -27.25
N VAL B 560 -21.81 -0.66 -26.51
CA VAL B 560 -20.93 -1.71 -26.03
C VAL B 560 -20.65 -1.42 -24.56
N THR B 561 -20.45 -2.47 -23.77
CA THR B 561 -20.26 -2.30 -22.34
C THR B 561 -18.87 -1.69 -22.05
N PHE B 562 -18.69 -1.27 -20.80
CA PHE B 562 -17.47 -0.59 -20.35
C PHE B 562 -16.20 -1.43 -20.55
N ASP B 563 -16.31 -2.76 -20.49
CA ASP B 563 -15.14 -3.62 -20.65
C ASP B 563 -14.99 -4.12 -22.08
N ARG B 564 -15.84 -3.63 -23.00
CA ARG B 564 -15.80 -3.92 -24.43
C ARG B 564 -16.11 -5.39 -24.74
N LYS B 565 -16.66 -6.12 -23.77
CA LYS B 565 -16.89 -7.54 -23.93
C LYS B 565 -18.27 -7.89 -24.45
N TYR B 566 -19.29 -7.06 -24.22
CA TYR B 566 -20.63 -7.33 -24.71
C TYR B 566 -21.10 -6.20 -25.62
N LYS B 567 -21.58 -6.56 -26.80
CA LYS B 567 -22.19 -5.63 -27.74
C LYS B 567 -23.70 -5.72 -27.57
N LYS B 568 -24.31 -4.61 -27.19
CA LYS B 568 -25.75 -4.58 -27.05
C LYS B 568 -26.40 -4.67 -28.43
N ASP B 569 -27.68 -5.08 -28.42
CA ASP B 569 -28.47 -5.18 -29.65
C ASP B 569 -28.42 -3.90 -30.48
N SER B 570 -28.34 -2.72 -29.82
CA SER B 570 -28.35 -1.48 -30.61
C SER B 570 -27.10 -1.34 -31.46
N PHE B 571 -26.00 -1.99 -31.08
CA PHE B 571 -24.81 -2.08 -31.93
C PHE B 571 -25.16 -2.64 -33.31
N TYR B 572 -25.95 -3.72 -33.34
CA TYR B 572 -26.25 -4.39 -34.60
C TYR B 572 -27.30 -3.67 -35.43
N ALA B 573 -28.10 -2.80 -34.83
CA ALA B 573 -28.94 -1.94 -35.66
C ALA B 573 -28.07 -0.99 -36.51
N TYR B 574 -27.03 -0.41 -35.92
CA TYR B 574 -26.20 0.50 -36.71
C TYR B 574 -25.38 -0.26 -37.75
N LYS B 575 -24.78 -1.38 -37.35
CA LYS B 575 -24.07 -2.25 -38.28
C LYS B 575 -24.93 -2.57 -39.51
N ALA B 576 -26.23 -2.84 -39.30
CA ALA B 576 -27.11 -3.16 -40.42
C ALA B 576 -27.15 -2.04 -41.45
N TRP B 577 -27.06 -0.78 -41.02
CA TRP B 577 -27.08 0.32 -41.96
C TRP B 577 -25.71 0.68 -42.51
N LEU B 578 -24.63 0.42 -41.77
CA LEU B 578 -23.33 1.03 -42.07
C LEU B 578 -22.26 0.04 -42.48
N SER B 579 -22.42 -1.25 -42.18
CA SER B 579 -21.47 -2.24 -42.60
C SER B 579 -21.93 -2.86 -43.91
N ASP B 580 -20.97 -3.11 -44.82
CA ASP B 580 -21.25 -3.94 -45.98
C ASP B 580 -20.94 -5.41 -45.72
N GLU B 581 -20.24 -5.73 -44.64
CA GLU B 581 -20.06 -7.11 -44.21
C GLU B 581 -21.41 -7.73 -43.91
N PRO B 582 -21.77 -8.85 -44.56
CA PRO B 582 -23.13 -9.41 -44.37
C PRO B 582 -23.24 -10.22 -43.10
N PHE B 583 -24.40 -10.10 -42.45
CA PHE B 583 -24.64 -10.70 -41.15
C PHE B 583 -26.14 -10.76 -40.91
N VAL B 584 -26.51 -11.55 -39.92
CA VAL B 584 -27.86 -11.52 -39.38
C VAL B 584 -27.70 -11.63 -37.87
N HIS B 585 -28.53 -10.90 -37.14
CA HIS B 585 -28.39 -10.83 -35.68
C HIS B 585 -29.79 -10.89 -35.06
N LEU B 586 -29.97 -11.87 -34.19
CA LEU B 586 -31.16 -11.95 -33.39
C LEU B 586 -31.02 -11.03 -32.20
N CYS B 587 -32.03 -10.19 -31.98
CA CYS B 587 -32.08 -9.41 -30.76
C CYS B 587 -32.74 -10.24 -29.67
N GLY B 588 -32.43 -9.89 -28.42
CA GLY B 588 -33.13 -10.48 -27.29
C GLY B 588 -32.52 -11.75 -26.73
N LYS B 589 -31.31 -12.13 -27.16
CA LYS B 589 -30.68 -13.37 -26.72
C LYS B 589 -30.69 -13.52 -25.20
N ARG B 590 -30.44 -12.43 -24.49
CA ARG B 590 -30.43 -12.46 -23.04
C ARG B 590 -31.81 -12.41 -22.42
N TYR B 591 -32.84 -12.14 -23.22
CA TYR B 591 -34.23 -12.15 -22.76
C TYR B 591 -34.80 -13.52 -23.09
N VAL B 592 -34.74 -14.43 -22.13
CA VAL B 592 -35.06 -15.83 -22.39
C VAL B 592 -36.45 -16.18 -21.88
N ASP B 593 -36.69 -15.98 -20.59
CA ASP B 593 -37.99 -16.28 -19.96
C ASP B 593 -39.01 -15.20 -20.31
N ARG B 594 -39.95 -15.52 -21.17
CA ARG B 594 -40.99 -14.59 -21.55
C ARG B 594 -42.35 -15.15 -21.15
N VAL B 595 -43.22 -14.23 -20.72
CA VAL B 595 -44.53 -14.58 -20.18
C VAL B 595 -45.56 -14.74 -21.29
N GLU B 596 -45.52 -13.84 -22.27
CA GLU B 596 -46.58 -13.77 -23.25
C GLU B 596 -46.65 -15.05 -24.06
N ASP B 597 -47.85 -15.32 -24.58
CA ASP B 597 -48.05 -16.50 -25.41
C ASP B 597 -47.57 -16.28 -26.83
N THR B 598 -47.53 -15.02 -27.27
CA THR B 598 -46.99 -14.64 -28.56
C THR B 598 -45.97 -13.52 -28.34
N THR B 599 -44.70 -13.81 -28.59
CA THR B 599 -43.62 -12.88 -28.26
C THR B 599 -43.04 -12.23 -29.51
N LYS B 600 -42.48 -11.04 -29.30
CA LYS B 600 -41.86 -10.28 -30.37
C LYS B 600 -40.38 -10.61 -30.45
N VAL B 601 -39.91 -10.81 -31.68
CA VAL B 601 -38.52 -11.17 -31.93
C VAL B 601 -38.03 -10.26 -33.04
N THR B 602 -37.02 -9.46 -32.73
CA THR B 602 -36.43 -8.53 -33.69
C THR B 602 -35.15 -9.11 -34.25
N VAL B 603 -34.99 -8.96 -35.57
CA VAL B 603 -33.81 -9.41 -36.29
C VAL B 603 -33.24 -8.24 -37.08
N TYR B 604 -31.93 -8.03 -36.97
CA TYR B 604 -31.21 -7.04 -37.76
C TYR B 604 -30.36 -7.75 -38.83
N SER B 605 -30.36 -7.20 -40.04
CA SER B 605 -29.54 -7.70 -41.13
C SER B 605 -29.40 -6.63 -42.21
N ASN B 606 -28.20 -6.53 -42.78
CA ASN B 606 -28.00 -5.72 -43.99
C ASN B 606 -28.39 -6.48 -45.26
N LEU B 607 -28.93 -7.79 -45.13
CA LEU B 607 -29.52 -8.53 -46.24
C LEU B 607 -31.01 -8.19 -46.36
N PRO B 608 -31.58 -8.30 -47.57
CA PRO B 608 -32.94 -7.78 -47.79
C PRO B 608 -34.05 -8.65 -47.23
N GLU B 609 -33.83 -9.93 -46.97
CA GLU B 609 -34.89 -10.80 -46.52
C GLU B 609 -34.42 -11.74 -45.43
N VAL B 610 -35.23 -11.87 -44.38
CA VAL B 610 -34.94 -12.75 -43.24
C VAL B 610 -36.09 -13.71 -43.08
N GLU B 611 -35.77 -14.98 -42.80
CA GLU B 611 -36.77 -15.96 -42.42
C GLU B 611 -36.43 -16.51 -41.05
N LEU B 612 -37.42 -16.54 -40.16
CA LEU B 612 -37.22 -16.99 -38.80
C LEU B 612 -37.92 -18.33 -38.58
N PHE B 613 -37.26 -19.22 -37.86
CA PHE B 613 -37.77 -20.55 -37.58
C PHE B 613 -37.85 -20.74 -36.08
N VAL B 614 -38.98 -21.29 -35.62
CA VAL B 614 -39.21 -21.62 -34.22
C VAL B 614 -39.32 -23.14 -34.12
N ASN B 615 -38.32 -23.76 -33.50
CA ASN B 615 -38.28 -25.21 -33.35
C ASN B 615 -38.43 -25.90 -34.70
N GLY B 616 -37.73 -25.37 -35.71
CA GLY B 616 -37.82 -25.87 -37.07
C GLY B 616 -39.05 -25.44 -37.84
N LYS B 617 -40.04 -24.86 -37.17
CA LYS B 617 -41.27 -24.39 -37.82
C LYS B 617 -41.12 -22.94 -38.21
N SER B 618 -41.58 -22.59 -39.41
CA SER B 618 -41.28 -21.28 -39.99
C SER B 618 -42.36 -20.26 -39.65
N ALA B 619 -41.95 -19.19 -38.98
CA ALA B 619 -42.85 -18.09 -38.61
C ALA B 619 -42.86 -16.98 -39.64
N GLY B 620 -42.52 -17.29 -40.88
CA GLY B 620 -42.73 -16.36 -41.98
C GLY B 620 -41.45 -15.70 -42.45
N LYS B 621 -41.59 -15.03 -43.59
CA LYS B 621 -40.53 -14.28 -44.25
C LYS B 621 -40.86 -12.80 -44.21
N LEU B 622 -39.83 -11.99 -44.07
CA LEU B 622 -40.02 -10.55 -44.08
C LEU B 622 -38.92 -9.88 -44.87
N GLN B 623 -39.28 -8.82 -45.59
CA GLN B 623 -38.33 -7.95 -46.28
C GLN B 623 -38.47 -6.56 -45.67
N ALA B 624 -37.44 -6.11 -44.98
CA ALA B 624 -37.41 -4.79 -44.38
C ALA B 624 -36.30 -4.00 -45.05
N GLU B 625 -36.68 -2.98 -45.84
CA GLU B 625 -35.66 -2.15 -46.46
C GLU B 625 -34.95 -1.26 -45.45
N ASP B 626 -35.54 -1.02 -44.28
CA ASP B 626 -34.84 -0.28 -43.24
C ASP B 626 -34.04 -1.20 -42.33
N HIS B 627 -34.00 -2.50 -42.64
CA HIS B 627 -33.15 -3.53 -42.03
C HIS B 627 -33.62 -4.01 -40.67
N PHE B 628 -34.80 -3.63 -40.19
CA PHE B 628 -35.27 -4.04 -38.86
C PHE B 628 -36.43 -5.00 -39.07
N PHE B 629 -36.19 -6.30 -38.85
CA PHE B 629 -37.20 -7.31 -39.11
C PHE B 629 -37.91 -7.64 -37.81
N HIS B 630 -39.17 -7.21 -37.68
CA HIS B 630 -39.96 -7.40 -36.47
C HIS B 630 -40.90 -8.60 -36.65
N PHE B 631 -40.59 -9.70 -35.97
CA PHE B 631 -41.38 -10.92 -36.05
C PHE B 631 -42.30 -11.05 -34.83
N GLU B 632 -43.43 -11.73 -35.05
CA GLU B 632 -44.32 -12.17 -33.98
C GLU B 632 -44.33 -13.69 -34.00
N VAL B 633 -44.05 -14.30 -32.85
CA VAL B 633 -43.68 -15.71 -32.81
C VAL B 633 -44.38 -16.41 -31.65
N PRO B 634 -44.83 -17.66 -31.82
CA PRO B 634 -45.47 -18.37 -30.71
C PRO B 634 -44.47 -18.68 -29.61
N ASN B 635 -44.92 -18.52 -28.36
CA ASN B 635 -44.07 -18.76 -27.20
C ASN B 635 -44.67 -19.90 -26.37
N VAL B 636 -44.27 -21.13 -26.67
CA VAL B 636 -44.75 -22.31 -25.96
C VAL B 636 -43.55 -23.17 -25.60
N GLY B 637 -43.55 -23.71 -24.37
CA GLY B 637 -42.47 -24.58 -23.93
C GLY B 637 -41.11 -23.94 -24.13
N GLU B 638 -40.13 -24.76 -24.49
CA GLU B 638 -38.78 -24.29 -24.76
C GLU B 638 -38.53 -24.33 -26.26
N SER B 639 -38.18 -23.18 -26.82
CA SER B 639 -38.08 -22.99 -28.26
C SER B 639 -36.69 -22.49 -28.61
N THR B 640 -36.18 -22.94 -29.75
CA THR B 640 -34.97 -22.39 -30.34
C THR B 640 -35.36 -21.58 -31.57
N LEU B 641 -34.73 -20.43 -31.73
CA LEU B 641 -35.02 -19.53 -32.85
C LEU B 641 -33.80 -19.48 -33.75
N VAL B 642 -34.04 -19.57 -35.05
CA VAL B 642 -32.98 -19.44 -36.02
C VAL B 642 -33.47 -18.50 -37.10
N ALA B 643 -32.79 -17.36 -37.24
CA ALA B 643 -33.02 -16.44 -38.35
C ALA B 643 -32.07 -16.77 -39.48
N VAL B 644 -32.58 -16.73 -40.70
CA VAL B 644 -31.84 -17.16 -41.88
C VAL B 644 -32.02 -16.08 -42.93
N ALA B 645 -30.90 -15.56 -43.44
CA ALA B 645 -30.89 -14.60 -44.53
C ALA B 645 -29.76 -15.00 -45.45
N GLY B 646 -30.08 -15.47 -46.66
CA GLY B 646 -29.07 -15.96 -47.59
C GLY B 646 -28.19 -17.03 -46.97
N GLU B 647 -26.89 -16.91 -47.14
CA GLU B 647 -25.90 -17.82 -46.59
C GLU B 647 -25.66 -17.62 -45.10
N TYR B 648 -26.37 -16.70 -44.45
CA TYR B 648 -26.03 -16.33 -43.08
C TYR B 648 -27.18 -16.63 -42.15
N LYS B 649 -26.83 -16.94 -40.90
CA LYS B 649 -27.78 -17.39 -39.91
C LYS B 649 -27.35 -16.90 -38.52
N ASP B 650 -28.32 -16.78 -37.63
CA ASP B 650 -28.06 -16.54 -36.21
C ASP B 650 -29.04 -17.40 -35.42
N GLU B 651 -28.77 -17.58 -34.14
CA GLU B 651 -29.55 -18.52 -33.35
C GLU B 651 -29.71 -18.01 -31.93
N SER B 652 -30.92 -18.11 -31.39
CA SER B 652 -31.22 -17.75 -29.99
C SER B 652 -32.28 -18.70 -29.44
N HIS B 653 -32.63 -18.52 -28.17
CA HIS B 653 -33.61 -19.38 -27.56
C HIS B 653 -34.45 -18.62 -26.54
N ILE B 654 -35.73 -19.02 -26.42
CA ILE B 654 -36.68 -18.48 -25.48
C ILE B 654 -37.35 -19.62 -24.72
N ARG B 655 -38.07 -19.26 -23.65
CA ARG B 655 -38.77 -20.22 -22.79
C ARG B 655 -40.05 -19.58 -22.26
N LYS B 656 -41.17 -20.27 -22.44
CA LYS B 656 -42.44 -19.80 -21.91
C LYS B 656 -42.48 -19.94 -20.38
N VAL B 657 -43.07 -18.95 -19.71
CA VAL B 657 -43.10 -18.93 -18.25
C VAL B 657 -44.43 -18.33 -17.81
N ASP B 658 -44.81 -18.60 -16.56
CA ASP B 658 -46.09 -18.13 -16.02
C ASP B 658 -46.00 -16.75 -15.39
N THR B 659 -44.84 -16.42 -14.83
CA THR B 659 -44.62 -15.14 -14.18
C THR B 659 -43.34 -14.51 -14.73
N PHE B 660 -43.36 -13.19 -14.89
CA PHE B 660 -42.19 -12.42 -15.28
C PHE B 660 -41.00 -12.79 -14.41
N ASN B 661 -39.87 -13.09 -15.05
CA ASN B 661 -38.63 -13.34 -14.32
C ASN B 661 -38.14 -12.00 -13.77
N GLU B 662 -38.31 -11.80 -12.45
CA GLU B 662 -38.04 -10.51 -11.83
C GLU B 662 -36.57 -10.11 -11.89
N GLU B 663 -35.66 -11.08 -12.13
CA GLU B 663 -34.27 -10.74 -12.36
C GLU B 663 -34.09 -9.84 -13.58
N TYR B 664 -35.01 -9.93 -14.54
CA TYR B 664 -34.98 -9.10 -15.74
C TYR B 664 -35.28 -7.62 -15.44
N SER B 665 -35.78 -7.27 -14.26
CA SER B 665 -36.34 -5.96 -14.03
C SER B 665 -35.53 -5.17 -13.01
N LEU B 666 -35.18 -3.93 -13.37
CA LEU B 666 -34.49 -3.04 -12.44
C LEU B 666 -35.37 -2.72 -11.24
N LYS B 667 -36.60 -2.28 -11.50
CA LYS B 667 -37.57 -2.08 -10.44
C LYS B 667 -38.17 -3.42 -10.02
N ARG C 25 -16.06 -11.09 41.28
CA ARG C 25 -14.79 -11.07 40.53
C ARG C 25 -13.69 -11.79 41.28
N GLU C 26 -13.32 -12.95 40.78
CA GLU C 26 -12.33 -13.82 41.40
C GLU C 26 -11.16 -13.99 40.45
N VAL C 27 -9.94 -13.83 40.96
CA VAL C 27 -8.72 -14.15 40.21
C VAL C 27 -8.16 -15.45 40.76
N ILE C 28 -8.06 -16.46 39.89
CA ILE C 28 -7.55 -17.77 40.27
C ILE C 28 -6.12 -17.91 39.77
N ASN C 29 -5.23 -18.40 40.64
CA ASN C 29 -3.84 -18.67 40.24
C ASN C 29 -3.78 -19.90 39.34
N PHE C 30 -3.15 -19.76 38.18
CA PHE C 30 -3.06 -20.83 37.19
C PHE C 30 -1.61 -21.17 36.85
N ASN C 31 -0.69 -20.98 37.79
CA ASN C 31 0.73 -21.25 37.57
C ASN C 31 1.10 -22.72 37.69
N THR C 32 0.21 -23.56 38.23
CA THR C 32 0.56 -24.83 38.87
C THR C 32 0.73 -25.96 37.87
N LYS C 33 1.97 -26.42 37.70
CA LYS C 33 2.27 -27.71 37.06
C LYS C 33 1.76 -27.74 35.60
N TRP C 34 2.49 -27.03 34.76
CA TRP C 34 2.34 -27.11 33.33
C TRP C 34 3.29 -28.16 32.77
N ALA C 35 2.81 -28.89 31.76
CA ALA C 35 3.68 -29.71 30.93
C ALA C 35 4.37 -28.82 29.91
N PHE C 36 5.66 -29.08 29.68
CA PHE C 36 6.48 -28.17 28.88
C PHE C 36 7.45 -28.98 28.05
N THR C 37 7.65 -28.55 26.79
CA THR C 37 8.63 -29.15 25.92
C THR C 37 9.26 -28.09 25.03
N LYS C 38 10.49 -28.37 24.59
CA LYS C 38 11.15 -27.51 23.62
C LYS C 38 10.95 -27.98 22.18
N GLU C 39 10.45 -29.19 21.97
CA GLU C 39 10.20 -29.73 20.64
C GLU C 39 8.77 -29.35 20.23
N ALA C 40 8.67 -28.44 19.27
CA ALA C 40 7.39 -27.84 18.92
C ALA C 40 6.86 -28.49 17.64
N THR C 41 6.50 -29.76 17.75
CA THR C 41 5.97 -30.41 16.54
C THR C 41 4.54 -29.95 16.25
N GLU C 42 3.59 -30.31 17.11
CA GLU C 42 2.20 -29.91 16.93
C GLU C 42 1.55 -29.73 18.29
N VAL C 43 0.41 -29.03 18.29
CA VAL C 43 -0.38 -28.83 19.50
C VAL C 43 -0.97 -30.18 19.90
N PRO C 44 -0.71 -30.66 21.11
CA PRO C 44 -1.18 -31.99 21.49
C PRO C 44 -2.68 -32.03 21.74
N LYS C 45 -3.30 -33.10 21.24
CA LYS C 45 -4.75 -33.28 21.39
C LYS C 45 -5.11 -33.67 22.80
N GLU C 46 -4.28 -34.49 23.44
CA GLU C 46 -4.48 -34.91 24.82
C GLU C 46 -3.35 -34.38 25.68
N MET C 47 -3.63 -34.28 26.97
CA MET C 47 -2.64 -33.85 27.94
C MET C 47 -1.41 -34.75 27.87
N PRO C 48 -0.21 -34.19 27.79
CA PRO C 48 0.98 -35.02 27.59
C PRO C 48 1.43 -35.69 28.88
N GLU C 49 2.34 -36.64 28.72
CA GLU C 49 2.72 -37.49 29.84
C GLU C 49 4.22 -37.63 30.01
N LYS C 50 5.03 -37.27 29.01
CA LYS C 50 6.48 -37.33 29.13
C LYS C 50 7.14 -35.98 28.87
N TRP C 51 6.38 -34.88 28.90
CA TRP C 51 7.05 -33.59 28.92
C TRP C 51 7.62 -33.31 30.31
N TYR C 52 8.18 -32.13 30.49
CA TYR C 52 8.79 -31.72 31.74
C TYR C 52 7.83 -30.82 32.51
N TRP C 53 7.74 -31.01 33.83
CA TRP C 53 6.79 -30.27 34.65
C TRP C 53 7.44 -28.99 35.16
N VAL C 54 6.75 -27.86 34.97
CA VAL C 54 7.19 -26.59 35.49
C VAL C 54 6.01 -25.91 36.18
N THR C 55 6.30 -25.19 37.25
CA THR C 55 5.32 -24.28 37.84
C THR C 55 5.80 -22.87 37.52
N LEU C 56 4.93 -22.09 36.92
CA LEU C 56 5.25 -20.73 36.56
C LEU C 56 5.42 -19.91 37.85
N PRO C 57 6.19 -18.82 37.80
CA PRO C 57 6.95 -18.31 36.64
C PRO C 57 8.07 -19.23 36.15
N HIS C 58 8.37 -19.16 34.86
CA HIS C 58 9.26 -20.13 34.23
C HIS C 58 9.87 -19.53 32.97
N SER C 59 11.18 -19.69 32.82
CA SER C 59 11.84 -19.47 31.55
C SER C 59 12.73 -20.68 31.27
N TRP C 60 12.66 -21.19 30.05
CA TRP C 60 13.59 -22.22 29.62
C TRP C 60 14.99 -21.69 29.35
N ASN C 61 15.21 -20.38 29.40
CA ASN C 61 16.56 -19.87 29.19
C ASN C 61 17.30 -19.58 30.50
N GLU C 62 16.82 -20.12 31.63
CA GLU C 62 17.38 -19.82 32.94
C GLU C 62 18.83 -20.23 33.12
N ILE C 63 19.30 -21.24 32.40
CA ILE C 63 20.69 -21.67 32.48
C ILE C 63 21.44 -21.35 31.19
N ASP C 64 20.86 -21.73 30.04
CA ASP C 64 21.63 -21.53 28.82
C ASP C 64 21.68 -20.08 28.37
N GLY C 65 20.90 -19.20 29.00
CA GLY C 65 20.96 -17.78 28.69
C GLY C 65 21.78 -16.94 29.65
N GLN C 66 22.55 -17.56 30.54
CA GLN C 66 23.30 -16.82 31.54
C GLN C 66 24.74 -17.31 31.60
N ASP C 67 25.25 -17.93 30.53
CA ASP C 67 26.54 -18.59 30.63
C ASP C 67 27.45 -18.44 29.43
N GLY C 68 27.09 -17.65 28.42
CA GLY C 68 28.02 -17.28 27.37
C GLY C 68 27.72 -17.98 26.05
N GLY C 69 28.48 -17.57 25.03
CA GLY C 69 28.42 -18.18 23.71
C GLY C 69 27.23 -17.80 22.86
N ASN C 70 26.35 -16.93 23.33
CA ASN C 70 25.17 -16.46 22.58
C ASN C 70 24.34 -17.61 22.01
N ASP C 71 24.21 -18.69 22.77
CA ASP C 71 23.67 -19.93 22.23
C ASP C 71 22.41 -20.40 22.93
N TYR C 72 21.72 -19.53 23.68
CA TYR C 72 20.55 -19.98 24.43
C TYR C 72 19.40 -20.31 23.48
N TYR C 73 18.61 -21.32 23.84
CA TYR C 73 17.61 -21.84 22.93
C TYR C 73 16.56 -20.79 22.60
N ARG C 74 16.48 -20.42 21.33
CA ARG C 74 15.44 -19.56 20.81
C ARG C 74 14.63 -20.36 19.80
N GLY C 75 13.31 -20.31 19.92
CA GLY C 75 12.42 -21.16 19.16
C GLY C 75 11.08 -21.24 19.87
N THR C 76 10.23 -22.13 19.37
CA THR C 76 8.86 -22.28 19.87
C THR C 76 8.79 -23.41 20.88
N CYS C 77 8.12 -23.14 21.99
CA CYS C 77 7.95 -24.10 23.07
C CYS C 77 6.48 -24.16 23.42
N TYR C 78 6.07 -25.29 23.97
CA TYR C 78 4.68 -25.55 24.31
C TYR C 78 4.51 -25.69 25.82
N TYR C 79 3.46 -25.05 26.32
CA TYR C 79 2.98 -25.28 27.67
C TYR C 79 1.57 -25.86 27.56
N ALA C 80 1.30 -26.91 28.34
CA ALA C 80 0.00 -27.57 28.29
C ALA C 80 -0.52 -27.81 29.71
N LYS C 81 -1.77 -27.44 29.95
CA LYS C 81 -2.37 -27.60 31.26
C LYS C 81 -3.87 -27.79 31.12
N GLN C 82 -4.45 -28.62 31.97
CA GLN C 82 -5.88 -28.85 31.94
C GLN C 82 -6.61 -27.82 32.79
N LEU C 83 -7.65 -27.25 32.22
CA LEU C 83 -8.59 -26.42 32.96
C LEU C 83 -9.87 -27.23 33.18
N LYS C 84 -10.23 -27.43 34.44
CA LYS C 84 -11.36 -28.27 34.83
C LYS C 84 -12.47 -27.37 35.32
N LYS C 85 -13.63 -27.43 34.66
CA LYS C 85 -14.72 -26.51 34.97
C LYS C 85 -15.20 -26.66 36.40
N SER C 86 -15.08 -27.85 36.97
CA SER C 86 -15.57 -28.06 38.33
C SER C 86 -14.78 -27.23 39.33
N GLU C 87 -13.47 -27.08 39.11
CA GLU C 87 -12.61 -26.32 40.02
C GLU C 87 -12.79 -24.82 39.88
N LEU C 88 -13.65 -24.37 38.98
CA LEU C 88 -13.86 -22.94 38.74
C LEU C 88 -15.11 -22.47 39.46
N PRO C 89 -15.04 -21.41 40.27
CA PRO C 89 -16.28 -20.82 40.81
C PRO C 89 -17.18 -20.42 39.66
N GLU C 90 -18.48 -20.42 39.92
CA GLU C 90 -19.41 -20.16 38.84
C GLU C 90 -19.41 -18.68 38.50
N ALA C 91 -19.46 -18.37 37.21
CA ALA C 91 -19.39 -17.00 36.70
C ALA C 91 -19.78 -17.02 35.23
N ASP C 92 -20.11 -15.84 34.71
CA ASP C 92 -20.58 -15.78 33.32
C ASP C 92 -19.42 -15.82 32.34
N CYS C 93 -18.28 -15.27 32.70
CA CYS C 93 -17.14 -15.21 31.79
C CYS C 93 -15.88 -15.69 32.49
N TYR C 94 -14.99 -16.28 31.70
CA TYR C 94 -13.69 -16.68 32.19
C TYR C 94 -12.64 -16.13 31.23
N TYR C 95 -11.74 -15.29 31.73
CA TYR C 95 -10.65 -14.77 30.93
C TYR C 95 -9.34 -15.40 31.36
N LEU C 96 -8.55 -15.86 30.39
CA LEU C 96 -7.14 -16.17 30.66
C LEU C 96 -6.35 -14.86 30.62
N GLU C 97 -5.60 -14.59 31.69
CA GLU C 97 -4.71 -13.43 31.77
C GLU C 97 -3.27 -13.91 31.84
N LEU C 98 -2.42 -13.40 30.93
CA LEU C 98 -1.00 -13.70 30.93
C LEU C 98 -0.23 -12.42 31.24
N ARG C 99 0.55 -12.45 32.32
CA ARG C 99 1.29 -11.25 32.72
C ARG C 99 2.59 -11.08 31.93
N GLY C 100 3.11 -12.15 31.35
CA GLY C 100 4.34 -12.10 30.60
C GLY C 100 4.63 -13.38 29.85
N ALA C 101 4.63 -13.30 28.52
CA ALA C 101 4.97 -14.43 27.66
C ALA C 101 5.96 -13.93 26.62
N ASN C 102 7.21 -14.38 26.74
CA ASN C 102 8.32 -13.83 25.96
C ASN C 102 8.73 -14.84 24.89
N ALA C 103 8.57 -14.47 23.62
CA ALA C 103 8.27 -13.11 23.21
C ALA C 103 6.91 -13.01 22.53
N SER C 104 6.58 -14.03 21.75
CA SER C 104 5.34 -14.08 20.99
C SER C 104 4.63 -15.38 21.35
N ALA C 105 3.31 -15.32 21.44
CA ALA C 105 2.59 -16.44 22.00
C ALA C 105 1.27 -16.69 21.29
N ASP C 106 0.89 -17.95 21.19
CA ASP C 106 -0.45 -18.33 20.77
C ASP C 106 -1.07 -19.22 21.83
N VAL C 107 -2.35 -18.96 22.13
CA VAL C 107 -3.13 -19.73 23.10
C VAL C 107 -4.13 -20.61 22.35
N TYR C 108 -4.24 -21.88 22.77
CA TYR C 108 -5.22 -22.81 22.23
C TYR C 108 -6.08 -23.38 23.36
N VAL C 109 -7.40 -23.41 23.15
CA VAL C 109 -8.32 -24.04 24.09
C VAL C 109 -9.01 -25.19 23.36
N ASN C 110 -8.70 -26.43 23.77
CA ASN C 110 -9.20 -27.63 23.11
C ASN C 110 -8.84 -27.62 21.63
N GLY C 111 -7.57 -27.34 21.34
CA GLY C 111 -7.05 -27.34 19.99
C GLY C 111 -7.44 -26.14 19.14
N LYS C 112 -8.28 -25.23 19.66
CA LYS C 112 -8.73 -24.07 18.92
C LYS C 112 -7.91 -22.85 19.31
N ALA C 113 -7.32 -22.19 18.32
CA ALA C 113 -6.61 -20.94 18.56
C ALA C 113 -7.60 -19.86 18.99
N VAL C 114 -7.28 -19.15 20.07
CA VAL C 114 -8.13 -18.09 20.60
C VAL C 114 -7.42 -16.77 20.76
N ALA C 115 -6.09 -16.69 20.69
CA ALA C 115 -5.41 -15.41 20.85
C ALA C 115 -3.98 -15.52 20.31
N HIS C 116 -3.46 -14.38 19.90
CA HIS C 116 -2.05 -14.28 19.54
C HIS C 116 -1.50 -12.99 20.10
N HIS C 117 -0.25 -13.01 20.56
CA HIS C 117 0.31 -11.81 21.14
C HIS C 117 1.79 -11.68 20.84
N ASP C 118 2.22 -10.49 20.48
CA ASP C 118 3.63 -10.21 20.25
C ASP C 118 4.07 -9.14 21.24
N GLY C 119 5.02 -9.48 22.10
CA GLY C 119 5.38 -8.53 23.13
C GLY C 119 5.63 -9.21 24.46
N GLY C 120 6.92 -9.43 24.79
CA GLY C 120 7.26 -10.31 25.89
C GLY C 120 7.02 -9.75 27.26
N TYR C 121 6.49 -8.53 27.40
CA TYR C 121 6.69 -7.75 28.61
C TYR C 121 5.41 -7.11 29.14
N SER C 122 4.27 -7.38 28.52
CA SER C 122 3.02 -6.70 28.84
C SER C 122 1.93 -7.72 29.15
N THR C 123 0.87 -7.26 29.81
CA THR C 123 -0.27 -8.12 30.06
C THR C 123 -1.19 -8.19 28.85
N TRP C 124 -1.68 -9.38 28.54
CA TRP C 124 -2.71 -9.58 27.54
C TRP C 124 -3.70 -10.60 28.06
N ARG C 125 -4.95 -10.47 27.63
CA ARG C 125 -6.05 -11.29 28.15
C ARG C 125 -6.91 -11.75 27.00
N VAL C 126 -7.63 -12.87 27.21
CA VAL C 126 -8.54 -13.39 26.19
C VAL C 126 -9.75 -14.06 26.87
N ASP C 127 -10.95 -13.74 26.39
CA ASP C 127 -12.16 -14.42 26.81
C ASP C 127 -12.19 -15.82 26.19
N ILE C 128 -12.28 -16.84 27.05
CA ILE C 128 -12.23 -18.23 26.62
C ILE C 128 -13.45 -19.02 27.03
N THR C 129 -14.45 -18.36 27.63
CA THR C 129 -15.71 -18.98 28.01
C THR C 129 -16.26 -19.93 26.95
N LYS C 130 -16.38 -19.42 25.72
CA LYS C 130 -17.03 -20.16 24.64
C LYS C 130 -16.32 -21.47 24.32
N GLU C 131 -15.06 -21.63 24.72
CA GLU C 131 -14.31 -22.84 24.40
C GLU C 131 -14.23 -23.82 25.55
N LEU C 132 -14.86 -23.51 26.69
CA LEU C 132 -14.84 -24.41 27.83
C LEU C 132 -16.05 -25.36 27.74
N THR C 133 -15.97 -26.26 26.76
CA THR C 133 -17.05 -27.17 26.42
C THR C 133 -16.93 -28.54 27.07
N GLU C 134 -15.70 -28.98 27.36
CA GLU C 134 -15.49 -30.23 28.07
C GLU C 134 -15.44 -29.96 29.57
N GLU C 135 -15.40 -31.04 30.36
CA GLU C 135 -15.11 -30.85 31.77
C GLU C 135 -13.61 -30.72 32.01
N GLU C 136 -12.80 -31.30 31.14
CA GLU C 136 -11.36 -31.10 31.16
C GLU C 136 -10.96 -30.48 29.82
N ASN C 137 -10.76 -29.16 29.84
CA ASN C 137 -10.33 -28.42 28.66
C ASN C 137 -8.82 -28.35 28.64
N LEU C 138 -8.22 -28.63 27.47
CA LEU C 138 -6.77 -28.64 27.33
C LEU C 138 -6.31 -27.25 26.89
N ILE C 139 -5.63 -26.53 27.77
CA ILE C 139 -5.01 -25.26 27.42
C ILE C 139 -3.60 -25.52 26.91
N VAL C 140 -3.27 -24.98 25.74
CA VAL C 140 -1.92 -25.04 25.20
C VAL C 140 -1.48 -23.63 24.86
N ILE C 141 -0.34 -23.24 25.40
CA ILE C 141 0.28 -21.95 25.11
C ILE C 141 1.61 -22.21 24.39
N ALA C 142 1.69 -21.76 23.14
CA ALA C 142 2.92 -21.80 22.35
C ALA C 142 3.66 -20.47 22.56
N VAL C 143 4.92 -20.53 22.97
CA VAL C 143 5.70 -19.33 23.22
C VAL C 143 6.97 -19.40 22.38
N GLU C 144 7.32 -18.26 21.79
CA GLU C 144 8.37 -18.19 20.79
C GLU C 144 9.22 -16.96 21.05
N ASN C 145 10.54 -17.13 20.99
CA ASN C 145 11.48 -16.03 21.23
C ASN C 145 12.60 -16.02 20.17
N GLY C 146 12.25 -16.37 18.93
CA GLY C 146 13.23 -16.55 17.88
C GLY C 146 13.57 -15.25 17.19
N VAL C 147 14.32 -15.38 16.09
CA VAL C 147 14.84 -14.24 15.34
C VAL C 147 13.84 -13.82 14.27
N ASN C 148 13.51 -12.54 14.24
CA ASN C 148 12.65 -12.02 13.18
C ASN C 148 12.92 -10.53 13.06
N ASP C 149 12.25 -9.90 12.11
CA ASP C 149 12.54 -8.51 11.78
C ASP C 149 11.41 -7.61 12.22
N ARG C 150 10.62 -8.06 13.19
CA ARG C 150 9.29 -7.50 13.39
C ARG C 150 9.01 -7.19 14.86
N VAL C 151 9.52 -8.01 15.78
CA VAL C 151 9.22 -7.95 17.20
C VAL C 151 10.46 -7.54 17.97
N TYR C 152 10.38 -6.45 18.70
CA TYR C 152 11.44 -5.99 19.56
C TYR C 152 11.34 -6.68 20.92
N PRO C 153 12.47 -6.90 21.60
CA PRO C 153 13.81 -6.60 21.07
C PRO C 153 14.36 -7.71 20.15
N GLN C 154 15.21 -7.32 19.20
CA GLN C 154 16.02 -8.27 18.45
C GLN C 154 17.52 -8.06 18.62
N ASN C 155 17.96 -6.84 18.93
CA ASN C 155 19.39 -6.51 18.98
C ASN C 155 19.65 -5.76 20.29
N ALA C 156 20.21 -6.44 21.28
CA ALA C 156 20.42 -5.78 22.56
C ALA C 156 21.38 -6.63 23.38
N ASP C 157 22.06 -5.97 24.31
CA ASP C 157 22.95 -6.58 25.31
C ASP C 157 22.19 -7.22 26.46
N PHE C 158 21.20 -8.06 26.18
CA PHE C 158 20.60 -8.85 27.26
C PHE C 158 19.92 -10.08 26.69
N THR C 159 19.74 -11.07 27.54
CA THR C 159 19.15 -12.32 27.11
C THR C 159 17.63 -12.18 26.96
N PHE C 160 17.10 -12.59 25.80
CA PHE C 160 15.65 -12.58 25.57
C PHE C 160 15.05 -13.90 26.07
N TYR C 161 15.01 -14.04 27.39
CA TYR C 161 14.59 -15.29 28.04
C TYR C 161 13.21 -15.72 27.59
N GLY C 162 13.11 -16.85 26.90
CA GLY C 162 11.80 -17.33 26.48
C GLY C 162 10.96 -17.87 27.62
N GLY C 163 9.64 -17.67 27.51
CA GLY C 163 8.73 -18.41 28.37
C GLY C 163 7.58 -17.67 29.04
N LEU C 164 6.76 -18.44 29.79
CA LEU C 164 5.72 -17.93 30.68
C LEU C 164 6.40 -17.55 32.00
N TYR C 165 7.14 -16.46 31.93
CA TYR C 165 8.05 -16.12 33.02
C TYR C 165 7.38 -15.23 34.06
N ARG C 166 6.13 -14.86 33.85
CA ARG C 166 5.28 -14.21 34.84
C ARG C 166 3.98 -14.98 34.97
N ASP C 167 3.21 -14.62 36.01
CA ASP C 167 1.96 -15.30 36.34
C ASP C 167 1.05 -15.47 35.13
N VAL C 168 0.31 -16.58 35.12
CA VAL C 168 -0.90 -16.76 34.33
C VAL C 168 -2.06 -16.95 35.30
N ASN C 169 -3.18 -16.30 35.01
CA ASN C 169 -4.33 -16.30 35.90
C ASN C 169 -5.58 -16.60 35.10
N ILE C 170 -6.57 -17.14 35.79
CA ILE C 170 -7.94 -17.19 35.29
C ILE C 170 -8.73 -16.11 36.02
N ILE C 171 -9.47 -15.31 35.27
CA ILE C 171 -10.24 -14.21 35.82
C ILE C 171 -11.70 -14.48 35.49
N ALA C 172 -12.50 -14.69 36.54
CA ALA C 172 -13.90 -15.09 36.43
C ALA C 172 -14.76 -13.90 36.80
N VAL C 173 -15.60 -13.46 35.86
CA VAL C 173 -16.36 -12.23 36.03
C VAL C 173 -17.80 -12.43 35.57
N ASN C 174 -18.61 -11.43 35.90
CA ASN C 174 -20.02 -11.36 35.58
C ASN C 174 -20.19 -10.85 34.16
N LYS C 175 -21.27 -11.29 33.50
CA LYS C 175 -21.57 -10.90 32.13
C LYS C 175 -21.28 -9.43 31.86
N SER C 176 -21.74 -8.54 32.74
CA SER C 176 -21.33 -7.15 32.67
C SER C 176 -20.14 -6.96 33.62
N HIS C 177 -19.08 -6.33 33.12
CA HIS C 177 -17.86 -6.24 33.91
C HIS C 177 -16.98 -5.12 33.37
N PHE C 178 -16.07 -4.64 34.19
CA PHE C 178 -15.10 -3.67 33.72
C PHE C 178 -14.18 -4.31 32.68
N ASP C 179 -13.77 -3.49 31.72
CA ASP C 179 -13.10 -3.95 30.50
C ASP C 179 -11.84 -4.74 30.84
N LEU C 180 -11.78 -5.98 30.35
CA LEU C 180 -10.58 -6.80 30.44
C LEU C 180 -9.88 -6.95 29.10
N ASP C 181 -10.46 -6.39 28.03
CA ASP C 181 -10.05 -6.64 26.66
C ASP C 181 -9.23 -5.52 26.02
N TYR C 182 -8.90 -4.45 26.73
CA TYR C 182 -8.30 -3.27 26.10
C TYR C 182 -6.82 -3.17 26.49
N TYR C 183 -5.95 -3.79 25.66
CA TYR C 183 -4.50 -3.70 25.80
C TYR C 183 -4.03 -4.14 27.19
N GLY C 184 -4.76 -5.08 27.78
CA GLY C 184 -4.34 -5.64 29.05
C GLY C 184 -4.49 -4.70 30.22
N GLY C 185 -5.25 -3.63 30.07
CA GLY C 185 -5.30 -2.59 31.08
C GLY C 185 -6.18 -2.96 32.24
N PRO C 186 -6.13 -2.13 33.29
CA PRO C 186 -6.86 -2.48 34.53
C PRO C 186 -8.36 -2.21 34.47
N GLY C 187 -8.83 -1.35 33.57
CA GLY C 187 -10.24 -1.01 33.49
C GLY C 187 -10.59 0.27 34.23
N ILE C 188 -9.61 0.92 34.83
CA ILE C 188 -9.87 2.08 35.67
C ILE C 188 -8.69 3.03 35.50
N LYS C 189 -9.00 4.29 35.20
CA LYS C 189 -8.00 5.31 34.91
C LYS C 189 -8.20 6.44 35.91
N VAL C 190 -7.14 6.80 36.62
CA VAL C 190 -7.21 7.75 37.73
C VAL C 190 -6.25 8.89 37.46
N THR C 191 -6.80 10.10 37.30
CA THR C 191 -5.99 11.30 37.10
C THR C 191 -6.18 12.30 38.23
N PRO C 192 -5.22 12.41 39.12
CA PRO C 192 -5.25 13.52 40.08
C PRO C 192 -4.82 14.82 39.41
N GLU C 193 -5.56 15.89 39.67
CA GLU C 193 -5.06 17.25 39.55
C GLU C 193 -5.00 17.87 40.95
N ILE C 194 -4.09 18.81 41.12
CA ILE C 194 -3.94 19.51 42.38
C ILE C 194 -4.20 20.99 42.15
N LYS C 195 -4.83 21.63 43.14
CA LYS C 195 -4.74 23.08 43.28
C LYS C 195 -4.90 23.42 44.75
N GLY C 196 -3.88 24.07 45.31
CA GLY C 196 -3.93 24.40 46.71
C GLY C 196 -3.90 23.15 47.57
N ALA C 197 -4.32 23.32 48.83
CA ALA C 197 -4.26 22.25 49.82
C ALA C 197 -5.11 21.04 49.46
N ASP C 198 -6.08 21.18 48.56
CA ASP C 198 -6.96 20.08 48.21
C ASP C 198 -6.51 19.42 46.91
N ALA C 199 -7.12 18.26 46.63
CA ALA C 199 -6.93 17.58 45.37
C ALA C 199 -8.27 17.25 44.76
N SER C 200 -8.28 17.19 43.43
CA SER C 200 -9.42 16.77 42.61
C SER C 200 -8.96 15.59 41.77
N VAL C 201 -9.70 14.49 41.84
CA VAL C 201 -9.26 13.24 41.22
C VAL C 201 -10.34 12.80 40.24
N GLU C 202 -9.98 12.79 38.96
CA GLU C 202 -10.87 12.23 37.95
C GLU C 202 -10.69 10.71 37.90
N VAL C 203 -11.80 9.99 38.02
CA VAL C 203 -11.79 8.52 37.91
C VAL C 203 -12.59 8.13 36.67
N GLU C 204 -11.91 7.54 35.69
CA GLU C 204 -12.59 7.02 34.51
C GLU C 204 -12.51 5.49 34.50
N VAL C 205 -13.55 4.89 33.95
CA VAL C 205 -13.82 3.47 34.06
C VAL C 205 -14.32 3.03 32.70
N PHE C 206 -14.14 1.75 32.37
CA PHE C 206 -14.52 1.26 31.04
C PHE C 206 -15.22 -0.08 31.18
N LEU C 207 -16.37 -0.21 30.53
CA LEU C 207 -17.30 -1.31 30.83
C LEU C 207 -17.52 -2.20 29.62
N THR C 208 -17.67 -3.49 29.87
CA THR C 208 -18.06 -4.49 28.87
C THR C 208 -19.43 -5.04 29.21
N ASN C 209 -20.34 -4.99 28.24
CA ASN C 209 -21.69 -5.56 28.35
C ASN C 209 -22.48 -4.98 29.51
N ALA C 210 -22.22 -3.74 29.91
CA ALA C 210 -23.06 -3.18 30.96
C ALA C 210 -24.46 -2.93 30.42
N ALA C 211 -25.41 -2.85 31.33
CA ALA C 211 -26.79 -2.54 30.99
C ALA C 211 -27.14 -1.17 31.54
N ALA C 212 -28.09 -0.51 30.88
CA ALA C 212 -28.41 0.88 31.21
C ALA C 212 -28.89 1.01 32.65
N ASP C 213 -29.61 0.03 33.17
CA ASP C 213 -30.19 0.15 34.51
C ASP C 213 -29.20 -0.18 35.62
N GLN C 214 -27.90 -0.05 35.37
CA GLN C 214 -26.85 -0.35 36.34
C GLN C 214 -26.20 0.94 36.79
N LYS C 215 -25.50 0.85 37.92
CA LYS C 215 -24.92 2.02 38.57
C LYS C 215 -23.42 1.82 38.78
N LEU C 216 -22.71 2.94 38.93
CA LEU C 216 -21.30 2.94 39.29
C LEU C 216 -21.15 3.63 40.64
N VAL C 217 -20.62 2.91 41.63
CA VAL C 217 -20.28 3.49 42.92
C VAL C 217 -18.77 3.70 42.95
N TYR C 218 -18.35 4.95 42.96
CA TYR C 218 -16.95 5.35 43.05
C TYR C 218 -16.60 5.67 44.49
N THR C 219 -15.41 5.24 44.93
CA THR C 219 -14.92 5.57 46.26
C THR C 219 -13.42 5.87 46.24
N VAL C 220 -13.00 6.83 47.05
CA VAL C 220 -11.59 7.08 47.33
C VAL C 220 -11.37 6.85 48.82
N LYS C 221 -10.30 6.14 49.15
CA LYS C 221 -10.01 5.78 50.53
C LYS C 221 -8.63 6.24 50.96
N ASP C 222 -8.53 6.59 52.24
CA ASP C 222 -7.31 6.92 52.97
C ASP C 222 -6.22 5.86 52.88
N ALA C 223 -5.01 6.21 53.30
CA ALA C 223 -3.99 5.20 53.56
C ALA C 223 -4.43 4.21 54.62
N GLU C 224 -5.28 4.63 55.56
CA GLU C 224 -5.84 3.77 56.58
C GLU C 224 -7.14 3.10 56.15
N GLY C 225 -7.50 3.20 54.86
CA GLY C 225 -8.69 2.52 54.40
C GLY C 225 -9.99 3.22 54.72
N LYS C 226 -9.95 4.48 55.15
CA LYS C 226 -11.16 5.25 55.43
C LYS C 226 -11.64 5.97 54.17
N GLU C 227 -12.95 5.87 53.90
CA GLU C 227 -13.52 6.55 52.74
C GLU C 227 -13.32 8.05 52.85
N VAL C 228 -12.90 8.68 51.76
CA VAL C 228 -12.66 10.12 51.76
C VAL C 228 -13.56 10.79 50.73
N ALA C 229 -13.94 10.04 49.70
CA ALA C 229 -14.83 10.55 48.68
C ALA C 229 -15.72 9.40 48.20
N LYS C 230 -16.95 9.74 47.82
CA LYS C 230 -17.92 8.79 47.32
C LYS C 230 -18.92 9.53 46.46
N THR C 231 -19.43 8.84 45.44
CA THR C 231 -20.42 9.39 44.52
C THR C 231 -20.96 8.27 43.64
N GLU C 232 -22.22 8.39 43.26
CA GLU C 232 -22.90 7.42 42.42
C GLU C 232 -23.29 8.06 41.09
N THR C 233 -23.25 7.26 40.03
CA THR C 233 -23.71 7.66 38.71
C THR C 233 -24.33 6.44 38.06
N ALA C 234 -24.87 6.63 36.85
CA ALA C 234 -25.41 5.53 36.06
C ALA C 234 -24.33 4.95 35.16
N ALA C 235 -24.43 3.64 34.91
CA ALA C 235 -23.41 2.90 34.15
C ALA C 235 -23.03 3.58 32.84
N GLY C 236 -23.84 4.54 32.39
CA GLY C 236 -23.57 5.24 31.14
C GLY C 236 -22.62 6.40 31.34
N GLU C 237 -22.60 6.92 32.55
CA GLU C 237 -21.69 8.01 32.91
C GLU C 237 -20.46 7.37 33.54
N THR C 238 -19.41 7.17 32.73
CA THR C 238 -18.25 6.38 33.14
C THR C 238 -17.07 7.24 33.61
N LYS C 239 -17.29 8.51 33.89
CA LYS C 239 -16.26 9.37 34.46
C LYS C 239 -16.81 10.04 35.71
N ALA C 240 -15.95 10.21 36.70
CA ALA C 240 -16.33 10.91 37.92
C ALA C 240 -15.14 11.68 38.44
N VAL C 241 -15.41 12.85 39.00
CA VAL C 241 -14.39 13.71 39.58
C VAL C 241 -14.71 13.80 41.05
N LEU C 242 -13.89 13.14 41.86
CA LEU C 242 -14.00 13.14 43.31
C LEU C 242 -12.95 14.10 43.83
N SER C 243 -13.23 14.67 45.01
CA SER C 243 -12.35 15.68 45.59
C SER C 243 -11.81 15.15 46.92
N ILE C 244 -10.53 15.37 47.15
CA ILE C 244 -9.86 14.97 48.38
C ILE C 244 -9.56 16.23 49.18
N PRO C 245 -10.25 16.47 50.30
CA PRO C 245 -9.92 17.63 51.14
C PRO C 245 -8.62 17.40 51.91
N ALA C 246 -7.76 18.42 51.91
CA ALA C 246 -6.49 18.38 52.61
C ALA C 246 -5.71 17.12 52.24
N VAL C 247 -5.44 17.00 50.93
CA VAL C 247 -4.81 15.81 50.38
C VAL C 247 -3.38 15.69 50.87
N HIS C 248 -2.98 14.48 51.18
CA HIS C 248 -1.58 14.17 51.46
C HIS C 248 -0.91 13.85 50.13
N LEU C 249 -0.01 14.72 49.71
CA LEU C 249 0.69 14.54 48.44
C LEU C 249 1.60 13.33 48.50
N TRP C 250 1.73 12.65 47.35
CA TRP C 250 2.78 11.67 47.15
C TRP C 250 4.09 12.43 46.92
N ASN C 251 5.01 12.33 47.87
CA ASN C 251 6.18 13.19 47.85
C ASN C 251 7.48 12.37 47.90
N GLY C 252 7.60 11.38 47.01
CA GLY C 252 8.86 10.69 46.91
C GLY C 252 9.13 9.93 48.19
N LYS C 253 10.41 9.72 48.47
CA LYS C 253 10.77 8.97 49.67
C LYS C 253 10.31 9.69 50.94
N LYS C 254 10.12 11.00 50.89
CA LYS C 254 9.75 11.74 52.11
C LYS C 254 8.37 11.35 52.61
N ASP C 255 7.41 11.10 51.72
CA ASP C 255 6.09 10.64 52.12
C ASP C 255 5.41 10.04 50.88
N PRO C 256 5.61 8.73 50.64
CA PRO C 256 5.01 8.07 49.46
C PRO C 256 3.55 7.70 49.69
N TYR C 257 2.73 8.72 49.92
CA TYR C 257 1.34 8.50 50.33
C TYR C 257 0.49 8.07 49.14
N LEU C 258 -0.24 6.97 49.31
CA LEU C 258 -1.12 6.39 48.30
C LEU C 258 -2.57 6.36 48.75
N TYR C 259 -3.45 6.88 47.91
CA TYR C 259 -4.87 6.65 48.06
C TYR C 259 -5.26 5.41 47.26
N THR C 260 -6.53 5.03 47.36
CA THR C 260 -7.06 3.91 46.59
C THR C 260 -8.40 4.29 46.04
N ALA C 261 -8.53 4.24 44.72
CA ALA C 261 -9.82 4.42 44.08
C ALA C 261 -10.43 3.05 43.82
N GLU C 262 -11.73 2.93 44.11
CA GLU C 262 -12.51 1.74 43.80
C GLU C 262 -13.80 2.18 43.14
N VAL C 263 -14.23 1.43 42.13
CA VAL C 263 -15.52 1.64 41.48
C VAL C 263 -16.23 0.29 41.34
N ALA C 264 -17.48 0.24 41.76
CA ALA C 264 -18.27 -0.98 41.71
C ALA C 264 -19.39 -0.85 40.69
N LEU C 265 -19.67 -1.94 39.99
CA LEU C 265 -20.77 -2.01 39.05
C LEU C 265 -21.92 -2.70 39.74
N VAL C 266 -23.03 -1.98 39.91
CA VAL C 266 -24.14 -2.41 40.75
C VAL C 266 -25.35 -2.71 39.87
N SER C 267 -25.94 -3.89 40.06
CA SER C 267 -27.24 -4.23 39.49
C SER C 267 -28.24 -4.24 40.64
N GLY C 268 -29.14 -3.27 40.66
CA GLY C 268 -30.06 -3.13 41.75
C GLY C 268 -29.36 -2.72 43.02
N GLU C 269 -29.32 -3.61 44.00
CA GLU C 269 -28.66 -3.35 45.26
C GLU C 269 -27.37 -4.16 45.40
N GLU C 270 -26.89 -4.73 44.31
CA GLU C 270 -25.86 -5.76 44.32
C GLU C 270 -24.65 -5.30 43.50
N ALA C 271 -23.49 -5.26 44.13
CA ALA C 271 -22.25 -5.08 43.37
C ALA C 271 -21.97 -6.38 42.62
N VAL C 272 -21.97 -6.32 41.29
CA VAL C 272 -21.72 -7.51 40.49
C VAL C 272 -20.28 -7.58 39.98
N ASP C 273 -19.51 -6.49 40.07
CA ASP C 273 -18.11 -6.45 39.70
C ASP C 273 -17.49 -5.20 40.28
N ALA C 274 -16.24 -5.29 40.70
CA ALA C 274 -15.52 -4.14 41.21
C ALA C 274 -14.07 -4.20 40.73
N VAL C 275 -13.50 -3.02 40.46
CA VAL C 275 -12.07 -2.89 40.21
C VAL C 275 -11.53 -1.77 41.07
N SER C 276 -10.21 -1.73 41.21
CA SER C 276 -9.59 -0.72 42.03
C SER C 276 -8.14 -0.55 41.66
N THR C 277 -7.55 0.56 42.13
CA THR C 277 -6.15 0.84 41.91
C THR C 277 -5.67 1.83 42.97
N ARG C 278 -4.43 1.65 43.39
CA ARG C 278 -3.82 2.70 44.19
C ARG C 278 -3.33 3.80 43.27
N PHE C 279 -3.19 5.01 43.83
CA PHE C 279 -2.77 6.18 43.07
C PHE C 279 -2.17 7.20 44.02
N GLY C 280 -1.41 8.13 43.45
CA GLY C 280 -0.79 9.18 44.23
C GLY C 280 -0.99 10.55 43.62
N CYS C 281 -1.09 11.56 44.48
CA CYS C 281 -1.35 12.93 44.07
C CYS C 281 -0.04 13.71 44.11
N ARG C 282 0.43 14.16 42.94
CA ARG C 282 1.73 14.81 42.89
C ARG C 282 1.88 15.53 41.57
N THR C 283 2.57 16.68 41.59
CA THR C 283 3.04 17.39 40.40
C THR C 283 4.55 17.32 40.32
N PHE C 284 5.07 17.62 39.13
CA PHE C 284 6.52 17.57 38.91
C PHE C 284 6.89 18.33 37.64
N GLU C 285 8.09 18.89 37.66
CA GLU C 285 8.68 19.51 36.48
C GLU C 285 10.02 18.89 36.20
N ILE C 286 10.47 19.02 34.95
CA ILE C 286 11.84 18.67 34.59
C ILE C 286 12.50 19.95 34.08
N ASP C 287 13.00 20.77 35.01
CA ASP C 287 13.53 22.09 34.68
C ASP C 287 14.91 21.96 34.07
N PRO C 288 15.17 22.60 32.91
CA PRO C 288 16.47 22.43 32.25
C PRO C 288 17.67 22.96 33.04
N GLU C 289 17.47 23.88 33.99
CA GLU C 289 18.57 24.35 34.81
C GLU C 289 18.52 23.80 36.23
N ARG C 290 17.32 23.75 36.83
CA ARG C 290 17.13 23.27 38.19
C ARG C 290 17.00 21.75 38.32
N GLY C 291 16.90 21.02 37.21
CA GLY C 291 16.77 19.57 37.30
C GLY C 291 15.34 19.14 37.62
N PHE C 292 15.20 18.02 38.32
CA PHE C 292 13.88 17.50 38.64
C PHE C 292 13.27 18.24 39.82
N ILE C 293 11.97 18.51 39.71
CA ILE C 293 11.20 19.19 40.75
C ILE C 293 9.99 18.32 41.07
N LEU C 294 9.62 18.23 42.34
CA LEU C 294 8.53 17.38 42.76
C LEU C 294 7.68 18.14 43.76
N ASN C 295 6.42 18.39 43.42
CA ASN C 295 5.53 19.20 44.27
C ASN C 295 6.16 20.55 44.62
N GLY C 296 6.65 21.25 43.59
CA GLY C 296 7.22 22.57 43.76
C GLY C 296 8.67 22.63 44.22
N GLU C 297 9.13 21.61 44.93
CA GLU C 297 10.46 21.64 45.54
C GLU C 297 11.45 20.83 44.70
N GLU C 298 12.66 21.34 44.60
CA GLU C 298 13.71 20.59 43.93
C GLU C 298 13.87 19.22 44.59
N TYR C 299 13.98 18.19 43.75
CA TYR C 299 14.00 16.79 44.18
C TYR C 299 14.96 16.06 43.24
N PRO C 300 16.24 16.03 43.58
CA PRO C 300 17.25 15.53 42.62
C PRO C 300 17.14 14.02 42.41
N LEU C 301 17.22 13.60 41.14
CA LEU C 301 17.02 12.19 40.76
C LEU C 301 18.38 11.56 40.50
N ARG C 302 18.91 10.87 41.50
CA ARG C 302 20.18 10.18 41.41
C ARG C 302 19.96 8.71 41.73
N GLY C 303 20.27 7.83 40.78
CA GLY C 303 19.87 6.45 40.98
C GLY C 303 20.50 5.44 40.05
N VAL C 304 19.72 4.40 39.75
CA VAL C 304 20.24 3.18 39.16
C VAL C 304 19.22 2.66 38.14
N SER C 305 19.69 1.72 37.33
CA SER C 305 18.83 0.92 36.45
C SER C 305 18.73 -0.49 37.02
N ARG C 306 17.75 -1.23 36.52
CA ARG C 306 17.47 -2.55 37.07
C ARG C 306 16.83 -3.39 35.97
N HIS C 307 17.46 -4.54 35.71
CA HIS C 307 16.96 -5.59 34.82
C HIS C 307 16.17 -6.62 35.61
N GLN C 308 15.14 -7.20 34.98
CA GLN C 308 14.18 -8.06 35.69
C GLN C 308 14.59 -9.55 35.70
N ASP C 309 15.85 -9.86 35.99
CA ASP C 309 16.32 -11.23 35.96
C ASP C 309 17.13 -11.49 37.22
N ARG C 310 17.54 -12.73 37.39
CA ARG C 310 18.32 -13.15 38.55
C ARG C 310 19.08 -14.41 38.21
N TRP C 311 20.31 -14.51 38.71
CA TRP C 311 21.09 -15.74 38.54
C TRP C 311 20.27 -16.97 38.92
N GLY C 312 20.31 -17.98 38.06
CA GLY C 312 19.76 -19.29 38.37
C GLY C 312 18.35 -19.53 37.87
N ILE C 313 17.52 -18.48 37.74
CA ILE C 313 16.10 -18.61 37.39
C ILE C 313 15.71 -17.74 36.19
N GLY C 314 16.69 -17.17 35.49
CA GLY C 314 16.36 -16.31 34.35
C GLY C 314 15.60 -15.06 34.79
N ASN C 315 14.54 -14.72 34.04
CA ASN C 315 13.58 -13.70 34.45
C ASN C 315 12.34 -14.30 35.13
N ALA C 316 12.41 -15.55 35.59
CA ALA C 316 11.26 -16.16 36.26
C ALA C 316 11.27 -15.74 37.73
N LEU C 317 11.00 -14.45 37.95
CA LEU C 317 11.17 -13.79 39.23
C LEU C 317 9.93 -13.95 40.10
N LEU C 318 10.14 -14.21 41.40
CA LEU C 318 9.07 -14.31 42.38
C LEU C 318 8.87 -12.97 43.09
N PRO C 319 7.73 -12.74 43.75
CA PRO C 319 7.56 -11.48 44.50
C PRO C 319 8.68 -11.21 45.48
N GLU C 320 9.19 -12.23 46.17
CA GLU C 320 10.30 -12.03 47.08
C GLU C 320 11.53 -11.48 46.37
N HIS C 321 11.70 -11.81 45.09
CA HIS C 321 12.83 -11.29 44.34
C HIS C 321 12.62 -9.82 44.00
N HIS C 322 11.41 -9.44 43.59
CA HIS C 322 11.13 -8.02 43.40
C HIS C 322 11.35 -7.25 44.71
N ARG C 323 10.93 -7.82 45.85
CA ARG C 323 11.07 -7.13 47.12
C ARG C 323 12.53 -6.95 47.50
N GLU C 324 13.34 -7.99 47.31
CA GLU C 324 14.75 -7.87 47.66
C GLU C 324 15.48 -6.88 46.77
N ASP C 325 15.18 -6.87 45.47
CA ASP C 325 15.81 -5.88 44.59
C ASP C 325 15.55 -4.46 45.06
N ILE C 326 14.29 -4.18 45.43
CA ILE C 326 13.95 -2.82 45.80
C ILE C 326 14.51 -2.47 47.18
N ASP C 327 14.54 -3.44 48.11
CA ASP C 327 15.23 -3.24 49.39
C ASP C 327 16.67 -2.81 49.16
N LEU C 328 17.39 -3.55 48.32
CA LEU C 328 18.79 -3.22 48.07
C LEU C 328 18.91 -1.84 47.43
N ILE C 329 17.95 -1.46 46.58
CA ILE C 329 18.03 -0.15 45.96
C ILE C 329 17.73 0.94 46.98
N CYS C 330 16.78 0.67 47.90
CA CYS C 330 16.48 1.62 48.95
C CYS C 330 17.64 1.75 49.93
N GLU C 331 18.24 0.62 50.33
CA GLU C 331 19.42 0.69 51.19
C GLU C 331 20.48 1.59 50.59
N LEU C 332 20.69 1.49 49.27
CA LEU C 332 21.66 2.38 48.63
C LEU C 332 21.17 3.83 48.65
N GLY C 333 19.85 4.02 48.66
CA GLY C 333 19.27 5.34 48.74
C GLY C 333 18.95 6.00 47.42
N ALA C 334 18.77 5.24 46.35
CA ALA C 334 18.45 5.86 45.07
C ALA C 334 17.11 6.58 45.15
N THR C 335 17.01 7.73 44.48
CA THR C 335 15.71 8.38 44.36
C THR C 335 15.02 8.04 43.03
N THR C 336 15.73 7.37 42.12
CA THR C 336 15.16 7.04 40.83
C THR C 336 15.63 5.68 40.38
N ILE C 337 14.77 4.99 39.65
CA ILE C 337 15.14 3.80 38.90
C ILE C 337 14.72 3.98 37.46
N ARG C 338 15.67 3.76 36.56
CA ARG C 338 15.35 3.53 35.15
C ARG C 338 15.06 2.04 34.99
N LEU C 339 13.79 1.69 34.77
CA LEU C 339 13.40 0.30 34.53
C LEU C 339 13.53 0.00 33.04
N ALA C 340 14.79 -0.14 32.62
CA ALA C 340 15.16 -0.60 31.29
C ALA C 340 14.92 -2.11 31.20
N HIS C 341 14.86 -2.64 29.97
CA HIS C 341 14.70 -1.93 28.71
C HIS C 341 13.32 -2.22 28.09
N TYR C 342 12.28 -2.20 28.91
CA TYR C 342 11.03 -2.89 28.57
C TYR C 342 10.12 -2.75 29.79
N GLN C 343 8.86 -3.12 29.61
CA GLN C 343 7.91 -3.05 30.70
C GLN C 343 8.25 -4.09 31.78
N HIS C 344 8.22 -3.66 33.04
CA HIS C 344 8.51 -4.49 34.19
C HIS C 344 7.22 -5.04 34.80
N ASP C 345 7.35 -5.83 35.87
CA ASP C 345 6.18 -6.42 36.50
C ASP C 345 5.36 -5.34 37.21
N GLN C 346 4.03 -5.52 37.21
CA GLN C 346 3.16 -4.61 37.96
C GLN C 346 3.56 -4.56 39.43
N TYR C 347 4.00 -5.70 39.97
CA TYR C 347 4.34 -5.73 41.38
C TYR C 347 5.57 -4.88 41.66
N PHE C 348 6.55 -4.90 40.75
CA PHE C 348 7.70 -4.01 40.95
C PHE C 348 7.29 -2.54 40.89
N TYR C 349 6.45 -2.17 39.91
CA TYR C 349 6.00 -0.77 39.87
C TYR C 349 5.21 -0.40 41.12
N ASP C 350 4.45 -1.35 41.70
CA ASP C 350 3.71 -1.05 42.93
C ASP C 350 4.66 -0.77 44.07
N LEU C 351 5.70 -1.61 44.23
CA LEU C 351 6.74 -1.30 45.20
C LEU C 351 7.28 0.09 44.98
N CYS C 352 7.51 0.45 43.72
CA CYS C 352 8.05 1.77 43.43
C CYS C 352 7.11 2.86 43.91
N ASP C 353 5.81 2.70 43.67
CA ASP C 353 4.80 3.57 44.27
C ASP C 353 4.91 3.60 45.79
N GLU C 354 5.03 2.42 46.43
CA GLU C 354 4.95 2.34 47.89
C GLU C 354 6.14 3.00 48.56
N ARG C 355 7.31 2.97 47.93
CA ARG C 355 8.56 3.46 48.52
C ARG C 355 8.90 4.87 48.07
N GLY C 356 8.15 5.45 47.14
CA GLY C 356 8.43 6.81 46.73
C GLY C 356 9.59 6.96 45.77
N LEU C 357 9.91 5.91 45.01
CA LEU C 357 10.91 5.99 43.96
C LEU C 357 10.28 6.62 42.71
N VAL C 358 11.11 7.32 41.94
CA VAL C 358 10.67 8.00 40.73
C VAL C 358 11.19 7.24 39.51
N ILE C 359 10.27 6.77 38.67
CA ILE C 359 10.56 5.70 37.71
C ILE C 359 10.65 6.26 36.30
N TRP C 360 11.60 5.73 35.54
CA TRP C 360 11.62 5.84 34.09
C TRP C 360 11.26 4.46 33.55
N ALA C 361 10.16 4.40 32.78
CA ALA C 361 9.69 3.19 32.11
C ALA C 361 9.79 3.37 30.59
N GLU C 362 10.10 2.28 29.88
CA GLU C 362 10.38 2.34 28.44
C GLU C 362 10.03 1.02 27.75
N ILE C 363 9.95 1.06 26.42
CA ILE C 363 9.71 -0.10 25.57
C ILE C 363 11.05 -0.54 24.99
N PRO C 364 11.22 -1.83 24.52
CA PRO C 364 12.50 -2.29 23.96
C PRO C 364 12.77 -1.88 22.50
N TYR C 365 12.49 -0.63 22.19
CA TYR C 365 12.87 -0.04 20.90
C TYR C 365 14.36 0.28 20.99
N ILE C 366 15.22 -0.64 20.54
CA ILE C 366 16.59 -0.65 21.05
C ILE C 366 17.60 -1.06 19.98
N SER C 367 18.78 -0.42 20.05
CA SER C 367 19.99 -0.66 19.26
C SER C 367 19.88 -0.36 17.78
N SER C 368 18.82 -0.82 17.10
CA SER C 368 18.81 -0.77 15.64
C SER C 368 17.37 -0.71 15.12
N HIS C 369 17.05 0.38 14.44
CA HIS C 369 15.69 0.56 13.94
C HIS C 369 15.37 -0.47 12.87
N MET C 370 14.33 -1.30 13.12
CA MET C 370 13.78 -2.25 12.16
C MET C 370 12.64 -1.60 11.38
N PRO C 371 12.71 -1.53 10.04
CA PRO C 371 11.57 -0.97 9.29
C PRO C 371 10.27 -1.76 9.46
N ASN C 372 10.34 -3.10 9.50
CA ASN C 372 9.17 -3.92 9.77
C ASN C 372 8.73 -3.89 11.26
N GLY C 373 9.40 -3.11 12.11
CA GLY C 373 9.16 -3.11 13.55
C GLY C 373 8.20 -2.07 14.10
N ARG C 374 7.76 -1.13 13.25
CA ARG C 374 6.90 -0.04 13.66
C ARG C 374 5.68 -0.51 14.47
N GLU C 375 4.91 -1.44 13.91
CA GLU C 375 3.68 -1.91 14.56
C GLU C 375 3.92 -2.40 15.98
N ASN C 376 5.04 -3.11 16.20
CA ASN C 376 5.30 -3.65 17.52
C ASN C 376 5.74 -2.58 18.51
N THR C 377 6.41 -1.51 18.05
CA THR C 377 6.65 -0.37 18.93
C THR C 377 5.34 0.26 19.38
N ILE C 378 4.35 0.34 18.48
CA ILE C 378 3.08 1.00 18.80
C ILE C 378 2.33 0.18 19.85
N SER C 379 2.21 -1.12 19.60
CA SER C 379 1.49 -2.02 20.49
C SER C 379 2.14 -2.07 21.87
N GLN C 380 3.48 -2.15 21.94
CA GLN C 380 4.12 -2.21 23.24
C GLN C 380 4.01 -0.87 23.97
N MET C 381 4.05 0.25 23.25
CA MET C 381 3.88 1.52 23.94
C MET C 381 2.45 1.70 24.43
N LYS C 382 1.46 1.29 23.62
CA LYS C 382 0.07 1.38 24.05
C LYS C 382 -0.14 0.58 25.34
N GLU C 383 0.23 -0.70 25.32
CA GLU C 383 0.18 -1.55 26.51
C GLU C 383 0.95 -0.93 27.67
N LEU C 384 2.16 -0.41 27.42
CA LEU C 384 2.94 0.17 28.51
C LEU C 384 2.15 1.28 29.21
N VAL C 385 1.61 2.21 28.42
CA VAL C 385 0.92 3.36 28.99
C VAL C 385 -0.41 2.95 29.59
N VAL C 386 -1.20 2.17 28.86
CA VAL C 386 -2.51 1.77 29.37
C VAL C 386 -2.38 1.02 30.69
N GLN C 387 -1.38 0.15 30.80
CA GLN C 387 -1.29 -0.69 32.00
C GLN C 387 -0.62 0.01 33.16
N ASN C 388 0.14 1.09 32.93
CA ASN C 388 0.91 1.71 33.99
C ASN C 388 0.51 3.17 34.26
N TYR C 389 -0.54 3.66 33.62
CA TYR C 389 -0.97 5.04 33.76
C TYR C 389 -1.16 5.44 35.23
N ASN C 390 -1.66 4.53 36.06
CA ASN C 390 -2.04 4.87 37.42
C ASN C 390 -0.85 4.94 38.37
N HIS C 391 0.31 4.42 37.99
CA HIS C 391 1.48 4.38 38.89
C HIS C 391 2.05 5.77 39.14
N PRO C 392 1.89 6.34 40.34
CA PRO C 392 2.44 7.69 40.58
C PRO C 392 3.96 7.77 40.53
N SER C 393 4.66 6.66 40.76
CA SER C 393 6.12 6.64 40.62
C SER C 393 6.59 7.01 39.21
N ILE C 394 5.80 6.76 38.18
CA ILE C 394 6.28 6.90 36.80
C ILE C 394 6.10 8.33 36.31
N VAL C 395 7.18 8.91 35.80
CA VAL C 395 7.17 10.31 35.38
C VAL C 395 7.50 10.44 33.90
N VAL C 396 8.26 9.49 33.36
CA VAL C 396 8.67 9.61 31.97
C VAL C 396 8.49 8.28 31.28
N TRP C 397 8.11 8.36 30.02
CA TRP C 397 8.01 7.20 29.14
C TRP C 397 9.17 7.28 28.17
N GLY C 398 9.92 6.18 28.05
CA GLY C 398 11.07 6.12 27.16
C GLY C 398 10.67 5.52 25.82
N LEU C 399 10.99 6.24 24.75
CA LEU C 399 10.61 5.82 23.41
C LEU C 399 11.57 4.76 22.85
N SER C 400 12.86 4.87 23.17
CA SER C 400 13.89 4.06 22.52
C SER C 400 15.19 4.21 23.30
N ASN C 401 16.15 3.32 23.01
CA ASN C 401 17.44 3.28 23.69
C ASN C 401 18.52 2.97 22.66
N GLU C 402 19.44 3.93 22.44
CA GLU C 402 20.55 3.77 21.50
C GLU C 402 20.05 3.39 20.11
N ILE C 403 18.90 3.93 19.73
CA ILE C 403 18.29 3.47 18.49
C ILE C 403 19.14 3.78 17.26
N THR C 404 20.12 4.70 17.33
CA THR C 404 20.98 4.99 16.18
C THR C 404 22.34 4.28 16.25
N MET C 405 22.44 3.14 16.93
CA MET C 405 23.74 2.52 17.19
C MET C 405 24.37 1.75 16.01
N GLU C 411 15.26 8.43 8.70
CA GLU C 411 13.98 9.08 8.37
C GLU C 411 12.73 8.24 8.70
N ASP C 412 12.73 6.95 8.34
CA ASP C 412 11.73 6.05 8.91
C ASP C 412 11.87 6.01 10.44
N LEU C 413 13.11 6.12 10.94
CA LEU C 413 13.33 6.22 12.37
C LEU C 413 12.65 7.45 12.95
N LEU C 414 12.80 8.60 12.29
CA LEU C 414 12.27 9.84 12.82
C LEU C 414 10.75 9.84 12.83
N GLU C 415 10.15 9.34 11.75
CA GLU C 415 8.71 9.15 11.73
C GLU C 415 8.26 8.21 12.85
N ASN C 416 8.96 7.08 13.04
CA ASN C 416 8.63 6.14 14.12
C ASN C 416 8.61 6.83 15.47
N HIS C 417 9.60 7.69 15.73
CA HIS C 417 9.63 8.43 16.99
C HIS C 417 8.57 9.52 17.07
N ARG C 418 8.23 10.15 15.93
CA ARG C 418 7.16 11.15 15.96
C ARG C 418 5.82 10.50 16.22
N ILE C 419 5.65 9.27 15.77
CA ILE C 419 4.40 8.55 16.03
C ILE C 419 4.27 8.19 17.50
N LEU C 420 5.35 7.63 18.08
CA LEU C 420 5.35 7.29 19.50
C LEU C 420 5.17 8.54 20.36
N ASN C 421 5.94 9.59 20.06
CA ASN C 421 5.86 10.81 20.86
C ASN C 421 4.44 11.39 20.86
N ASP C 422 3.82 11.48 19.67
CA ASP C 422 2.46 12.02 19.61
C ASP C 422 1.46 11.12 20.33
N MET C 423 1.61 9.79 20.19
CA MET C 423 0.65 8.86 20.77
C MET C 423 0.68 8.91 22.29
N VAL C 424 1.88 8.93 22.88
CA VAL C 424 1.99 9.06 24.34
C VAL C 424 1.43 10.40 24.80
N HIS C 425 1.85 11.49 24.14
CA HIS C 425 1.32 12.81 24.49
C HIS C 425 -0.19 12.85 24.35
N GLU C 426 -0.74 12.11 23.37
CA GLU C 426 -2.18 12.02 23.20
C GLU C 426 -2.83 11.21 24.33
N MET C 427 -2.17 10.12 24.76
CA MET C 427 -2.77 9.24 25.77
C MET C 427 -2.53 9.72 27.19
N ASP C 428 -1.42 10.42 27.46
CA ASP C 428 -1.05 10.77 28.82
C ASP C 428 -0.64 12.25 28.83
N HIS C 429 -1.57 13.08 29.27
CA HIS C 429 -1.32 14.51 29.41
C HIS C 429 -0.57 14.85 30.69
N THR C 430 -0.10 13.84 31.45
CA THR C 430 0.48 14.10 32.76
C THR C 430 1.94 13.69 32.89
N ARG C 431 2.57 13.16 31.84
CA ARG C 431 3.96 12.69 31.91
C ARG C 431 4.71 13.16 30.67
N LEU C 432 6.04 13.20 30.78
CA LEU C 432 6.89 13.67 29.69
C LEU C 432 7.52 12.48 28.96
N THR C 433 7.98 12.74 27.74
CA THR C 433 8.65 11.70 26.97
C THR C 433 10.15 11.93 27.05
N THR C 434 10.89 10.84 26.86
CA THR C 434 12.35 10.85 26.91
C THR C 434 12.92 9.77 25.99
N ILE C 435 14.24 9.85 25.79
CA ILE C 435 15.01 8.85 25.07
C ILE C 435 16.34 8.62 25.78
N ALA C 436 17.00 7.54 25.35
CA ALA C 436 18.35 7.21 25.81
C ALA C 436 19.19 7.10 24.55
N VAL C 437 20.23 7.93 24.48
CA VAL C 437 21.00 8.14 23.25
C VAL C 437 22.34 7.44 23.39
N VAL C 438 22.72 6.70 22.35
CA VAL C 438 24.02 6.04 22.37
C VAL C 438 25.12 7.11 22.53
N SER C 439 26.32 6.66 22.92
CA SER C 439 27.38 7.58 23.32
C SER C 439 27.85 8.48 22.18
N MET C 440 28.16 7.90 21.03
CA MET C 440 28.75 8.63 19.92
C MET C 440 27.74 9.42 19.10
N CYS C 441 26.45 9.34 19.42
CA CYS C 441 25.47 9.97 18.56
C CYS C 441 25.66 11.47 18.55
N ASP C 442 25.71 12.07 17.36
CA ASP C 442 25.97 13.50 17.28
C ASP C 442 24.89 14.27 18.00
N ILE C 443 25.30 15.25 18.80
CA ILE C 443 24.35 16.00 19.61
C ILE C 443 23.41 16.88 18.79
N HIS C 444 23.70 17.12 17.51
CA HIS C 444 22.80 17.90 16.68
C HIS C 444 21.82 17.03 15.92
N ASP C 445 21.85 15.71 16.13
CA ASP C 445 21.04 14.78 15.36
C ASP C 445 19.56 15.15 15.49
N PRO C 446 18.78 14.97 14.42
CA PRO C 446 17.36 15.39 14.43
C PRO C 446 16.49 14.69 15.46
N TYR C 447 16.79 13.44 15.80
CA TYR C 447 15.84 12.72 16.65
C TYR C 447 15.89 13.20 18.10
N ILE C 448 17.00 13.82 18.52
CA ILE C 448 17.11 14.39 19.86
C ILE C 448 16.10 15.50 20.10
N GLN C 449 15.63 16.16 19.04
CA GLN C 449 14.67 17.24 19.21
C GLN C 449 13.24 16.77 19.46
N ILE C 450 12.94 15.49 19.31
CA ILE C 450 11.55 15.02 19.36
C ILE C 450 11.01 14.90 20.78
N PRO C 451 11.65 14.19 21.71
CA PRO C 451 11.05 14.03 23.04
C PRO C 451 11.15 15.29 23.89
N ASP C 452 10.31 15.33 24.93
CA ASP C 452 10.37 16.43 25.90
C ASP C 452 11.75 16.53 26.55
N VAL C 453 12.36 15.39 26.93
CA VAL C 453 13.67 15.39 27.56
C VAL C 453 14.51 14.23 27.00
N ILE C 454 15.84 14.35 27.13
CA ILE C 454 16.76 13.30 26.65
C ILE C 454 17.77 12.93 27.73
N SER C 455 18.38 11.76 27.56
CA SER C 455 19.54 11.33 28.35
C SER C 455 20.53 10.59 27.48
N TYR C 456 21.79 10.59 27.90
CA TYR C 456 22.85 9.85 27.21
C TYR C 456 23.33 8.66 28.04
N ASN C 457 23.85 7.65 27.32
CA ASN C 457 24.59 6.51 27.87
C ASN C 457 26.06 6.73 27.56
N HIS C 458 26.84 7.21 28.53
CA HIS C 458 28.26 7.44 28.30
C HIS C 458 29.12 6.52 29.16
N TYR C 459 30.18 6.03 28.56
CA TYR C 459 31.04 5.08 29.24
C TYR C 459 32.50 5.54 29.17
N PHE C 460 32.74 6.85 29.23
CA PHE C 460 34.10 7.37 29.20
C PHE C 460 34.81 6.93 30.47
N GLY C 461 35.90 6.19 30.33
CA GLY C 461 36.52 5.56 31.45
C GLY C 461 36.27 4.08 31.55
N TRP C 462 35.46 3.52 30.65
CA TRP C 462 35.30 2.07 30.60
C TRP C 462 35.44 1.51 29.19
N TYR C 463 34.61 1.96 28.24
CA TYR C 463 34.76 1.59 26.83
C TYR C 463 35.63 2.65 26.14
N GLY C 464 36.90 2.66 26.48
CA GLY C 464 37.81 3.68 25.98
C GLY C 464 37.65 4.97 26.75
N GLY C 465 38.41 5.98 26.31
CA GLY C 465 38.25 7.28 26.93
C GLY C 465 38.82 7.33 28.35
N ASP C 466 38.42 8.38 29.06
CA ASP C 466 38.87 8.56 30.42
C ASP C 466 37.71 9.10 31.24
N VAL C 467 37.62 8.64 32.50
CA VAL C 467 36.50 9.02 33.36
C VAL C 467 36.38 10.53 33.54
N SER C 468 37.46 11.29 33.38
CA SER C 468 37.36 12.73 33.56
C SER C 468 36.56 13.40 32.46
N MET C 469 36.34 12.72 31.33
CA MET C 469 35.65 13.34 30.20
C MET C 469 34.16 13.57 30.44
N ASN C 470 33.56 12.89 31.41
CA ASN C 470 32.10 12.82 31.46
C ASN C 470 31.48 14.18 31.76
N GLY C 471 31.83 14.77 32.90
CA GLY C 471 31.28 16.05 33.28
C GLY C 471 31.41 17.12 32.20
N PRO C 472 32.62 17.31 31.65
CA PRO C 472 32.76 18.31 30.59
C PRO C 472 31.90 18.01 29.38
N TRP C 473 31.81 16.73 28.95
CA TRP C 473 30.92 16.38 27.84
C TRP C 473 29.51 16.86 28.14
N MET C 474 28.99 16.51 29.32
CA MET C 474 27.68 16.99 29.72
C MET C 474 27.59 18.51 29.66
N ASP C 475 28.69 19.20 30.03
CA ASP C 475 28.67 20.67 30.02
C ASP C 475 28.48 21.20 28.61
N ASN C 476 29.17 20.58 27.65
CA ASN C 476 29.04 20.98 26.27
C ASN C 476 27.60 20.88 25.80
N PHE C 477 26.95 19.75 26.09
CA PHE C 477 25.56 19.62 25.64
C PHE C 477 24.68 20.68 26.28
N HIS C 478 24.84 20.90 27.58
CA HIS C 478 24.01 21.88 28.28
C HIS C 478 24.27 23.29 27.75
N LYS C 479 25.52 23.58 27.35
CA LYS C 479 25.80 24.81 26.61
C LYS C 479 25.11 24.80 25.25
N GLU C 480 25.30 23.73 24.48
CA GLU C 480 24.76 23.69 23.12
C GLU C 480 23.24 23.72 23.10
N PHE C 481 22.59 23.16 24.13
CA PHE C 481 21.13 23.02 24.18
C PHE C 481 20.64 23.38 25.57
N PRO C 482 20.59 24.67 25.91
CA PRO C 482 20.36 25.07 27.31
C PRO C 482 18.97 24.76 27.85
N ASN C 483 18.03 24.27 27.03
CA ASN C 483 16.67 24.09 27.52
C ASN C 483 16.08 22.72 27.17
N ILE C 484 16.88 21.81 26.61
CA ILE C 484 16.56 20.39 26.60
C ILE C 484 17.07 19.81 27.91
N PRO C 485 16.22 19.44 28.85
CA PRO C 485 16.72 18.79 30.07
C PRO C 485 17.56 17.57 29.70
N LEU C 486 18.73 17.48 30.32
CA LEU C 486 19.75 16.50 29.95
C LEU C 486 20.03 15.61 31.16
N GLY C 487 19.91 14.30 30.98
CA GLY C 487 20.24 13.32 32.00
C GLY C 487 21.30 12.35 31.51
N MET C 488 21.74 11.49 32.42
CA MET C 488 22.67 10.41 32.09
C MET C 488 21.91 9.09 32.30
N SER C 489 21.48 8.49 31.20
CA SER C 489 20.65 7.30 31.29
C SER C 489 21.46 6.03 31.53
N GLU C 490 22.74 6.05 31.19
CA GLU C 490 23.62 4.94 31.53
C GLU C 490 25.00 5.51 31.78
N TYR C 491 25.73 4.83 32.67
CA TYR C 491 27.18 4.96 32.83
C TYR C 491 27.58 3.89 33.83
N GLY C 492 28.77 3.37 33.66
CA GLY C 492 29.11 2.19 34.42
C GLY C 492 30.44 1.63 33.97
N CYS C 493 30.78 0.49 34.55
CA CYS C 493 32.13 -0.03 34.58
C CYS C 493 32.05 -1.47 35.10
N GLU C 494 32.70 -2.41 34.41
CA GLU C 494 32.56 -3.81 34.82
C GLU C 494 33.45 -4.12 36.01
N ALA C 495 32.99 -5.04 36.84
CA ALA C 495 33.74 -5.42 38.03
C ALA C 495 33.39 -6.85 38.43
N LEU C 496 34.41 -7.68 38.62
CA LEU C 496 34.26 -9.02 39.19
C LEU C 496 35.26 -9.14 40.34
N ASN C 497 35.47 -10.35 40.83
CA ASN C 497 36.36 -10.59 41.97
C ASN C 497 37.82 -10.65 41.53
N TRP C 498 38.27 -9.57 40.91
CA TRP C 498 39.67 -9.35 40.63
C TRP C 498 40.15 -8.13 41.44
N HIS C 499 41.43 -8.11 41.78
CA HIS C 499 41.92 -7.03 42.63
C HIS C 499 43.33 -6.62 42.25
N THR C 500 43.66 -5.40 42.63
CA THR C 500 44.90 -4.77 42.20
C THR C 500 45.19 -3.59 43.11
N SER C 501 46.46 -3.22 43.21
CA SER C 501 46.87 -1.97 43.82
C SER C 501 47.16 -0.91 42.78
N ASP C 502 46.82 -1.18 41.51
CA ASP C 502 47.09 -0.28 40.40
C ASP C 502 45.89 -0.34 39.47
N PRO C 503 44.78 0.29 39.86
CA PRO C 503 43.53 0.18 39.09
C PRO C 503 43.67 0.83 37.72
N LYS C 504 43.35 0.07 36.68
CA LYS C 504 43.32 0.55 35.31
C LYS C 504 42.10 -0.02 34.59
N GLN C 505 41.52 0.79 33.72
CA GLN C 505 40.40 0.35 32.92
C GLN C 505 40.78 -0.89 32.12
N GLY C 506 39.91 -1.90 32.17
CA GLY C 506 40.20 -3.18 31.57
C GLY C 506 40.88 -4.20 32.47
N ASP C 507 41.07 -3.91 33.75
CA ASP C 507 41.51 -5.01 34.60
C ASP C 507 40.33 -5.71 35.28
N TYR C 508 39.12 -5.18 35.13
CA TYR C 508 37.89 -5.79 35.66
C TYR C 508 37.96 -5.93 37.18
N THR C 509 38.77 -5.11 37.84
CA THR C 509 38.92 -5.22 39.29
C THR C 509 37.82 -4.43 40.00
N GLU C 510 37.49 -4.92 41.20
CA GLU C 510 36.61 -4.17 42.08
C GLU C 510 37.18 -2.78 42.38
N GLU C 511 38.50 -2.64 42.45
CA GLU C 511 39.08 -1.36 42.84
C GLU C 511 38.93 -0.33 41.73
N TYR C 512 39.11 -0.72 40.47
CA TYR C 512 38.94 0.25 39.40
C TYR C 512 37.50 0.72 39.29
N GLN C 513 36.52 -0.20 39.44
CA GLN C 513 35.13 0.21 39.36
C GLN C 513 34.77 1.20 40.47
N ALA C 514 35.32 1.01 41.66
CA ALA C 514 35.03 1.94 42.75
C ALA C 514 35.61 3.33 42.46
N TYR C 515 36.84 3.36 41.95
CA TYR C 515 37.43 4.64 41.54
C TYR C 515 36.59 5.30 40.46
N TYR C 516 36.19 4.52 39.45
CA TYR C 516 35.35 5.06 38.38
C TYR C 516 34.09 5.71 38.96
N HIS C 517 33.44 5.02 39.89
CA HIS C 517 32.19 5.55 40.43
C HIS C 517 32.41 6.71 41.39
N GLU C 518 33.52 6.72 42.16
CA GLU C 518 33.88 7.91 42.94
C GLU C 518 33.95 9.12 42.03
N GLU C 519 34.63 8.98 40.88
CA GLU C 519 34.80 10.12 39.98
C GLU C 519 33.51 10.49 39.27
N MET C 520 32.67 9.50 38.94
CA MET C 520 31.40 9.84 38.31
C MET C 520 30.46 10.57 39.28
N ILE C 521 30.42 10.12 40.53
CA ILE C 521 29.62 10.83 41.53
C ILE C 521 30.10 12.26 41.68
N LYS C 522 31.41 12.48 41.79
CA LYS C 522 31.90 13.84 41.98
C LYS C 522 31.53 14.73 40.79
N GLN C 523 31.58 14.19 39.56
CA GLN C 523 31.22 14.99 38.40
C GLN C 523 29.70 15.18 38.29
N LEU C 524 28.94 14.10 38.42
CA LEU C 524 27.51 14.12 38.10
C LEU C 524 26.67 14.72 39.23
N PHE C 525 26.88 14.26 40.46
CA PHE C 525 26.04 14.66 41.58
C PHE C 525 26.19 16.13 41.93
N THR C 526 27.15 16.81 41.33
CA THR C 526 27.39 18.22 41.60
C THR C 526 26.78 19.15 40.55
N ARG C 527 26.19 18.60 39.49
CA ARG C 527 25.60 19.39 38.41
C ARG C 527 24.08 19.28 38.55
N LYS C 528 23.48 20.35 39.08
CA LYS C 528 22.03 20.37 39.30
C LYS C 528 21.26 20.15 38.00
N TYR C 529 21.78 20.65 36.87
CA TYR C 529 21.02 20.65 35.62
C TYR C 529 20.87 19.26 35.01
N ILE C 530 21.57 18.25 35.50
CA ILE C 530 21.39 16.89 34.99
C ILE C 530 20.18 16.30 35.68
N TRP C 531 19.07 16.17 34.94
CA TRP C 531 17.81 15.93 35.61
C TRP C 531 17.71 14.52 36.20
N ALA C 532 18.48 13.57 35.69
CA ALA C 532 18.45 12.23 36.25
C ALA C 532 19.73 11.48 35.91
N THR C 533 20.32 10.85 36.89
CA THR C 533 21.45 9.97 36.64
C THR C 533 21.05 8.55 37.00
N HIS C 534 21.48 7.60 36.18
CA HIS C 534 21.15 6.19 36.34
C HIS C 534 22.41 5.37 36.14
N VAL C 535 22.90 4.80 37.24
CA VAL C 535 23.96 3.81 37.17
C VAL C 535 23.52 2.63 36.34
N TRP C 536 24.33 2.27 35.35
CA TRP C 536 24.26 0.99 34.66
C TRP C 536 25.31 0.08 35.28
N ASN C 537 24.89 -0.91 36.06
CA ASN C 537 23.51 -1.25 36.42
C ASN C 537 23.50 -1.53 37.95
N MET C 538 22.32 -1.57 38.58
CA MET C 538 22.28 -1.92 40.00
C MET C 538 22.80 -3.33 40.27
N PHE C 539 22.47 -4.28 39.39
CA PHE C 539 22.92 -5.65 39.53
C PHE C 539 23.54 -6.14 38.23
N ASP C 540 24.54 -7.03 38.36
CA ASP C 540 24.94 -7.87 37.24
C ASP C 540 23.72 -8.59 36.68
N PHE C 541 23.73 -8.84 35.36
CA PHE C 541 22.53 -9.40 34.72
C PHE C 541 22.93 -10.27 33.54
N GLY C 542 21.95 -11.06 33.07
CA GLY C 542 22.17 -12.01 32.00
C GLY C 542 22.31 -11.44 30.60
N ALA C 543 23.45 -11.73 29.97
CA ALA C 543 23.69 -11.34 28.58
C ALA C 543 24.53 -12.45 27.95
N ASP C 544 23.85 -13.36 27.26
CA ASP C 544 24.49 -14.60 26.86
C ASP C 544 25.54 -14.41 25.77
N ALA C 545 25.51 -13.30 25.05
CA ALA C 545 26.56 -13.05 24.08
C ALA C 545 27.84 -12.50 24.71
N ARG C 546 27.80 -12.07 25.97
CA ARG C 546 29.01 -11.57 26.62
C ARG C 546 29.93 -12.73 26.96
N ASN C 547 31.20 -12.56 26.69
CA ASN C 547 32.20 -13.60 26.94
C ASN C 547 33.49 -12.89 27.39
N GLU C 548 33.43 -12.25 28.57
CA GLU C 548 34.55 -11.43 29.01
C GLU C 548 34.62 -11.36 30.53
N GLY C 549 35.70 -10.72 31.00
CA GLY C 549 35.98 -10.57 32.40
C GLY C 549 36.19 -11.87 33.15
N GLY C 550 36.19 -13.00 32.47
CA GLY C 550 36.44 -14.26 33.14
C GLY C 550 35.21 -14.95 33.68
N GLU C 551 34.01 -14.47 33.38
CA GLU C 551 32.80 -15.23 33.66
C GLU C 551 31.77 -14.83 32.60
N ASN C 552 31.55 -15.72 31.64
CA ASN C 552 30.77 -15.41 30.46
C ASN C 552 29.27 -15.49 30.75
N GLY C 553 28.48 -14.87 29.88
CA GLY C 553 27.05 -14.88 30.00
C GLY C 553 26.45 -13.75 30.82
N GLN C 554 27.28 -12.89 31.41
CA GLN C 554 26.83 -11.82 32.29
C GLN C 554 27.47 -10.49 31.90
N ASN C 555 26.67 -9.43 32.03
CA ASN C 555 27.17 -8.06 32.10
C ASN C 555 27.51 -7.83 33.56
N HIS C 556 28.78 -7.58 33.85
CA HIS C 556 29.20 -7.45 35.24
C HIS C 556 29.34 -5.99 35.67
N LYS C 557 28.54 -5.09 35.10
CA LYS C 557 28.58 -3.69 35.51
C LYS C 557 27.73 -3.39 36.76
N GLY C 558 27.19 -4.39 37.43
CA GLY C 558 26.37 -4.11 38.59
C GLY C 558 27.14 -3.50 39.74
N LEU C 559 26.39 -2.80 40.60
CA LEU C 559 26.87 -2.47 41.95
C LEU C 559 26.76 -3.67 42.88
N VAL C 560 25.94 -4.65 42.50
CA VAL C 560 25.64 -5.84 43.28
C VAL C 560 25.68 -7.02 42.32
N THR C 561 26.09 -8.18 42.83
CA THR C 561 26.26 -9.34 41.96
C THR C 561 24.90 -9.89 41.49
N PHE C 562 24.98 -10.87 40.59
CA PHE C 562 23.79 -11.41 39.91
C PHE C 562 22.88 -12.17 40.85
N ASP C 563 23.43 -12.86 41.87
CA ASP C 563 22.59 -13.56 42.81
C ASP C 563 22.14 -12.67 43.98
N ARG C 564 22.40 -11.36 43.89
CA ARG C 564 22.08 -10.36 44.91
C ARG C 564 22.80 -10.60 46.23
N LYS C 565 23.89 -11.39 46.24
CA LYS C 565 24.52 -11.79 47.49
C LYS C 565 25.70 -10.92 47.88
N TYR C 566 26.33 -10.25 46.95
CA TYR C 566 27.53 -9.49 47.25
C TYR C 566 27.35 -8.04 46.82
N LYS C 567 27.51 -7.13 47.76
CA LYS C 567 27.55 -5.70 47.44
C LYS C 567 29.00 -5.34 47.15
N LYS C 568 29.28 -4.98 45.89
CA LYS C 568 30.59 -4.47 45.54
C LYS C 568 30.84 -3.12 46.24
N ASP C 569 32.11 -2.77 46.39
CA ASP C 569 32.45 -1.55 47.09
C ASP C 569 31.77 -0.33 46.48
N SER C 570 31.54 -0.32 45.17
CA SER C 570 30.93 0.84 44.55
C SER C 570 29.52 1.08 45.08
N PHE C 571 28.84 0.03 45.50
CA PHE C 571 27.52 0.16 46.14
C PHE C 571 27.57 1.12 47.32
N TYR C 572 28.66 1.07 48.08
CA TYR C 572 28.81 1.88 49.28
C TYR C 572 29.21 3.31 48.96
N ALA C 573 29.97 3.53 47.88
CA ALA C 573 30.27 4.90 47.49
C ALA C 573 28.98 5.66 47.21
N TYR C 574 28.02 5.02 46.53
CA TYR C 574 26.72 5.67 46.34
C TYR C 574 25.96 5.80 47.65
N LYS C 575 25.97 4.76 48.49
CA LYS C 575 25.24 4.82 49.75
C LYS C 575 25.75 5.98 50.62
N ALA C 576 27.05 6.21 50.60
CA ALA C 576 27.61 7.28 51.43
C ALA C 576 27.07 8.66 51.00
N TRP C 577 26.73 8.82 49.73
CA TRP C 577 26.15 10.06 49.26
C TRP C 577 24.64 10.11 49.38
N LEU C 578 23.95 8.96 49.38
CA LEU C 578 22.52 8.96 49.18
C LEU C 578 21.72 8.47 50.38
N SER C 579 22.33 7.70 51.27
CA SER C 579 21.59 7.13 52.39
C SER C 579 21.74 8.02 53.61
N ASP C 580 20.70 8.02 54.43
CA ASP C 580 20.75 8.72 55.71
C ASP C 580 21.00 7.80 56.88
N GLU C 581 20.95 6.49 56.67
CA GLU C 581 21.36 5.56 57.69
C GLU C 581 22.87 5.70 57.87
N PRO C 582 23.36 5.98 59.07
CA PRO C 582 24.81 6.12 59.26
C PRO C 582 25.52 4.77 59.14
N PHE C 583 26.70 4.80 58.49
CA PHE C 583 27.46 3.57 58.29
C PHE C 583 28.90 3.92 57.98
N VAL C 584 29.79 2.96 58.22
CA VAL C 584 31.17 3.02 57.76
C VAL C 584 31.48 1.71 57.03
N HIS C 585 32.07 1.81 55.84
CA HIS C 585 32.35 0.64 55.02
C HIS C 585 33.82 0.59 54.65
N LEU C 586 34.47 -0.51 55.00
CA LEU C 586 35.85 -0.76 54.61
C LEU C 586 35.85 -1.36 53.20
N CYS C 587 36.51 -0.70 52.27
CA CYS C 587 36.71 -1.27 50.93
C CYS C 587 37.85 -2.27 50.93
N GLY C 588 37.86 -3.11 49.89
CA GLY C 588 38.96 -4.02 49.64
C GLY C 588 38.97 -5.29 50.45
N LYS C 589 37.85 -5.65 51.10
CA LYS C 589 37.85 -6.83 51.98
C LYS C 589 38.29 -8.09 51.24
N ARG C 590 37.98 -8.20 49.96
CA ARG C 590 38.37 -9.40 49.22
C ARG C 590 39.79 -9.31 48.66
N TYR C 591 40.48 -8.21 48.90
CA TYR C 591 41.88 -8.01 48.51
C TYR C 591 42.73 -8.11 49.78
N VAL C 592 43.12 -9.34 50.13
CA VAL C 592 43.80 -9.64 51.38
C VAL C 592 45.32 -9.65 51.16
N ASP C 593 45.78 -10.47 50.22
CA ASP C 593 47.20 -10.62 49.96
C ASP C 593 47.70 -9.43 49.14
N ARG C 594 48.60 -8.65 49.70
CA ARG C 594 49.11 -7.49 49.00
C ARG C 594 50.62 -7.44 49.17
N VAL C 595 51.32 -7.06 48.09
CA VAL C 595 52.77 -7.14 48.03
C VAL C 595 53.45 -5.93 48.69
N GLU C 596 52.80 -4.76 48.68
CA GLU C 596 53.47 -3.51 49.00
C GLU C 596 53.54 -3.29 50.52
N ASP C 597 54.63 -2.67 50.98
CA ASP C 597 54.81 -2.41 52.42
C ASP C 597 53.80 -1.40 52.96
N THR C 598 53.30 -0.53 52.10
CA THR C 598 52.38 0.53 52.49
C THR C 598 51.25 0.56 51.47
N THR C 599 50.03 0.29 51.93
CA THR C 599 48.94 0.00 51.01
C THR C 599 47.73 0.94 51.18
N LYS C 600 47.04 1.18 50.08
CA LYS C 600 45.90 2.09 50.03
C LYS C 600 44.63 1.38 50.53
N VAL C 601 43.90 2.05 51.41
CA VAL C 601 42.71 1.52 52.04
C VAL C 601 41.64 2.61 51.98
N THR C 602 40.56 2.36 51.26
CA THR C 602 39.47 3.32 51.10
C THR C 602 38.34 2.99 52.06
N VAL C 603 37.82 4.01 52.74
CA VAL C 603 36.62 3.87 53.54
C VAL C 603 35.56 4.79 52.95
N TYR C 604 34.35 4.25 52.77
CA TYR C 604 33.16 5.06 52.46
C TYR C 604 32.33 5.24 53.73
N SER C 605 31.88 6.47 53.96
CA SER C 605 31.02 6.74 55.10
C SER C 605 30.27 8.05 54.87
N ASN C 606 29.03 8.09 55.36
CA ASN C 606 28.25 9.32 55.37
C ASN C 606 28.40 10.07 56.70
N LEU C 607 29.30 9.69 57.49
CA LEU C 607 29.72 10.35 58.71
C LEU C 607 30.92 11.25 58.40
N PRO C 608 31.15 12.30 59.19
CA PRO C 608 32.15 13.30 58.78
C PRO C 608 33.59 12.81 58.89
N GLU C 609 33.88 11.91 59.80
CA GLU C 609 35.27 11.67 60.16
C GLU C 609 35.51 10.20 60.43
N VAL C 610 36.65 9.68 59.97
CA VAL C 610 36.97 8.27 60.12
C VAL C 610 38.40 8.14 60.62
N GLU C 611 38.59 7.36 61.68
CA GLU C 611 39.90 6.93 62.10
C GLU C 611 40.04 5.45 61.78
N LEU C 612 41.20 5.08 61.23
CA LEU C 612 41.49 3.71 60.82
C LEU C 612 42.61 3.15 61.68
N PHE C 613 42.42 1.93 62.18
CA PHE C 613 43.38 1.28 63.05
C PHE C 613 43.90 0.01 62.42
N VAL C 614 45.21 -0.19 62.57
CA VAL C 614 45.94 -1.31 62.02
C VAL C 614 46.50 -2.08 63.21
N ASN C 615 45.98 -3.27 63.47
CA ASN C 615 46.42 -4.03 64.64
C ASN C 615 46.31 -3.17 65.90
N GLY C 616 45.22 -2.40 65.98
CA GLY C 616 44.97 -1.51 67.10
C GLY C 616 45.73 -0.19 67.09
N LYS C 617 46.61 0.05 66.11
CA LYS C 617 47.37 1.29 66.08
C LYS C 617 46.78 2.25 65.06
N SER C 618 46.54 3.49 65.48
CA SER C 618 45.96 4.48 64.57
C SER C 618 46.87 4.68 63.36
N ALA C 619 46.30 4.55 62.17
CA ALA C 619 46.98 4.88 60.93
C ALA C 619 46.51 6.18 60.33
N GLY C 620 45.76 6.99 61.07
CA GLY C 620 45.34 8.29 60.59
C GLY C 620 43.87 8.62 60.79
N LYS C 621 43.58 9.91 60.88
CA LYS C 621 42.24 10.42 61.09
C LYS C 621 41.92 11.30 59.90
N LEU C 622 40.84 11.01 59.18
CA LEU C 622 40.45 11.81 58.02
C LEU C 622 39.04 12.33 58.14
N GLN C 623 38.86 13.54 57.64
CA GLN C 623 37.55 14.08 57.27
C GLN C 623 37.51 14.15 55.75
N ALA C 624 36.39 13.75 55.15
CA ALA C 624 36.23 13.83 53.71
C ALA C 624 34.83 14.33 53.40
N GLU C 625 34.74 15.52 52.83
CA GLU C 625 33.44 16.06 52.43
C GLU C 625 32.78 15.17 51.38
N ASP C 626 33.56 14.65 50.43
CA ASP C 626 32.97 13.80 49.39
C ASP C 626 32.77 12.34 49.84
N HIS C 627 32.93 12.03 51.13
CA HIS C 627 32.67 10.72 51.73
C HIS C 627 33.66 9.62 51.29
N PHE C 628 34.74 9.98 50.59
CA PHE C 628 35.70 8.99 50.09
C PHE C 628 36.99 9.11 50.88
N PHE C 629 37.17 8.24 51.87
CA PHE C 629 38.25 8.35 52.84
C PHE C 629 39.43 7.50 52.36
N HIS C 630 40.47 8.16 51.83
CA HIS C 630 41.61 7.47 51.24
C HIS C 630 42.76 7.42 52.22
N PHE C 631 42.95 6.26 52.87
CA PHE C 631 44.05 6.03 53.81
C PHE C 631 45.19 5.28 53.14
N GLU C 632 46.39 5.44 53.72
CA GLU C 632 47.56 4.62 53.45
C GLU C 632 48.03 3.99 54.76
N VAL C 633 48.55 2.76 54.67
CA VAL C 633 48.62 1.92 55.86
C VAL C 633 49.83 0.98 55.79
N PRO C 634 50.52 0.75 56.90
CA PRO C 634 51.58 -0.26 56.89
C PRO C 634 50.97 -1.66 56.69
N ASN C 635 51.68 -2.47 55.90
CA ASN C 635 51.27 -3.83 55.56
C ASN C 635 52.40 -4.74 56.02
N VAL C 636 52.21 -5.38 57.17
CA VAL C 636 53.25 -6.16 57.84
C VAL C 636 52.58 -7.32 58.53
N GLY C 637 53.00 -8.53 58.19
CA GLY C 637 52.38 -9.69 58.77
C GLY C 637 50.93 -9.78 58.32
N GLU C 638 50.13 -10.41 59.18
CA GLU C 638 48.68 -10.42 59.03
C GLU C 638 48.15 -9.29 59.89
N SER C 639 47.38 -8.38 59.29
CA SER C 639 46.87 -7.23 60.01
C SER C 639 45.35 -7.23 60.01
N THR C 640 44.76 -6.69 61.07
CA THR C 640 43.33 -6.47 61.15
C THR C 640 43.07 -4.99 61.09
N LEU C 641 42.13 -4.58 60.25
CA LEU C 641 41.79 -3.17 60.08
C LEU C 641 40.44 -2.90 60.72
N VAL C 642 40.34 -1.78 61.44
CA VAL C 642 39.09 -1.31 62.03
C VAL C 642 38.90 0.16 61.66
N ALA C 643 37.83 0.47 60.94
CA ALA C 643 37.49 1.84 60.59
C ALA C 643 36.43 2.33 61.57
N VAL C 644 36.63 3.54 62.12
CA VAL C 644 35.77 4.02 63.20
C VAL C 644 35.28 5.42 62.90
N ALA C 645 33.96 5.60 63.01
CA ALA C 645 33.34 6.91 62.93
C ALA C 645 32.25 6.94 64.00
N GLY C 646 32.50 7.69 65.06
CA GLY C 646 31.53 7.73 66.15
C GLY C 646 31.38 6.35 66.74
N GLU C 647 30.15 5.85 66.79
CA GLU C 647 29.85 4.51 67.30
C GLU C 647 29.78 3.46 66.20
N TYR C 648 30.14 3.82 64.97
CA TYR C 648 30.02 2.92 63.84
C TYR C 648 31.39 2.42 63.44
N LYS C 649 31.48 1.14 63.13
CA LYS C 649 32.75 0.55 62.75
C LYS C 649 32.53 -0.43 61.62
N ASP C 650 33.63 -0.70 60.92
CA ASP C 650 33.74 -1.83 60.01
C ASP C 650 35.10 -2.47 60.22
N GLU C 651 35.25 -3.69 59.71
CA GLU C 651 36.43 -4.50 59.95
C GLU C 651 36.83 -5.22 58.67
N SER C 652 38.14 -5.41 58.50
CA SER C 652 38.69 -6.14 57.35
C SER C 652 40.06 -6.68 57.74
N HIS C 653 40.70 -7.44 56.83
CA HIS C 653 42.01 -8.04 57.12
CA HIS C 653 42.02 -7.92 57.13
C HIS C 653 42.89 -8.00 55.87
N ILE C 654 44.19 -7.82 56.08
CA ILE C 654 45.18 -7.85 55.02
C ILE C 654 46.35 -8.73 55.44
N ARG C 655 47.23 -8.97 54.49
CA ARG C 655 48.36 -9.86 54.69
C ARG C 655 49.47 -9.46 53.73
N LYS C 656 50.68 -9.34 54.26
CA LYS C 656 51.88 -9.03 53.49
C LYS C 656 52.40 -10.30 52.81
N VAL C 657 52.71 -10.20 51.50
CA VAL C 657 53.13 -11.34 50.69
C VAL C 657 54.30 -10.91 49.82
N ASP C 658 55.18 -11.87 49.49
CA ASP C 658 56.34 -11.58 48.66
C ASP C 658 55.95 -11.29 47.22
N THR C 659 54.98 -12.03 46.68
CA THR C 659 54.64 -11.93 45.26
C THR C 659 53.13 -11.77 45.13
N PHE C 660 52.72 -11.16 44.02
CA PHE C 660 51.30 -10.94 43.76
C PHE C 660 50.56 -12.27 43.71
N ASN C 661 49.40 -12.29 44.34
CA ASN C 661 48.49 -13.44 44.30
C ASN C 661 47.81 -13.44 42.94
N GLU C 662 48.28 -14.29 42.01
CA GLU C 662 47.71 -14.28 40.65
C GLU C 662 46.25 -14.72 40.64
N GLU C 663 45.74 -15.31 41.73
CA GLU C 663 44.30 -15.49 41.84
C GLU C 663 43.55 -14.15 41.85
N TYR C 664 44.23 -13.05 42.18
CA TYR C 664 43.56 -11.75 42.09
C TYR C 664 43.53 -11.22 40.68
N SER C 665 44.17 -11.88 39.73
CA SER C 665 44.44 -11.32 38.41
C SER C 665 43.72 -12.10 37.32
N LEU C 666 42.93 -11.37 36.53
CA LEU C 666 42.22 -11.97 35.39
C LEU C 666 43.18 -12.54 34.34
N LYS C 667 44.28 -11.85 34.05
CA LYS C 667 45.20 -12.32 33.00
C LYS C 667 46.48 -12.91 33.59
N PRO D 44 1.82 38.72 -21.98
CA PRO D 44 2.04 39.74 -23.00
C PRO D 44 3.52 39.91 -23.35
N LYS D 45 3.84 39.93 -24.65
CA LYS D 45 5.23 39.98 -25.08
C LYS D 45 5.83 41.37 -24.90
N GLU D 46 5.08 42.42 -25.22
CA GLU D 46 5.52 43.79 -25.08
C GLU D 46 4.83 44.45 -23.89
N MET D 47 5.52 45.44 -23.29
CA MET D 47 4.94 46.29 -22.27
C MET D 47 3.59 46.81 -22.75
N PRO D 48 2.51 46.59 -21.99
CA PRO D 48 1.18 47.02 -22.45
C PRO D 48 1.07 48.53 -22.57
N GLU D 49 0.14 48.95 -23.41
CA GLU D 49 -0.12 50.36 -23.68
C GLU D 49 -1.44 50.84 -23.10
N LYS D 50 -2.53 50.13 -23.37
CA LYS D 50 -3.86 50.58 -23.00
C LYS D 50 -4.35 50.02 -21.65
N TRP D 51 -3.49 49.37 -20.86
CA TRP D 51 -3.95 48.90 -19.56
C TRP D 51 -4.10 50.08 -18.60
N TYR D 52 -4.58 49.76 -17.41
CA TYR D 52 -4.83 50.73 -16.34
C TYR D 52 -3.59 50.83 -15.46
N TRP D 53 -3.10 52.07 -15.28
CA TRP D 53 -1.89 52.26 -14.46
C TRP D 53 -2.27 52.25 -12.97
N VAL D 54 -1.47 51.55 -12.17
CA VAL D 54 -1.61 51.50 -10.72
C VAL D 54 -0.22 51.63 -10.10
N THR D 55 -0.15 52.13 -8.88
CA THR D 55 1.11 52.13 -8.15
C THR D 55 0.92 51.36 -6.85
N LEU D 56 1.74 50.34 -6.65
CA LEU D 56 1.60 49.48 -5.48
C LEU D 56 1.77 50.30 -4.21
N PRO D 57 1.14 49.92 -3.11
CA PRO D 57 0.24 48.77 -2.92
C PRO D 57 -1.09 48.95 -3.64
N HIS D 58 -1.64 47.84 -4.11
CA HIS D 58 -2.86 47.86 -4.91
C HIS D 58 -3.61 46.54 -4.74
N SER D 59 -4.93 46.68 -4.60
CA SER D 59 -5.88 45.58 -4.74
C SER D 59 -6.97 46.00 -5.70
N TRP D 60 -7.40 45.09 -6.58
CA TRP D 60 -8.54 45.39 -7.44
C TRP D 60 -9.88 45.20 -6.74
N ASN D 61 -9.90 44.86 -5.44
CA ASN D 61 -11.14 44.68 -4.69
C ASN D 61 -11.40 45.81 -3.69
N GLU D 62 -10.67 46.93 -3.83
CA GLU D 62 -10.83 48.08 -2.94
C GLU D 62 -12.26 48.58 -2.83
N ILE D 63 -13.09 48.37 -3.85
CA ILE D 63 -14.44 48.89 -3.83
C ILE D 63 -15.45 47.75 -3.84
N ASP D 64 -15.37 46.90 -4.86
CA ASP D 64 -16.36 45.84 -4.98
C ASP D 64 -16.20 44.74 -3.94
N GLY D 65 -15.22 44.84 -3.05
CA GLY D 65 -15.11 43.92 -1.92
C GLY D 65 -15.47 44.51 -0.57
N GLN D 66 -16.11 45.69 -0.57
CA GLN D 66 -16.43 46.33 0.70
C GLN D 66 -17.88 46.81 0.75
N ASP D 67 -18.71 46.32 -0.15
CA ASP D 67 -20.02 46.93 -0.39
C ASP D 67 -21.19 45.94 -0.49
N GLY D 68 -20.95 44.63 -0.41
CA GLY D 68 -22.01 43.65 -0.30
C GLY D 68 -22.11 42.74 -1.52
N GLY D 69 -23.01 41.74 -1.40
CA GLY D 69 -23.40 40.85 -2.48
C GLY D 69 -22.44 39.72 -2.81
N ASN D 70 -21.29 39.63 -2.12
CA ASN D 70 -20.29 38.58 -2.33
C ASN D 70 -19.92 38.40 -3.80
N ASP D 71 -19.75 39.52 -4.50
CA ASP D 71 -19.53 39.52 -5.93
C ASP D 71 -18.19 40.12 -6.34
N TYR D 72 -17.28 40.35 -5.39
CA TYR D 72 -16.04 41.01 -5.74
C TYR D 72 -15.26 40.15 -6.74
N TYR D 73 -14.59 40.83 -7.69
CA TYR D 73 -14.01 40.11 -8.81
C TYR D 73 -12.93 39.15 -8.33
N ARG D 74 -13.13 37.86 -8.63
CA ARG D 74 -12.21 36.82 -8.21
C ARG D 74 -11.76 36.08 -9.47
N GLY D 75 -10.46 36.12 -9.72
CA GLY D 75 -9.92 35.59 -10.95
C GLY D 75 -8.45 36.00 -11.06
N THR D 76 -7.92 35.82 -12.26
CA THR D 76 -6.52 36.09 -12.55
C THR D 76 -6.39 37.49 -13.16
N CYS D 77 -5.50 38.29 -12.61
CA CYS D 77 -5.22 39.62 -13.14
C CYS D 77 -3.72 39.76 -13.36
N TYR D 78 -3.34 40.68 -14.25
CA TYR D 78 -1.94 40.82 -14.66
C TYR D 78 -1.40 42.20 -14.33
N TYR D 79 -0.20 42.21 -13.76
CA TYR D 79 0.60 43.41 -13.60
C TYR D 79 1.86 43.30 -14.47
N ALA D 80 2.16 44.37 -15.23
CA ALA D 80 3.31 44.36 -16.13
C ALA D 80 4.20 45.55 -15.83
N LYS D 81 5.51 45.30 -15.75
CA LYS D 81 6.47 46.37 -15.50
C LYS D 81 7.78 46.08 -16.22
N GLN D 82 8.44 47.16 -16.66
CA GLN D 82 9.79 47.07 -17.20
C GLN D 82 10.81 47.37 -16.11
N LEU D 83 11.87 46.58 -16.08
CA LEU D 83 12.95 46.79 -15.11
C LEU D 83 14.26 47.16 -15.79
N LEU D 96 14.14 39.82 -7.08
CA LEU D 96 12.75 40.24 -6.99
C LEU D 96 12.06 39.71 -5.73
N GLU D 97 11.44 40.62 -4.97
CA GLU D 97 10.83 40.30 -3.69
C GLU D 97 9.41 40.81 -3.67
N LEU D 98 8.47 39.95 -3.25
CA LEU D 98 7.07 40.32 -3.08
C LEU D 98 6.71 40.10 -1.62
N ARG D 99 6.12 41.12 -1.00
CA ARG D 99 5.68 41.08 0.39
C ARG D 99 4.24 40.67 0.57
N GLY D 100 3.41 40.82 -0.46
CA GLY D 100 1.98 40.60 -0.36
C GLY D 100 1.31 40.41 -1.72
N ALA D 101 1.10 39.16 -2.13
CA ALA D 101 0.53 38.81 -3.43
C ALA D 101 -0.63 37.82 -3.20
N ASN D 102 -1.86 38.35 -3.13
CA ASN D 102 -3.03 37.60 -2.70
C ASN D 102 -3.84 37.15 -3.92
N ALA D 103 -4.00 35.84 -4.08
CA ALA D 103 -3.56 34.80 -3.16
C ALA D 103 -2.47 33.92 -3.77
N SER D 104 -2.55 33.68 -5.07
CA SER D 104 -1.61 32.86 -5.80
C SER D 104 -1.04 33.66 -6.96
N ALA D 105 0.24 33.46 -7.27
CA ALA D 105 0.91 34.33 -8.23
C ALA D 105 1.99 33.59 -9.00
N ASP D 106 2.26 34.09 -10.20
CA ASP D 106 3.35 33.62 -11.05
C ASP D 106 4.12 34.82 -11.61
N VAL D 107 5.43 34.79 -11.44
CA VAL D 107 6.32 35.83 -11.93
C VAL D 107 6.95 35.34 -13.23
N TYR D 108 6.95 36.22 -14.25
CA TYR D 108 7.52 35.95 -15.57
C TYR D 108 8.46 37.07 -15.96
N VAL D 109 9.67 36.72 -16.37
CA VAL D 109 10.72 37.68 -16.69
C VAL D 109 11.14 37.47 -18.13
N ASN D 110 10.87 38.46 -18.98
CA ASN D 110 11.07 38.36 -20.42
C ASN D 110 10.29 37.21 -21.03
N GLY D 111 9.29 36.68 -20.32
CA GLY D 111 8.36 35.70 -20.85
C GLY D 111 8.45 34.31 -20.22
N LYS D 112 9.27 34.12 -19.19
CA LYS D 112 9.54 32.80 -18.63
C LYS D 112 9.16 32.80 -17.15
N ALA D 113 8.35 31.83 -16.75
CA ALA D 113 8.04 31.65 -15.35
C ALA D 113 9.32 31.48 -14.55
N VAL D 114 9.41 32.18 -13.43
CA VAL D 114 10.56 32.02 -12.54
C VAL D 114 10.16 31.64 -11.13
N ALA D 115 8.91 31.80 -10.74
CA ALA D 115 8.49 31.46 -9.40
C ALA D 115 6.97 31.47 -9.35
N HIS D 116 6.44 30.58 -8.52
CA HIS D 116 5.02 30.53 -8.23
C HIS D 116 4.86 30.47 -6.72
N HIS D 117 3.81 31.10 -6.21
CA HIS D 117 3.61 31.13 -4.77
C HIS D 117 2.12 31.03 -4.46
N ASP D 118 1.79 30.21 -3.48
CA ASP D 118 0.44 30.14 -2.92
C ASP D 118 0.51 30.59 -1.48
N GLY D 119 -0.27 31.60 -1.14
CA GLY D 119 -0.20 32.23 0.15
C GLY D 119 -0.10 33.74 -0.01
N GLY D 120 -1.18 34.43 0.29
CA GLY D 120 -1.24 35.84 -0.05
C GLY D 120 -0.84 36.76 1.06
N TYR D 121 -0.13 36.26 2.08
CA TYR D 121 0.08 37.01 3.31
C TYR D 121 1.52 36.99 3.77
N SER D 122 2.45 36.56 2.92
CA SER D 122 3.82 36.36 3.36
C SER D 122 4.78 36.68 2.23
N THR D 123 6.01 36.98 2.61
CA THR D 123 7.05 37.35 1.66
C THR D 123 7.53 36.13 0.90
N TRP D 124 7.94 36.36 -0.34
CA TRP D 124 8.61 35.34 -1.13
C TRP D 124 9.44 36.05 -2.18
N ARG D 125 10.60 35.49 -2.49
CA ARG D 125 11.57 36.10 -3.38
C ARG D 125 11.91 35.11 -4.47
N VAL D 126 12.55 35.62 -5.53
CA VAL D 126 13.07 34.77 -6.58
C VAL D 126 14.31 35.45 -7.15
N ASP D 127 15.40 34.70 -7.22
CA ASP D 127 16.61 35.22 -7.83
C ASP D 127 16.34 35.41 -9.32
N ILE D 128 16.57 36.62 -9.79
CA ILE D 128 16.27 36.98 -11.16
C ILE D 128 17.52 37.24 -12.00
N THR D 129 18.68 37.38 -11.35
CA THR D 129 19.94 37.76 -11.98
C THR D 129 20.13 37.23 -13.40
N LYS D 130 19.77 35.97 -13.64
CA LYS D 130 20.08 35.38 -14.92
C LYS D 130 19.01 35.62 -15.99
N GLU D 131 17.81 36.04 -15.60
CA GLU D 131 16.79 36.29 -16.63
C GLU D 131 16.83 37.70 -17.17
N LEU D 132 17.36 38.63 -16.38
CA LEU D 132 17.58 40.00 -16.82
C LEU D 132 18.65 40.01 -17.90
N THR D 133 18.23 39.83 -19.15
CA THR D 133 19.14 39.57 -20.26
C THR D 133 19.26 40.73 -21.24
N GLU D 134 18.39 41.73 -21.13
CA GLU D 134 18.42 42.93 -21.96
C GLU D 134 18.53 44.14 -21.03
N GLU D 135 18.54 45.34 -21.62
CA GLU D 135 18.45 46.53 -20.78
C GLU D 135 17.02 46.79 -20.33
N GLU D 136 16.03 46.54 -21.19
CA GLU D 136 14.61 46.69 -20.87
C GLU D 136 14.00 45.30 -20.69
N ASN D 137 13.69 44.93 -19.44
CA ASN D 137 13.16 43.62 -19.08
C ASN D 137 11.69 43.74 -18.67
N LEU D 138 10.83 42.97 -19.33
CA LEU D 138 9.40 42.96 -19.05
C LEU D 138 9.12 41.95 -17.94
N ILE D 139 8.79 42.46 -16.75
CA ILE D 139 8.38 41.63 -15.63
C ILE D 139 6.86 41.59 -15.59
N VAL D 140 6.30 40.39 -15.50
CA VAL D 140 4.86 40.20 -15.48
C VAL D 140 4.50 39.33 -14.29
N ILE D 141 3.52 39.77 -13.51
CA ILE D 141 3.06 39.04 -12.34
C ILE D 141 1.57 38.81 -12.47
N ALA D 142 1.19 37.55 -12.61
CA ALA D 142 -0.21 37.12 -12.65
C ALA D 142 -0.64 36.79 -11.22
N VAL D 143 -1.69 37.45 -10.76
CA VAL D 143 -2.18 37.26 -9.40
C VAL D 143 -3.61 36.76 -9.50
N GLU D 144 -3.95 35.80 -8.65
CA GLU D 144 -5.23 35.10 -8.73
C GLU D 144 -5.78 34.88 -7.33
N ASN D 145 -7.07 35.16 -7.16
CA ASN D 145 -7.74 35.01 -5.88
C ASN D 145 -9.05 34.24 -6.02
N GLY D 146 -9.03 33.18 -6.83
CA GLY D 146 -10.22 32.43 -7.14
C GLY D 146 -10.56 31.38 -6.10
N VAL D 147 -11.49 30.51 -6.49
CA VAL D 147 -12.06 29.49 -5.61
C VAL D 147 -11.36 28.17 -5.94
N ASN D 148 -10.79 27.53 -4.93
CA ASN D 148 -10.22 26.20 -5.13
C ASN D 148 -10.20 25.51 -3.78
N ASP D 149 -9.83 24.23 -3.78
CA ASP D 149 -9.91 23.38 -2.59
C ASP D 149 -8.55 23.16 -1.97
N ARG D 150 -7.65 24.11 -2.14
CA ARG D 150 -6.21 23.90 -1.97
C ARG D 150 -5.49 25.06 -1.27
N VAL D 151 -5.93 26.30 -1.43
CA VAL D 151 -5.17 27.47 -0.96
C VAL D 151 -6.00 28.22 0.06
N TYR D 152 -5.52 28.25 1.29
CA TYR D 152 -6.28 28.95 2.31
C TYR D 152 -6.05 30.46 2.20
N PRO D 153 -7.02 31.28 2.63
CA PRO D 153 -8.36 30.90 3.08
C PRO D 153 -9.32 30.66 1.92
N GLN D 154 -10.33 29.82 2.12
CA GLN D 154 -11.40 29.71 1.15
C GLN D 154 -12.77 30.01 1.71
N ASN D 155 -12.93 29.97 3.02
CA ASN D 155 -14.25 30.08 3.63
C ASN D 155 -14.03 30.84 4.92
N ALA D 156 -14.53 32.08 4.97
CA ALA D 156 -14.26 32.93 6.12
C ALA D 156 -15.02 34.22 5.94
N ASP D 157 -15.10 34.96 7.04
CA ASP D 157 -15.88 36.19 7.12
C ASP D 157 -15.09 37.43 6.70
N PHE D 158 -14.26 37.38 5.65
CA PHE D 158 -13.55 38.58 5.21
C PHE D 158 -13.22 38.50 3.71
N THR D 159 -13.05 39.67 3.11
CA THR D 159 -12.79 39.75 1.68
C THR D 159 -11.38 39.28 1.36
N PHE D 160 -11.25 38.42 0.37
CA PHE D 160 -9.94 37.96 -0.10
C PHE D 160 -9.42 38.92 -1.17
N TYR D 161 -9.13 40.16 -0.74
CA TYR D 161 -8.66 41.24 -1.62
C TYR D 161 -7.50 40.80 -2.49
N GLY D 162 -7.71 40.75 -3.80
CA GLY D 162 -6.68 40.29 -4.72
C GLY D 162 -5.72 41.40 -5.13
N GLY D 163 -4.47 41.03 -5.38
CA GLY D 163 -3.50 41.92 -5.97
C GLY D 163 -2.19 41.98 -5.21
N LEU D 164 -1.31 42.85 -5.70
CA LEU D 164 -0.01 43.13 -5.07
C LEU D 164 -0.22 44.23 -4.03
N TYR D 165 -0.89 43.86 -2.94
CA TYR D 165 -1.37 44.85 -1.98
C TYR D 165 -0.32 45.26 -0.97
N ARG D 166 0.89 44.69 -1.03
CA ARG D 166 2.03 45.12 -0.24
C ARG D 166 3.19 45.38 -1.19
N ASP D 167 4.28 45.94 -0.65
CA ASP D 167 5.39 46.40 -1.47
C ASP D 167 5.94 45.28 -2.34
N VAL D 168 6.55 45.69 -3.45
CA VAL D 168 7.34 44.83 -4.31
C VAL D 168 8.68 45.52 -4.54
N ASN D 169 9.75 44.94 -4.02
CA ASN D 169 11.09 45.51 -4.06
C ASN D 169 11.97 44.69 -4.98
N ILE D 170 13.13 45.25 -5.27
CA ILE D 170 14.26 44.52 -5.83
C ILE D 170 15.40 44.65 -4.84
N ILE D 171 16.12 43.55 -4.63
CA ILE D 171 17.18 43.51 -3.65
C ILE D 171 18.47 43.23 -4.41
N ALA D 172 19.44 44.13 -4.26
CA ALA D 172 20.75 43.98 -4.87
C ALA D 172 21.71 43.43 -3.81
N VAL D 173 22.30 42.27 -4.08
CA VAL D 173 23.09 41.55 -3.08
C VAL D 173 24.43 41.14 -3.65
N ASN D 174 25.47 41.27 -2.82
CA ASN D 174 26.71 40.52 -3.01
C ASN D 174 26.40 39.06 -3.27
N LYS D 175 27.23 38.40 -4.07
CA LYS D 175 27.00 37.00 -4.40
C LYS D 175 26.89 36.16 -3.14
N SER D 176 27.96 36.12 -2.35
CA SER D 176 27.86 35.54 -1.01
C SER D 176 27.03 36.47 -0.15
N HIS D 177 25.90 35.99 0.37
CA HIS D 177 24.99 36.88 1.07
C HIS D 177 24.21 36.13 2.14
N PHE D 178 23.75 36.88 3.14
CA PHE D 178 22.69 36.41 4.02
C PHE D 178 21.52 35.93 3.18
N ASP D 179 21.07 34.70 3.46
CA ASP D 179 20.27 33.98 2.48
C ASP D 179 18.90 34.61 2.27
N LEU D 180 18.40 34.46 1.04
CA LEU D 180 17.15 35.06 0.60
C LEU D 180 16.05 34.04 0.31
N ASP D 181 16.39 32.76 0.17
CA ASP D 181 15.54 31.79 -0.52
C ASP D 181 14.92 30.73 0.37
N TYR D 182 14.99 30.89 1.69
CA TYR D 182 14.34 29.93 2.58
C TYR D 182 13.07 30.58 3.11
N TYR D 183 12.01 30.46 2.30
CA TYR D 183 10.65 30.85 2.69
C TYR D 183 10.57 32.34 3.02
N GLY D 184 11.29 33.14 2.24
CA GLY D 184 11.27 34.58 2.42
C GLY D 184 11.70 35.02 3.80
N GLY D 185 12.61 34.27 4.43
CA GLY D 185 13.03 34.55 5.78
C GLY D 185 14.12 35.60 5.90
N PRO D 186 14.16 36.26 7.07
CA PRO D 186 14.99 37.43 7.36
C PRO D 186 16.48 37.14 7.26
N ARG D 306 -7.50 42.52 15.08
CA ARG D 306 -7.39 43.51 14.00
C ARG D 306 -7.22 42.86 12.62
N HIS D 307 -7.91 43.42 11.63
CA HIS D 307 -7.77 43.05 10.23
C HIS D 307 -6.94 44.10 9.49
N GLN D 308 -6.24 43.68 8.44
CA GLN D 308 -5.28 44.53 7.72
C GLN D 308 -5.90 45.26 6.51
N ASP D 309 -7.07 45.89 6.71
CA ASP D 309 -7.78 46.53 5.62
C ASP D 309 -8.34 47.86 6.10
N ARG D 310 -8.82 48.68 5.16
CA ARG D 310 -9.43 49.94 5.49
C ARG D 310 -10.46 50.31 4.42
N TRP D 311 -11.45 51.10 4.81
CA TRP D 311 -12.46 51.57 3.87
C TRP D 311 -11.81 52.35 2.74
N GLY D 312 -12.16 51.99 1.50
CA GLY D 312 -11.76 52.71 0.32
C GLY D 312 -10.54 52.16 -0.39
N ILE D 313 -9.67 51.43 0.30
CA ILE D 313 -8.40 50.98 -0.29
C ILE D 313 -8.18 49.47 -0.12
N GLY D 314 -9.18 48.75 0.38
CA GLY D 314 -9.01 47.31 0.59
C GLY D 314 -7.87 47.03 1.56
N ASN D 315 -7.03 46.05 1.22
CA ASN D 315 -5.84 45.78 2.02
C ASN D 315 -4.60 46.53 1.52
N ALA D 316 -4.76 47.53 0.67
CA ALA D 316 -3.59 48.24 0.13
C ALA D 316 -3.16 49.36 1.07
N LEU D 317 -2.81 48.97 2.29
CA LEU D 317 -2.57 49.91 3.37
C LEU D 317 -1.21 50.58 3.24
N LEU D 318 -1.15 51.85 3.59
CA LEU D 318 0.13 52.53 3.68
C LEU D 318 0.62 52.59 5.12
N PRO D 319 1.96 52.71 5.33
CA PRO D 319 2.49 52.90 6.69
C PRO D 319 1.65 53.80 7.59
N GLU D 320 1.10 54.90 7.05
CA GLU D 320 0.28 55.79 7.86
C GLU D 320 -0.95 55.09 8.40
N HIS D 321 -1.43 54.05 7.71
CA HIS D 321 -2.65 53.39 8.13
C HIS D 321 -2.38 52.39 9.24
N HIS D 322 -1.19 51.79 9.25
CA HIS D 322 -0.80 50.99 10.40
C HIS D 322 -0.77 51.85 11.67
N ARG D 323 0.05 52.91 11.66
CA ARG D 323 0.20 53.74 12.86
C ARG D 323 -1.15 54.24 13.38
N GLU D 324 -2.05 54.66 12.48
CA GLU D 324 -3.34 55.15 12.95
C GLU D 324 -4.16 54.04 13.61
N ASP D 325 -3.96 52.79 13.16
CA ASP D 325 -4.65 51.65 13.79
C ASP D 325 -4.06 51.33 15.16
N ILE D 326 -2.72 51.18 15.24
CA ILE D 326 -2.07 50.95 16.52
C ILE D 326 -2.50 51.99 17.55
N ASP D 327 -2.68 53.24 17.10
CA ASP D 327 -3.03 54.34 17.99
C ASP D 327 -4.53 54.30 18.31
N ARG D 338 -5.28 40.61 18.84
CA ARG D 338 -5.19 39.42 17.98
C ARG D 338 -5.14 39.77 16.48
N LEU D 339 -4.07 39.34 15.82
CA LEU D 339 -3.85 39.59 14.38
C LEU D 339 -4.26 38.38 13.54
N ALA D 340 -5.57 38.20 13.51
CA ALA D 340 -6.23 37.25 12.64
C ALA D 340 -6.31 37.80 11.21
N HIS D 341 -6.51 36.92 10.22
CA HIS D 341 -6.54 35.46 10.35
C HIS D 341 -5.40 34.93 9.50
N TYR D 342 -4.28 35.64 9.54
CA TYR D 342 -3.24 35.49 8.54
C TYR D 342 -2.04 36.28 9.03
N GLN D 343 -0.90 36.03 8.42
CA GLN D 343 0.26 36.87 8.65
C GLN D 343 -0.03 38.32 8.22
N HIS D 344 0.15 39.25 9.15
CA HIS D 344 0.11 40.66 8.81
C HIS D 344 1.46 41.08 8.26
N ASP D 345 1.61 42.38 7.96
CA ASP D 345 2.80 42.90 7.31
C ASP D 345 3.90 43.22 8.33
N GLN D 346 5.15 42.97 7.93
CA GLN D 346 6.27 43.07 8.87
C GLN D 346 6.23 44.36 9.69
N TYR D 347 6.13 45.50 9.00
CA TYR D 347 6.15 46.79 9.68
C TYR D 347 5.14 46.87 10.80
N PHE D 348 4.01 46.15 10.70
CA PHE D 348 2.97 46.30 11.72
C PHE D 348 3.33 45.56 13.01
N TYR D 349 3.89 44.36 12.88
CA TYR D 349 4.41 43.70 14.06
C TYR D 349 5.41 44.59 14.78
N ASP D 350 6.20 45.37 14.02
CA ASP D 350 7.12 46.34 14.59
C ASP D 350 6.40 47.35 15.45
N LEU D 351 5.29 47.89 14.96
CA LEU D 351 4.49 48.76 15.82
C LEU D 351 3.86 48.01 16.99
N CYS D 352 3.90 46.68 16.99
CA CYS D 352 3.55 45.91 18.18
C CYS D 352 4.78 45.70 19.06
N ASP D 353 5.91 45.34 18.44
CA ASP D 353 7.20 45.32 19.12
C ASP D 353 7.39 46.59 19.94
N GLU D 354 7.64 47.70 19.26
CA GLU D 354 7.85 48.99 19.90
C GLU D 354 6.53 49.55 20.38
N GLU D 362 -0.98 33.60 13.41
CA GLU D 362 -1.81 32.52 12.87
C GLU D 362 -1.95 32.58 11.36
N ILE D 363 -2.09 31.39 10.76
CA ILE D 363 -2.24 31.21 9.33
C ILE D 363 -3.73 31.27 9.00
N PRO D 364 -4.12 31.36 7.71
CA PRO D 364 -5.56 31.37 7.38
C PRO D 364 -6.17 29.99 7.26
N TYR D 365 -5.79 29.07 8.14
CA TYR D 365 -6.38 27.74 8.24
C TYR D 365 -7.71 27.86 8.99
N ILE D 366 -8.81 28.06 8.27
CA ILE D 366 -10.00 28.65 8.85
C ILE D 366 -11.29 27.97 8.34
N SER D 367 -12.24 27.75 9.28
CA SER D 367 -13.65 27.47 9.03
C SER D 367 -13.99 26.04 8.62
N SER D 368 -13.51 25.61 7.45
CA SER D 368 -13.78 24.27 6.95
C SER D 368 -12.46 23.64 6.57
N HIS D 369 -12.22 22.43 7.08
CA HIS D 369 -10.95 21.77 6.83
C HIS D 369 -10.91 21.23 5.41
N MET D 370 -9.86 21.59 4.67
CA MET D 370 -9.71 21.23 3.27
C MET D 370 -8.69 20.12 3.16
N PRO D 371 -9.10 18.89 2.84
CA PRO D 371 -8.09 17.82 2.70
C PRO D 371 -6.97 18.17 1.75
N ASN D 372 -7.27 18.58 0.51
CA ASN D 372 -6.14 18.95 -0.34
C ASN D 372 -5.47 20.27 0.06
N GLY D 373 -5.92 20.95 1.11
CA GLY D 373 -5.25 22.17 1.55
C GLY D 373 -4.05 21.97 2.43
N ARG D 374 -3.64 20.71 2.66
CA ARG D 374 -2.66 20.39 3.69
C ARG D 374 -1.34 21.07 3.42
N GLU D 375 -0.86 20.96 2.17
CA GLU D 375 0.41 21.55 1.80
C GLU D 375 0.43 23.05 2.03
N ASN D 376 -0.70 23.72 1.76
CA ASN D 376 -0.70 25.18 1.87
C ASN D 376 -0.63 25.62 3.33
N THR D 377 -1.28 24.89 4.24
CA THR D 377 -1.12 25.23 5.65
C THR D 377 0.33 25.04 6.09
N ILE D 378 0.99 24.04 5.52
CA ILE D 378 2.38 23.76 5.88
C ILE D 378 3.28 24.87 5.37
N SER D 379 3.20 25.15 4.07
CA SER D 379 4.01 26.20 3.48
C SER D 379 3.74 27.56 4.12
N GLN D 380 2.46 27.86 4.39
CA GLN D 380 2.19 29.14 5.05
C GLN D 380 2.58 29.13 6.52
N MET D 381 2.76 27.96 7.13
CA MET D 381 3.20 27.95 8.51
C MET D 381 4.71 28.08 8.58
N LYS D 382 5.43 27.33 7.75
CA LYS D 382 6.86 27.53 7.63
C LYS D 382 7.18 28.98 7.36
N GLU D 383 6.43 29.61 6.44
CA GLU D 383 6.66 31.02 6.14
C GLU D 383 6.39 31.90 7.35
N LEU D 384 5.19 31.79 7.93
CA LEU D 384 4.81 32.63 9.06
C LEU D 384 5.88 32.62 10.15
N VAL D 385 6.37 31.44 10.53
CA VAL D 385 7.25 31.38 11.69
C VAL D 385 8.66 31.84 11.32
N VAL D 386 9.15 31.44 10.14
CA VAL D 386 10.49 31.81 9.74
C VAL D 386 10.63 33.33 9.69
N GLN D 387 9.78 34.00 8.91
CA GLN D 387 10.01 35.44 8.75
C GLN D 387 9.52 36.25 9.94
N ASN D 388 8.81 35.64 10.88
CA ASN D 388 8.50 36.31 12.14
C ASN D 388 9.21 35.59 13.29
N GLY D 398 -0.57 30.21 16.29
CA GLY D 398 -1.94 30.12 15.81
C GLY D 398 -2.04 29.11 14.67
N LEU D 399 -2.75 28.01 14.89
CA LEU D 399 -2.83 26.94 13.91
C LEU D 399 -4.12 26.96 13.10
N SER D 400 -5.22 27.39 13.71
CA SER D 400 -6.53 27.27 13.09
C SER D 400 -7.46 28.25 13.76
N ASN D 401 -8.56 28.55 13.09
CA ASN D 401 -9.65 29.34 13.64
C ASN D 401 -10.96 28.68 13.23
N GLU D 402 -11.73 28.21 14.22
CA GLU D 402 -13.09 27.70 14.00
C GLU D 402 -13.12 26.58 12.97
N ILE D 403 -12.07 25.74 12.96
CA ILE D 403 -11.88 24.80 11.85
C ILE D 403 -12.86 23.63 11.90
N THR D 404 -13.71 23.53 12.92
CA THR D 404 -14.68 22.44 13.01
C THR D 404 -16.10 22.87 12.69
N MET D 405 -16.28 24.02 12.05
CA MET D 405 -17.61 24.46 11.66
C MET D 405 -18.25 23.50 10.63
N GLU D 411 -10.07 13.09 11.57
CA GLU D 411 -8.79 12.40 11.69
C GLU D 411 -7.75 12.88 10.66
N ASP D 412 -8.19 13.10 9.41
CA ASP D 412 -7.32 13.83 8.48
C ASP D 412 -7.06 15.23 9.00
N LEU D 413 -8.08 15.84 9.62
CA LEU D 413 -7.91 17.12 10.31
C LEU D 413 -6.91 17.01 11.45
N LEU D 414 -7.05 15.98 12.29
CA LEU D 414 -6.10 15.77 13.38
C LEU D 414 -4.68 15.64 12.84
N GLU D 415 -4.51 14.75 11.86
CA GLU D 415 -3.22 14.55 11.20
C GLU D 415 -2.63 15.87 10.68
N ASN D 416 -3.49 16.76 10.17
CA ASN D 416 -3.03 18.06 9.72
C ASN D 416 -2.51 18.89 10.89
N HIS D 417 -3.28 18.95 11.99
CA HIS D 417 -2.81 19.67 13.16
C HIS D 417 -1.52 19.07 13.72
N ARG D 418 -1.51 17.74 13.92
CA ARG D 418 -0.31 17.10 14.44
C ARG D 418 0.91 17.41 13.58
N ILE D 419 0.73 17.44 12.26
CA ILE D 419 1.84 17.78 11.38
C ILE D 419 2.30 19.21 11.63
N LEU D 420 1.35 20.15 11.79
CA LEU D 420 1.71 21.55 12.00
C LEU D 420 2.38 21.74 13.36
N ASN D 421 1.76 21.23 14.42
CA ASN D 421 2.29 21.40 15.77
C ASN D 421 3.71 20.83 15.91
N ASP D 422 3.96 19.66 15.34
CA ASP D 422 5.31 19.07 15.42
C ASP D 422 6.34 19.88 14.63
N MET D 423 5.94 20.48 13.52
CA MET D 423 6.90 21.23 12.70
C MET D 423 7.27 22.57 13.34
N VAL D 424 6.30 23.24 13.98
CA VAL D 424 6.60 24.55 14.56
C VAL D 424 7.40 24.38 15.85
N HIS D 425 6.91 23.54 16.77
CA HIS D 425 7.65 23.19 17.98
C HIS D 425 9.09 22.78 17.66
N GLU D 426 9.32 22.14 16.52
CA GLU D 426 10.65 21.73 16.14
C GLU D 426 11.11 22.43 14.87
N THR D 433 1.95 26.92 21.00
CA THR D 433 0.99 26.79 19.92
C THR D 433 -0.45 26.95 20.43
N THR D 434 -1.34 27.39 19.54
CA THR D 434 -2.69 27.75 19.92
C THR D 434 -3.64 27.44 18.77
N ILE D 435 -4.93 27.47 19.09
CA ILE D 435 -6.04 27.41 18.15
C ILE D 435 -7.12 28.34 18.71
N ALA D 436 -8.00 28.79 17.82
CA ALA D 436 -9.24 29.43 18.23
C ALA D 436 -10.37 28.51 17.80
N VAL D 437 -11.30 28.27 18.71
CA VAL D 437 -12.25 27.17 18.59
C VAL D 437 -13.64 27.76 18.37
N VAL D 438 -14.38 27.19 17.43
CA VAL D 438 -15.72 27.69 17.18
C VAL D 438 -16.61 27.46 18.41
N SER D 439 -17.53 28.41 18.62
CA SER D 439 -18.31 28.46 19.85
C SER D 439 -18.92 27.10 20.21
N MET D 440 -19.63 26.49 19.26
CA MET D 440 -20.39 25.29 19.56
C MET D 440 -19.55 24.03 19.60
N CYS D 441 -18.23 24.10 19.37
CA CYS D 441 -17.43 22.89 19.36
C CYS D 441 -17.55 22.17 20.69
N ASP D 442 -17.18 20.89 20.66
CA ASP D 442 -17.32 19.99 21.78
C ASP D 442 -16.01 19.92 22.56
N ILE D 443 -16.05 20.35 23.82
CA ILE D 443 -14.86 20.60 24.62
C ILE D 443 -14.02 19.33 24.82
N HIS D 444 -14.61 18.15 24.58
CA HIS D 444 -13.89 16.89 24.59
C HIS D 444 -13.52 16.42 23.19
N ASP D 445 -13.48 17.32 22.22
CA ASP D 445 -13.03 16.97 20.90
C ASP D 445 -11.53 16.67 20.93
N PRO D 446 -11.07 15.60 20.28
CA PRO D 446 -9.64 15.25 20.33
C PRO D 446 -8.67 16.37 19.98
N TYR D 447 -8.99 17.22 18.99
CA TYR D 447 -7.99 18.18 18.50
C TYR D 447 -7.67 19.28 19.51
N ILE D 448 -8.53 19.48 20.53
CA ILE D 448 -8.24 20.48 21.56
C ILE D 448 -6.99 20.12 22.37
N GLN D 449 -6.63 18.84 22.45
CA GLN D 449 -5.48 18.43 23.25
C GLN D 449 -4.18 18.40 22.42
N ILE D 450 -4.16 19.06 21.27
CA ILE D 450 -3.00 19.06 20.37
C ILE D 450 -2.12 20.30 20.58
N PRO D 451 -2.66 21.52 20.62
CA PRO D 451 -1.78 22.68 20.75
C PRO D 451 -1.42 22.92 22.22
N ASP D 452 -0.43 23.80 22.41
CA ASP D 452 0.05 24.13 23.75
C ASP D 452 -1.05 24.80 24.60
N VAL D 453 -1.89 25.64 24.00
CA VAL D 453 -3.00 26.30 24.68
C VAL D 453 -4.14 26.49 23.68
N ILE D 454 -5.31 26.91 24.17
CA ILE D 454 -6.47 27.12 23.30
C ILE D 454 -7.28 28.30 23.82
N SER D 455 -8.10 28.86 22.91
CA SER D 455 -9.02 29.94 23.20
C SER D 455 -10.25 29.77 22.33
N TYR D 456 -11.42 30.10 22.88
CA TYR D 456 -12.71 29.93 22.22
C TYR D 456 -13.22 31.30 21.74
N ASN D 457 -14.18 31.29 20.82
CA ASN D 457 -14.83 32.51 20.35
C ASN D 457 -16.33 32.37 20.58
N HIS D 458 -16.90 33.25 21.38
CA HIS D 458 -18.31 33.14 21.73
C HIS D 458 -19.03 34.44 21.48
N TYR D 459 -20.27 34.33 20.98
CA TYR D 459 -21.13 35.46 20.63
C TYR D 459 -22.47 35.36 21.36
N PHE D 460 -22.42 34.87 22.60
CA PHE D 460 -23.63 34.77 23.42
C PHE D 460 -24.20 36.14 23.72
N GLY D 461 -25.49 36.32 23.41
CA GLY D 461 -26.12 37.62 23.48
C GLY D 461 -26.16 38.36 22.16
N TRP D 462 -25.53 37.82 21.11
CA TRP D 462 -25.61 38.41 19.79
C TRP D 462 -26.18 37.43 18.77
N TYR D 463 -25.54 36.27 18.58
CA TYR D 463 -26.12 35.23 17.74
C TYR D 463 -27.12 34.41 18.55
N GLY D 464 -28.10 35.14 19.09
CA GLY D 464 -29.11 34.55 19.96
C GLY D 464 -28.62 34.40 21.37
N GLY D 465 -29.55 34.07 22.26
CA GLY D 465 -29.23 33.77 23.65
C GLY D 465 -29.11 35.00 24.52
N ASP D 466 -28.13 35.01 25.41
CA ASP D 466 -28.00 36.06 26.41
C ASP D 466 -26.54 36.32 26.72
N VAL D 467 -26.22 37.58 27.03
CA VAL D 467 -24.86 37.95 27.43
C VAL D 467 -24.37 37.09 28.59
N SER D 468 -25.29 36.59 29.41
CA SER D 468 -24.95 36.01 30.71
C SER D 468 -24.27 34.66 30.59
N MET D 469 -24.58 33.89 29.56
CA MET D 469 -24.07 32.53 29.44
C MET D 469 -22.56 32.47 29.32
N ASN D 470 -21.89 33.61 29.13
CA ASN D 470 -20.46 33.60 28.81
C ASN D 470 -19.61 33.28 30.04
N GLY D 471 -19.67 34.11 31.07
CA GLY D 471 -18.95 33.86 32.30
C GLY D 471 -19.09 32.41 32.73
N PRO D 472 -20.32 32.01 33.07
CA PRO D 472 -20.62 30.59 33.34
C PRO D 472 -19.98 29.60 32.37
N TRP D 473 -20.12 29.84 31.05
CA TRP D 473 -19.62 28.88 30.06
C TRP D 473 -18.14 28.59 30.25
N MET D 474 -17.32 29.63 30.36
CA MET D 474 -15.88 29.40 30.43
C MET D 474 -15.49 28.76 31.76
N ASP D 475 -16.26 29.01 32.82
CA ASP D 475 -16.06 28.28 34.07
C ASP D 475 -16.11 26.77 33.84
N ASN D 476 -17.22 26.31 33.25
CA ASN D 476 -17.42 24.89 33.03
C ASN D 476 -16.24 24.27 32.29
N PHE D 477 -15.72 24.96 31.27
CA PHE D 477 -14.52 24.46 30.60
C PHE D 477 -13.39 24.31 31.61
N HIS D 478 -13.13 25.36 32.39
CA HIS D 478 -11.94 25.37 33.24
C HIS D 478 -11.97 24.20 34.24
N LYS D 479 -13.14 23.91 34.81
CA LYS D 479 -13.28 22.72 35.64
C LYS D 479 -12.91 21.47 34.86
N GLU D 480 -13.36 21.38 33.62
CA GLU D 480 -13.20 20.16 32.84
C GLU D 480 -11.73 19.86 32.57
N PHE D 481 -10.95 20.88 32.20
CA PHE D 481 -9.56 20.71 31.78
C PHE D 481 -8.66 21.69 32.53
N PRO D 482 -8.26 21.34 33.75
CA PRO D 482 -7.53 22.30 34.60
C PRO D 482 -6.10 22.58 34.14
N ASN D 483 -5.60 21.90 33.12
CA ASN D 483 -4.20 22.01 32.75
C ASN D 483 -3.97 22.69 31.40
N ILE D 484 -5.01 23.09 30.70
CA ILE D 484 -4.88 23.79 29.43
C ILE D 484 -5.39 25.22 29.63
N PRO D 485 -4.55 26.23 29.43
CA PRO D 485 -4.97 27.64 29.61
C PRO D 485 -6.06 28.04 28.62
N LEU D 486 -7.18 28.55 29.13
CA LEU D 486 -8.31 28.94 28.31
C LEU D 486 -8.39 30.44 28.12
N TRP D 536 -12.86 41.13 19.21
CA TRP D 536 -13.35 41.01 17.84
C TRP D 536 -14.59 41.90 17.55
N ASN D 537 -14.39 42.98 16.81
CA ASN D 537 -13.08 43.34 16.29
C ASN D 537 -12.82 44.79 16.65
N MET D 538 -11.54 45.17 16.71
CA MET D 538 -11.21 46.57 16.90
C MET D 538 -12.02 47.48 15.98
N PHE D 539 -11.83 47.35 14.66
CA PHE D 539 -12.53 48.18 13.71
C PHE D 539 -13.43 47.33 12.83
N ASP D 540 -14.49 47.97 12.32
CA ASP D 540 -15.26 47.40 11.23
C ASP D 540 -14.31 46.97 10.10
N PHE D 541 -14.71 45.96 9.34
CA PHE D 541 -13.80 45.48 8.31
C PHE D 541 -14.62 44.93 7.16
N GLY D 542 -13.90 44.65 6.06
CA GLY D 542 -14.56 44.35 4.80
C GLY D 542 -14.96 42.89 4.74
N ALA D 543 -16.22 42.65 4.45
CA ALA D 543 -16.76 41.30 4.35
C ALA D 543 -17.88 41.40 3.31
N ASP D 544 -17.52 41.12 2.06
CA ASP D 544 -18.41 41.41 0.94
C ASP D 544 -19.68 40.57 0.94
N ALA D 545 -19.68 39.39 1.57
CA ALA D 545 -20.87 38.56 1.65
C ALA D 545 -21.88 39.08 2.68
N ARG D 546 -21.45 39.90 3.63
CA ARG D 546 -22.36 40.47 4.62
C ARG D 546 -23.38 41.39 3.95
N ASN D 547 -24.66 41.07 4.12
CA ASN D 547 -25.79 41.86 3.65
C ASN D 547 -26.75 42.13 4.82
N GLU D 548 -26.20 42.53 5.96
CA GLU D 548 -27.01 42.82 7.13
C GLU D 548 -26.64 44.18 7.71
N GLY D 549 -27.62 44.82 8.32
CA GLY D 549 -27.40 46.04 9.06
C GLY D 549 -27.65 47.35 8.34
N GLY D 550 -28.22 47.31 7.13
CA GLY D 550 -28.45 48.52 6.34
C GLY D 550 -27.25 49.00 5.52
N GLU D 551 -26.04 48.80 6.05
CA GLU D 551 -24.79 49.03 5.33
C GLU D 551 -24.23 47.65 4.98
N ASN D 552 -24.49 47.20 3.76
CA ASN D 552 -24.04 45.89 3.29
C ASN D 552 -22.58 45.92 2.88
N GLY D 553 -21.88 44.82 3.15
CA GLY D 553 -20.49 44.68 2.76
C GLY D 553 -19.48 44.76 3.88
N GLN D 554 -19.91 45.01 5.11
CA GLN D 554 -19.02 45.12 6.26
C GLN D 554 -19.55 44.33 7.45
N ASN D 555 -18.64 43.66 8.16
CA ASN D 555 -18.90 43.19 9.52
C ASN D 555 -18.75 44.36 10.48
N HIS D 556 -19.83 44.71 11.17
CA HIS D 556 -19.84 45.88 12.04
C HIS D 556 -19.71 45.52 13.50
N LYS D 557 -19.07 44.40 13.83
CA LYS D 557 -18.79 44.09 15.23
C LYS D 557 -17.53 44.81 15.66
N GLY D 558 -17.36 46.04 15.17
CA GLY D 558 -16.16 46.82 15.40
C GLY D 558 -16.49 47.97 16.33
N LEU D 559 -15.51 48.34 17.15
CA LEU D 559 -15.65 49.49 18.03
C LEU D 559 -15.51 50.79 17.25
N VAL D 560 -14.60 50.83 16.27
CA VAL D 560 -14.40 51.95 15.38
C VAL D 560 -14.97 51.61 14.02
N THR D 561 -15.34 52.65 13.27
CA THR D 561 -15.84 52.54 11.92
C THR D 561 -14.75 52.02 10.97
N PHE D 562 -15.17 51.66 9.74
CA PHE D 562 -14.22 51.19 8.74
C PHE D 562 -13.22 52.28 8.37
N ASP D 563 -13.67 53.53 8.28
CA ASP D 563 -12.79 54.63 7.88
C ASP D 563 -12.00 55.18 9.05
N ARG D 564 -12.05 54.51 10.20
CA ARG D 564 -11.32 54.85 11.43
C ARG D 564 -11.63 56.25 11.95
N LYS D 565 -12.77 56.81 11.59
CA LYS D 565 -13.12 58.15 12.04
C LYS D 565 -13.82 58.11 13.41
CA CA E . 13.16 -5.74 -7.26
N1 FMN F . -11.78 -33.07 11.38
C2 FMN F . -12.69 -32.02 11.58
O2 FMN F . -13.12 -31.77 12.71
N3 FMN F . -13.12 -31.24 10.54
C4 FMN F . -12.62 -31.48 9.26
O4 FMN F . -13.00 -30.78 8.30
C4A FMN F . -11.72 -32.53 9.06
N5 FMN F . -11.25 -32.75 7.78
C5A FMN F . -10.35 -33.78 7.56
C6 FMN F . -9.91 -33.98 6.26
C7 FMN F . -8.99 -34.98 5.98
C7M FMN F . -8.53 -35.18 4.58
C8 FMN F . -8.55 -35.79 7.00
C8M FMN F . -7.56 -36.88 6.66
C9 FMN F . -8.99 -35.61 8.32
C9A FMN F . -9.91 -34.59 8.61
N10 FMN F . -10.38 -34.36 9.92
C10 FMN F . -11.29 -33.33 10.12
C1' FMN F . -9.96 -35.22 11.10
C2' FMN F . -8.59 -34.91 11.74
O2' FMN F . -7.54 -35.54 11.03
C3' FMN F . -8.59 -35.32 13.23
O3' FMN F . -8.96 -34.21 14.02
C4' FMN F . -7.24 -35.81 13.73
O4' FMN F . -7.43 -36.68 14.84
C5' FMN F . -6.36 -34.61 14.13
O5' FMN F . -5.04 -34.82 13.70
P FMN F . -4.28 -33.80 12.69
O1P FMN F . -3.87 -32.58 13.50
O2P FMN F . -5.21 -33.36 11.56
O3P FMN F . -3.07 -34.52 12.08
CA CA G . -16.66 6.40 -6.46
N1 FMN H . 6.27 27.79 -33.70
C2 FMN H . 7.40 27.27 -33.09
O2 FMN H . 8.29 28.01 -32.70
N3 FMN H . 7.53 25.90 -32.92
C4 FMN H . 6.55 25.03 -33.33
O4 FMN H . 6.67 23.81 -33.16
C4A FMN H . 5.41 25.56 -33.94
N5 FMN H . 4.41 24.70 -34.35
C5A FMN H . 3.28 25.19 -34.94
C6 FMN H . 2.31 24.28 -35.34
C7 FMN H . 1.16 24.76 -35.94
C7M FMN H . 0.11 23.78 -36.38
C8 FMN H . 0.97 26.13 -36.14
C8M FMN H . -0.29 26.64 -36.80
C9 FMN H . 1.95 27.03 -35.74
C9A FMN H . 3.12 26.57 -35.12
N10 FMN H . 4.10 27.46 -34.70
C10 FMN H . 5.26 26.94 -34.11
C1' FMN H . 4.04 28.96 -34.92
C2' FMN H . 3.15 29.88 -34.10
O2' FMN H . 1.79 29.49 -34.22
C3' FMN H . 3.33 31.32 -34.59
O3' FMN H . 4.71 31.64 -34.64
C4' FMN H . 2.60 32.34 -33.71
O4' FMN H . 1.86 33.23 -34.54
C5' FMN H . 3.54 33.15 -32.80
O5' FMN H . 3.46 32.61 -31.50
P FMN H . 3.73 33.42 -30.13
O1P FMN H . 2.65 34.46 -29.95
O2P FMN H . 5.08 34.09 -30.13
O3P FMN H . 3.67 32.42 -28.99
CA CA I . 24.78 -19.69 26.76
N1 FMN J . -10.71 2.24 26.29
C2 FMN J . -11.49 1.12 26.55
O2 FMN J . -12.40 0.79 25.80
N3 FMN J . -11.24 0.34 27.67
C4 FMN J . -10.23 0.70 28.54
O4 FMN J . -10.00 0.01 29.54
C4A FMN J . -9.46 1.84 28.29
N5 FMN J . -8.46 2.15 29.18
C5A FMN J . -7.68 3.27 28.94
C6 FMN J . -6.65 3.61 29.81
C7 FMN J . -5.88 4.74 29.58
C7M FMN J . -4.77 5.08 30.53
C8 FMN J . -6.12 5.53 28.45
C8M FMN J . -5.29 6.75 28.17
C9 FMN J . -7.13 5.17 27.59
C9A FMN J . -7.91 4.05 27.82
N10 FMN J . -8.94 3.77 26.93
C10 FMN J . -9.70 2.63 27.15
C1' FMN J . -9.00 4.70 25.74
C2' FMN J . -10.27 5.33 25.17
O2' FMN J . -11.47 4.77 25.67
C3' FMN J . -10.09 5.23 23.65
O3' FMN J . -10.20 6.52 23.10
C4' FMN J . -11.03 4.25 22.89
O4' FMN J . -11.72 3.39 23.77
C5' FMN J . -10.28 3.38 21.87
O5' FMN J . -9.32 4.12 21.16
P FMN J . -8.12 3.39 20.33
O1P FMN J . -8.44 3.45 18.87
O2P FMN J . -7.98 1.95 20.78
O3P FMN J . -6.82 4.14 20.54
CA CA K . -19.33 43.66 -3.59
N1 FMN L . 18.47 27.48 5.58
C2 FMN L . 19.00 28.16 4.51
O2 FMN L . 19.70 27.57 3.68
N3 FMN L . 18.78 29.52 4.37
C4 FMN L . 18.02 30.17 5.31
O4 FMN L . 17.81 31.38 5.19
C4A FMN L . 17.48 29.47 6.39
N5 FMN L . 16.71 30.13 7.34
C5A FMN L . 16.17 29.44 8.40
C6 FMN L . 15.41 30.16 9.31
C7 FMN L . 14.83 29.54 10.40
C7M FMN L . 14.02 30.36 11.35
C8 FMN L . 15.04 28.18 10.58
C8M FMN L . 14.42 27.48 11.78
C9 FMN L . 15.80 27.45 9.68
C9A FMN L . 16.39 28.06 8.56
N10 FMN L . 17.18 27.37 7.60
C10 FMN L . 17.70 28.11 6.54
C1' FMN L . 17.57 25.89 7.52
C2' FMN L . 17.20 24.77 8.50
O2' FMN L . 18.32 23.91 8.60
C3' FMN L . 15.98 23.94 8.05
O3' FMN L . 14.85 24.28 8.82
C4' FMN L . 16.12 22.40 8.10
O4' FMN L . 17.30 22.00 8.78
C5' FMN L . 16.07 21.72 6.72
O5' FMN L . 15.37 22.48 5.77
P FMN L . 14.44 21.80 4.63
O1P FMN L . 14.85 22.29 3.26
O2P FMN L . 13.00 22.19 4.87
O3P FMN L . 14.56 20.29 4.69
#